data_6DZS
#
_entry.id   6DZS
#
_cell.length_a   93.800
_cell.length_b   110.320
_cell.length_c   97.530
_cell.angle_alpha   90.000
_cell.angle_beta   91.830
_cell.angle_gamma   90.000
#
_symmetry.space_group_name_H-M   'P 1 21 1'
#
loop_
_entity.id
_entity.type
_entity.pdbx_description
1 polymer 'Homoserine dehydrogenase'
2 non-polymer 'NADP NICOTINAMIDE-ADENINE-DINUCLEOTIDE PHOSPHATE'
3 water water
#
_entity_poly.entity_id   1
_entity_poly.type   'polypeptide(L)'
_entity_poly.pdbx_seq_one_letter_code
;GAMGDQKPIGVAVLGLGNVGSEVVRIIDESATDLAARIGAPLQLRGIGVRRVSADRGVPVELLTDNIEELVSRDDVDIVV
ELMGPVEPARKAILTALEQGKSVVTANKALMSVSTGELAQAAEAAHVDLYFEAAVAGAIPVIRPLTQSLAGDTVTRVAGI
VNGTTNYILSAMDSTGADYGDALAEASALGYAEADPTADVEGYDAAAKAAILASIAFHTRVTADDVYREGITKVTAADFA
SARALGCTIKLLAICERLTSDDGHQSVSARVYPALVPLTHPLAAVNGAFNAVVVEAEAAGRLMFYGQGAGGAPTASAVMG
DVVMAARNRVQGGRGPRESKYAKLPISPIGDIPTRYYVSMRVADRPGVLAAVATEFGNRSVSIAEVRQEGIDDGGEPRGA
RLVVVTHKATDAALSETVKALASLDVVQSVDSVIRMEGTSE
;
_entity_poly.pdbx_strand_id   A,B,C,D
#
# COMPACT_ATOMS: atom_id res chain seq x y z
N ASP A 5 10.26 39.97 35.54
CA ASP A 5 10.00 38.76 36.31
C ASP A 5 10.32 37.51 35.49
N GLN A 6 11.48 36.92 35.74
CA GLN A 6 11.97 35.77 35.00
C GLN A 6 12.08 34.58 35.95
N LYS A 7 11.01 33.80 36.02
CA LYS A 7 10.99 32.63 36.91
C LYS A 7 11.97 31.58 36.42
N PRO A 8 12.82 31.04 37.28
CA PRO A 8 13.77 30.01 36.83
C PRO A 8 13.06 28.81 36.21
N ILE A 9 13.76 28.13 35.31
CA ILE A 9 13.27 26.92 34.67
C ILE A 9 13.97 25.73 35.33
N GLY A 10 13.19 24.85 35.94
CA GLY A 10 13.74 23.68 36.62
C GLY A 10 13.97 22.53 35.65
N VAL A 11 15.04 21.79 35.90
CA VAL A 11 15.43 20.65 35.07
C VAL A 11 15.64 19.44 35.96
N ALA A 12 15.08 18.30 35.55
CA ALA A 12 15.32 17.02 36.21
C ALA A 12 15.97 16.09 35.18
N VAL A 13 17.17 15.62 35.49
CA VAL A 13 17.91 14.73 34.60
C VAL A 13 17.81 13.32 35.14
N LEU A 14 17.32 12.41 34.30
CA LEU A 14 17.18 11.00 34.64
C LEU A 14 18.34 10.24 34.02
N GLY A 15 19.26 9.80 34.86
CA GLY A 15 20.44 9.11 34.39
C GLY A 15 21.68 9.96 34.59
N LEU A 16 22.76 9.32 35.04
CA LEU A 16 24.03 9.98 35.29
C LEU A 16 25.15 9.14 34.71
N GLY A 17 24.90 8.51 33.57
CA GLY A 17 25.88 7.69 32.90
C GLY A 17 26.72 8.46 31.91
N ASN A 18 26.97 7.86 30.73
CA ASN A 18 27.85 8.51 29.76
C ASN A 18 27.28 9.85 29.32
N VAL A 19 25.99 9.90 29.01
CA VAL A 19 25.36 11.13 28.52
C VAL A 19 24.93 12.01 29.68
N GLY A 20 24.21 11.45 30.66
CA GLY A 20 23.68 12.26 31.74
C GLY A 20 24.75 12.98 32.52
N SER A 21 25.88 12.31 32.77
CA SER A 21 26.99 12.97 33.45
C SER A 21 27.41 14.22 32.70
N GLU A 22 27.53 14.12 31.37
CA GLU A 22 27.93 15.28 30.57
C GLU A 22 26.85 16.35 30.57
N VAL A 23 25.58 15.95 30.51
CA VAL A 23 24.48 16.92 30.53
C VAL A 23 24.52 17.73 31.83
N VAL A 24 24.69 17.06 32.97
CA VAL A 24 24.72 17.76 34.26
C VAL A 24 25.94 18.66 34.35
N ARG A 25 27.09 18.19 33.87
CA ARG A 25 28.29 19.03 33.87
C ARG A 25 28.06 20.32 33.10
N ILE A 26 27.36 20.23 31.96
CA ILE A 26 27.11 21.41 31.14
C ILE A 26 26.14 22.36 31.83
N ILE A 27 25.02 21.82 32.35
CA ILE A 27 24.07 22.67 33.07
C ILE A 27 24.77 23.43 34.18
N ASP A 28 25.82 22.83 34.75
CA ASP A 28 26.62 23.50 35.77
C ASP A 28 27.58 24.50 35.13
N GLU A 29 28.52 24.02 34.33
CA GLU A 29 29.64 24.84 33.89
C GLU A 29 29.23 25.94 32.90
N SER A 30 28.10 25.79 32.22
CA SER A 30 27.64 26.79 31.25
C SER A 30 26.35 27.47 31.70
N ALA A 31 26.12 27.55 33.01
CA ALA A 31 24.86 28.08 33.51
C ALA A 31 24.65 29.52 33.08
N THR A 32 25.71 30.32 33.02
CA THR A 32 25.55 31.72 32.64
C THR A 32 25.10 31.83 31.19
N ASP A 33 25.83 31.19 30.27
CA ASP A 33 25.42 31.21 28.86
C ASP A 33 24.02 30.64 28.70
N LEU A 34 23.78 29.46 29.29
CA LEU A 34 22.48 28.82 29.14
C LEU A 34 21.36 29.75 29.59
N ALA A 35 21.50 30.34 30.78
CA ALA A 35 20.49 31.26 31.26
C ALA A 35 20.29 32.41 30.29
N ALA A 36 21.40 33.01 29.82
CA ALA A 36 21.29 34.14 28.92
C ALA A 36 20.63 33.77 27.61
N ARG A 37 20.84 32.55 27.13
CA ARG A 37 20.23 32.11 25.87
C ARG A 37 18.78 31.68 26.06
N ILE A 38 18.41 31.24 27.26
CA ILE A 38 17.03 30.82 27.50
C ILE A 38 16.14 31.99 27.88
N GLY A 39 16.71 33.03 28.50
CA GLY A 39 15.94 34.13 29.02
C GLY A 39 15.71 34.07 30.51
N ALA A 40 15.97 32.92 31.12
CA ALA A 40 15.80 32.73 32.56
C ALA A 40 16.85 31.74 33.03
N PRO A 41 17.10 31.67 34.34
CA PRO A 41 18.07 30.69 34.84
C PRO A 41 17.60 29.27 34.58
N LEU A 42 18.56 28.38 34.31
CA LEU A 42 18.30 26.95 34.15
C LEU A 42 18.85 26.24 35.38
N GLN A 43 17.95 25.81 36.26
CA GLN A 43 18.33 25.32 37.58
C GLN A 43 18.05 23.82 37.69
N LEU A 44 19.10 23.05 37.99
CA LEU A 44 18.96 21.62 38.17
C LEU A 44 18.28 21.32 39.50
N ARG A 45 17.21 20.54 39.45
CA ARG A 45 16.42 20.22 40.64
C ARG A 45 16.80 18.88 41.25
N GLY A 46 17.10 17.89 40.43
CA GLY A 46 17.46 16.58 40.94
C GLY A 46 17.93 15.68 39.82
N ILE A 47 18.61 14.60 40.22
CA ILE A 47 19.19 13.65 39.27
C ILE A 47 18.65 12.27 39.59
N GLY A 48 17.94 11.67 38.64
CA GLY A 48 17.47 10.31 38.79
C GLY A 48 18.59 9.33 38.50
N VAL A 49 18.70 8.31 39.37
CA VAL A 49 19.76 7.33 39.28
C VAL A 49 19.24 6.07 39.96
N ARG A 50 20.02 4.98 39.91
CA ARG A 50 19.76 3.80 40.71
C ARG A 50 20.64 3.74 41.95
N ARG A 51 21.96 3.85 41.77
CA ARG A 51 22.89 3.93 42.90
C ARG A 51 23.00 5.36 43.39
N VAL A 52 22.75 5.56 44.67
CA VAL A 52 22.96 6.86 45.32
C VAL A 52 24.26 6.78 46.11
N SER A 53 25.22 7.64 45.78
CA SER A 53 26.50 7.66 46.46
C SER A 53 27.09 9.06 46.33
N ALA A 54 28.06 9.34 47.18
CA ALA A 54 28.78 10.61 47.16
C ALA A 54 29.95 10.60 46.19
N ASP A 55 30.17 9.50 45.47
CA ASP A 55 31.31 9.35 44.58
C ASP A 55 30.88 9.45 43.12
N ARG A 56 29.92 10.34 42.83
CA ARG A 56 29.37 10.48 41.49
C ARG A 56 29.47 11.91 40.98
N GLY A 57 30.49 12.65 41.44
CA GLY A 57 30.72 13.99 40.96
C GLY A 57 29.63 15.00 41.28
N VAL A 58 28.62 14.61 42.06
CA VAL A 58 27.55 15.54 42.42
C VAL A 58 27.22 15.37 43.90
N PRO A 59 26.68 16.42 44.51
CA PRO A 59 26.22 16.30 45.90
C PRO A 59 25.10 15.28 46.00
N VAL A 60 25.18 14.43 47.03
CA VAL A 60 24.26 13.30 47.11
C VAL A 60 22.82 13.77 47.23
N GLU A 61 22.59 14.92 47.87
CA GLU A 61 21.23 15.41 48.06
C GLU A 61 20.51 15.58 46.73
N LEU A 62 21.24 15.72 45.62
CA LEU A 62 20.60 15.77 44.32
C LEU A 62 20.17 14.38 43.84
N LEU A 63 20.94 13.36 44.19
CA LEU A 63 20.67 12.01 43.68
C LEU A 63 19.41 11.44 44.32
N THR A 64 18.62 10.74 43.51
CA THR A 64 17.44 10.05 43.99
C THR A 64 17.21 8.82 43.14
N ASP A 65 16.62 7.79 43.77
CA ASP A 65 16.18 6.62 43.02
C ASP A 65 14.67 6.60 42.80
N ASN A 66 13.95 7.55 43.38
CA ASN A 66 12.51 7.67 43.15
C ASN A 66 12.30 8.58 41.94
N ILE A 67 12.17 7.96 40.76
CA ILE A 67 12.06 8.72 39.53
C ILE A 67 10.71 9.39 39.43
N GLU A 68 9.64 8.71 39.87
CA GLU A 68 8.31 9.27 39.74
C GLU A 68 8.17 10.54 40.57
N GLU A 69 8.80 10.58 41.75
CA GLU A 69 8.77 11.78 42.57
C GLU A 69 9.58 12.91 41.92
N LEU A 70 10.69 12.57 41.25
CA LEU A 70 11.56 13.60 40.69
C LEU A 70 10.91 14.28 39.50
N VAL A 71 10.24 13.52 38.64
CA VAL A 71 9.56 14.12 37.48
C VAL A 71 8.24 14.74 37.86
N SER A 72 7.76 14.55 39.10
CA SER A 72 6.49 15.09 39.53
C SER A 72 6.62 16.41 40.29
N ARG A 73 7.81 16.76 40.75
CA ARG A 73 8.01 18.01 41.47
C ARG A 73 7.46 19.18 40.66
N ASP A 74 6.87 20.15 41.36
CA ASP A 74 6.28 21.31 40.69
C ASP A 74 7.34 22.30 40.23
N ASP A 75 8.44 22.44 40.97
CA ASP A 75 9.52 23.31 40.53
C ASP A 75 10.36 22.69 39.41
N VAL A 76 9.92 21.57 38.85
CA VAL A 76 10.55 20.97 37.68
C VAL A 76 9.71 21.32 36.45
N ASP A 77 10.38 21.80 35.40
CA ASP A 77 9.74 22.18 34.15
C ASP A 77 10.09 21.27 33.00
N ILE A 78 11.34 20.84 32.91
CA ILE A 78 11.81 19.95 31.86
C ILE A 78 12.33 18.68 32.50
N VAL A 79 12.09 17.55 31.86
CA VAL A 79 12.58 16.24 32.29
C VAL A 79 13.44 15.69 31.16
N VAL A 80 14.69 15.35 31.47
CA VAL A 80 15.64 14.86 30.49
C VAL A 80 15.85 13.37 30.76
N GLU A 81 15.26 12.53 29.92
CA GLU A 81 15.34 11.07 30.08
C GLU A 81 16.62 10.58 29.41
N LEU A 82 17.57 10.12 30.23
CA LEU A 82 18.82 9.56 29.74
C LEU A 82 19.14 8.25 30.46
N MET A 83 18.10 7.52 30.84
CA MET A 83 18.24 6.15 31.31
C MET A 83 18.18 5.20 30.11
N GLY A 84 18.77 4.04 30.27
CA GLY A 84 18.76 3.05 29.21
C GLY A 84 17.37 2.48 28.97
N PRO A 85 16.90 1.68 29.93
CA PRO A 85 15.74 0.82 29.69
C PRO A 85 14.53 1.57 29.14
N VAL A 86 13.72 0.84 28.38
CA VAL A 86 12.59 1.44 27.67
C VAL A 86 11.32 1.46 28.51
N GLU A 87 11.09 0.46 29.36
CA GLU A 87 9.88 0.47 30.18
C GLU A 87 9.98 1.53 31.26
N PRO A 88 11.05 1.62 32.05
CA PRO A 88 11.21 2.79 32.93
C PRO A 88 11.18 4.10 32.16
N ALA A 89 11.79 4.13 30.97
CA ALA A 89 11.79 5.36 30.18
C ALA A 89 10.37 5.78 29.82
N ARG A 90 9.60 4.87 29.22
CA ARG A 90 8.23 5.21 28.84
C ARG A 90 7.41 5.66 30.04
N LYS A 91 7.54 4.96 31.18
CA LYS A 91 6.77 5.34 32.36
C LYS A 91 7.13 6.75 32.82
N ALA A 92 8.42 7.09 32.80
CA ALA A 92 8.83 8.43 33.21
C ALA A 92 8.34 9.46 32.20
N ILE A 93 8.53 9.19 30.90
CA ILE A 93 8.13 10.14 29.87
C ILE A 93 6.64 10.47 30.00
N LEU A 94 5.82 9.44 30.18
CA LEU A 94 4.37 9.65 30.22
C LEU A 94 3.95 10.43 31.46
N THR A 95 4.35 9.96 32.64
CA THR A 95 3.97 10.67 33.86
C THR A 95 4.42 12.12 33.83
N ALA A 96 5.58 12.39 33.22
CA ALA A 96 6.09 13.75 33.16
C ALA A 96 5.25 14.62 32.23
N LEU A 97 4.94 14.11 31.03
CA LEU A 97 4.10 14.87 30.12
C LEU A 97 2.72 15.12 30.73
N GLU A 98 2.14 14.09 31.35
CA GLU A 98 0.82 14.23 31.94
C GLU A 98 0.76 15.41 32.91
N GLN A 99 1.88 15.70 33.58
CA GLN A 99 1.95 16.80 34.53
C GLN A 99 2.40 18.11 33.89
N GLY A 100 2.39 18.19 32.57
CA GLY A 100 2.76 19.43 31.90
C GLY A 100 4.24 19.73 31.90
N LYS A 101 5.08 18.70 31.85
CA LYS A 101 6.53 18.87 31.87
C LYS A 101 7.09 18.56 30.48
N SER A 102 7.88 19.50 29.93
CA SER A 102 8.56 19.26 28.66
C SER A 102 9.59 18.15 28.83
N VAL A 103 9.74 17.33 27.80
CA VAL A 103 10.55 16.12 27.87
C VAL A 103 11.61 16.17 26.77
N VAL A 104 12.85 15.89 27.14
CA VAL A 104 13.95 15.74 26.21
C VAL A 104 14.56 14.35 26.43
N THR A 105 14.72 13.59 25.36
CA THR A 105 15.21 12.23 25.47
C THR A 105 16.20 11.94 24.35
N ALA A 106 16.96 10.86 24.53
CA ALA A 106 17.90 10.38 23.53
C ALA A 106 17.67 8.90 23.24
N ASN A 107 16.49 8.38 23.55
CA ASN A 107 16.25 6.94 23.59
C ASN A 107 15.89 6.43 22.20
N LYS A 108 16.88 5.86 21.50
CA LYS A 108 16.64 5.32 20.16
C LYS A 108 15.51 4.31 20.17
N ALA A 109 15.58 3.32 21.06
CA ALA A 109 14.66 2.19 20.99
C ALA A 109 13.24 2.61 21.31
N LEU A 110 13.08 3.55 22.25
CA LEU A 110 11.74 4.03 22.58
C LEU A 110 11.12 4.77 21.40
N MET A 111 11.89 5.68 20.79
CA MET A 111 11.35 6.45 19.67
C MET A 111 11.13 5.57 18.45
N SER A 112 11.99 4.59 18.23
CA SER A 112 11.86 3.73 17.06
C SER A 112 10.67 2.78 17.14
N VAL A 113 10.07 2.63 18.31
CA VAL A 113 8.99 1.67 18.50
C VAL A 113 7.61 2.33 18.49
N SER A 114 7.49 3.54 19.04
CA SER A 114 6.26 4.31 18.87
C SER A 114 6.40 5.73 19.43
N THR A 115 6.60 6.71 18.55
CA THR A 115 6.45 8.11 18.92
C THR A 115 4.99 8.55 18.91
N GLY A 116 4.09 7.72 18.39
CA GLY A 116 2.69 8.06 18.31
C GLY A 116 2.08 8.38 19.66
N GLU A 117 2.17 7.45 20.61
CA GLU A 117 1.51 7.65 21.90
C GLU A 117 2.17 8.78 22.69
N LEU A 118 3.50 8.91 22.58
CA LEU A 118 4.19 9.95 23.37
C LEU A 118 3.94 11.33 22.77
N ALA A 119 3.94 11.43 21.44
CA ALA A 119 3.68 12.72 20.81
C ALA A 119 2.25 13.19 21.10
N GLN A 120 1.28 12.29 21.00
CA GLN A 120 -0.09 12.65 21.36
C GLN A 120 -0.16 13.14 22.80
N ALA A 121 0.55 12.49 23.72
CA ALA A 121 0.52 12.89 25.12
C ALA A 121 1.12 14.27 25.33
N ALA A 122 2.22 14.56 24.63
CA ALA A 122 2.83 15.89 24.73
C ALA A 122 1.92 16.95 24.13
N GLU A 123 1.23 16.64 23.04
CA GLU A 123 0.29 17.58 22.45
C GLU A 123 -0.86 17.87 23.40
N ALA A 124 -1.38 16.82 24.06
CA ALA A 124 -2.48 17.01 25.00
C ALA A 124 -2.08 17.95 26.13
N ALA A 125 -0.94 17.68 26.78
CA ALA A 125 -0.47 18.51 27.88
C ALA A 125 0.04 19.87 27.42
N HIS A 126 0.05 20.13 26.11
CA HIS A 126 0.53 21.39 25.57
C HIS A 126 1.97 21.66 26.01
N VAL A 127 2.86 20.75 25.60
CA VAL A 127 4.24 20.75 26.05
C VAL A 127 5.09 20.06 24.99
N ASP A 128 6.41 20.24 25.09
CA ASP A 128 7.34 19.78 24.05
C ASP A 128 7.79 18.34 24.29
N LEU A 129 8.19 17.68 23.20
CA LEU A 129 8.84 16.38 23.26
C LEU A 129 9.94 16.34 22.19
N TYR A 130 11.18 16.50 22.63
CA TYR A 130 12.34 16.57 21.73
C TYR A 130 13.21 15.32 21.89
N PHE A 131 13.66 14.78 20.76
CA PHE A 131 14.47 13.56 20.75
C PHE A 131 15.54 13.64 19.67
N GLU A 132 16.15 14.82 19.50
CA GLU A 132 17.22 14.97 18.51
C GLU A 132 18.39 14.04 18.83
N ALA A 133 18.76 13.92 20.11
CA ALA A 133 19.90 13.11 20.51
C ALA A 133 19.70 11.63 20.20
N ALA A 134 18.50 11.23 19.78
CA ALA A 134 18.24 9.83 19.50
C ALA A 134 18.95 9.37 18.23
N VAL A 135 19.14 10.27 17.27
CA VAL A 135 19.69 9.89 15.97
C VAL A 135 20.85 10.79 15.62
N ALA A 136 22.00 10.17 15.34
CA ALA A 136 23.20 10.82 14.83
C ALA A 136 23.98 11.54 15.91
N GLY A 137 23.82 11.16 17.18
CA GLY A 137 24.53 11.80 18.26
C GLY A 137 24.51 13.31 18.15
N ALA A 138 25.68 13.92 17.93
CA ALA A 138 25.76 15.36 17.85
C ALA A 138 25.35 15.93 16.50
N ILE A 139 25.28 15.09 15.47
CA ILE A 139 24.97 15.58 14.12
C ILE A 139 23.50 16.01 14.09
N PRO A 140 23.20 17.29 13.87
CA PRO A 140 21.80 17.70 13.75
C PRO A 140 21.14 17.10 12.53
N VAL A 141 20.21 16.18 12.73
CA VAL A 141 19.55 15.51 11.62
C VAL A 141 18.04 15.64 11.74
N ILE A 142 17.52 15.47 12.96
CA ILE A 142 16.07 15.48 13.14
C ILE A 142 15.53 16.89 12.96
N ARG A 143 16.21 17.89 13.52
CA ARG A 143 15.70 19.25 13.42
C ARG A 143 15.77 19.73 11.97
N PRO A 144 16.86 19.45 11.24
CA PRO A 144 16.87 19.82 9.80
C PRO A 144 15.78 19.14 8.99
N LEU A 145 15.45 17.88 9.30
CA LEU A 145 14.46 17.17 8.50
C LEU A 145 13.04 17.56 8.85
N THR A 146 12.79 18.01 10.08
CA THR A 146 11.45 18.42 10.50
C THR A 146 11.18 19.89 10.29
N GLN A 147 12.21 20.74 10.24
CA GLN A 147 12.03 22.18 10.16
C GLN A 147 12.67 22.76 8.92
N SER A 148 13.99 22.64 8.75
CA SER A 148 14.66 23.31 7.65
C SER A 148 14.19 22.80 6.30
N LEU A 149 13.87 21.51 6.20
CA LEU A 149 13.38 20.90 4.97
C LEU A 149 11.87 20.69 4.99
N ALA A 150 11.14 21.50 5.75
CA ALA A 150 9.69 21.33 5.80
C ALA A 150 9.01 21.88 4.56
N GLY A 151 9.64 22.84 3.88
CA GLY A 151 9.08 23.36 2.66
C GLY A 151 9.51 22.63 1.42
N ASP A 152 10.26 21.54 1.56
CA ASP A 152 10.81 20.79 0.45
C ASP A 152 10.20 19.39 0.44
N THR A 153 10.63 18.59 -0.53
CA THR A 153 10.21 17.20 -0.67
C THR A 153 11.44 16.30 -0.58
N VAL A 154 11.61 15.64 0.54
CA VAL A 154 12.71 14.71 0.72
C VAL A 154 12.35 13.41 0.02
N THR A 155 13.32 12.84 -0.71
CA THR A 155 13.11 11.59 -1.43
C THR A 155 13.98 10.45 -0.96
N ARG A 156 15.12 10.75 -0.34
CA ARG A 156 16.08 9.72 0.07
C ARG A 156 16.83 10.24 1.26
N VAL A 157 16.89 9.44 2.32
CA VAL A 157 17.80 9.68 3.43
C VAL A 157 18.67 8.43 3.53
N ALA A 158 19.98 8.62 3.38
CA ALA A 158 20.89 7.49 3.38
C ALA A 158 22.21 7.91 4.01
N GLY A 159 22.77 7.04 4.83
CA GLY A 159 24.07 7.32 5.38
C GLY A 159 24.51 6.30 6.42
N ILE A 160 25.62 6.63 7.05
CA ILE A 160 26.31 5.77 8.01
C ILE A 160 25.93 6.23 9.40
N VAL A 161 25.16 5.42 10.11
CA VAL A 161 24.57 5.84 11.38
C VAL A 161 25.00 4.92 12.52
N ASN A 162 26.08 4.17 12.34
CA ASN A 162 26.57 3.26 13.38
C ASN A 162 28.10 3.31 13.35
N GLY A 163 28.69 3.82 14.43
CA GLY A 163 30.12 4.03 14.44
C GLY A 163 30.91 2.73 14.51
N THR A 164 30.43 1.76 15.30
CA THR A 164 31.16 0.52 15.47
C THR A 164 31.33 -0.20 14.14
N THR A 165 30.23 -0.37 13.39
CA THR A 165 30.29 -1.08 12.14
C THR A 165 31.12 -0.33 11.10
N ASN A 166 31.13 1.00 11.15
CA ASN A 166 31.94 1.75 10.20
C ASN A 166 33.42 1.65 10.53
N TYR A 167 33.76 1.62 11.83
CA TYR A 167 35.15 1.45 12.23
C TYR A 167 35.67 0.07 11.81
N ILE A 168 34.86 -0.96 12.01
CA ILE A 168 35.27 -2.32 11.63
C ILE A 168 35.50 -2.40 10.12
N LEU A 169 34.51 -1.93 9.34
CA LEU A 169 34.63 -2.01 7.89
C LEU A 169 35.74 -1.10 7.38
N SER A 170 35.86 0.11 7.92
CA SER A 170 36.97 0.97 7.54
C SER A 170 38.30 0.29 7.81
N ALA A 171 38.41 -0.42 8.93
CA ALA A 171 39.65 -1.11 9.28
C ALA A 171 39.92 -2.28 8.32
N MET A 172 38.90 -3.07 8.02
CA MET A 172 39.07 -4.14 7.03
C MET A 172 39.49 -3.58 5.68
N ASP A 173 39.02 -2.38 5.34
CA ASP A 173 39.34 -1.79 4.04
C ASP A 173 40.77 -1.28 4.00
N SER A 174 41.27 -0.75 5.12
CA SER A 174 42.61 -0.20 5.17
C SER A 174 43.68 -1.30 5.25
N THR A 175 43.49 -2.23 6.19
CA THR A 175 44.52 -3.21 6.54
C THR A 175 44.30 -4.57 5.90
N GLY A 176 43.18 -4.77 5.21
CA GLY A 176 42.86 -6.07 4.66
C GLY A 176 42.61 -7.12 5.72
N ALA A 177 42.43 -6.68 6.97
CA ALA A 177 42.19 -7.61 8.06
C ALA A 177 40.92 -8.40 7.82
N ASP A 178 40.87 -9.59 8.41
CA ASP A 178 39.65 -10.39 8.40
C ASP A 178 38.65 -9.79 9.38
N TYR A 179 37.37 -10.09 9.15
CA TYR A 179 36.33 -9.58 10.02
C TYR A 179 36.65 -9.86 11.49
N GLY A 180 37.09 -11.09 11.79
CA GLY A 180 37.35 -11.46 13.17
C GLY A 180 38.45 -10.64 13.83
N ASP A 181 39.55 -10.42 13.09
CA ASP A 181 40.65 -9.64 13.65
C ASP A 181 40.28 -8.18 13.78
N ALA A 182 39.50 -7.65 12.83
CA ALA A 182 39.05 -6.27 12.90
C ALA A 182 38.10 -6.06 14.07
N LEU A 183 37.15 -6.99 14.27
CA LEU A 183 36.25 -6.89 15.42
C LEU A 183 37.03 -6.96 16.73
N ALA A 184 37.98 -7.89 16.81
CA ALA A 184 38.83 -7.98 18.00
C ALA A 184 39.51 -6.65 18.29
N GLU A 185 40.22 -6.10 17.30
CA GLU A 185 40.87 -4.80 17.49
C GLU A 185 39.86 -3.74 17.90
N ALA A 186 38.69 -3.74 17.27
CA ALA A 186 37.64 -2.79 17.63
C ALA A 186 37.27 -2.93 19.10
N SER A 187 37.00 -4.15 19.54
CA SER A 187 36.65 -4.38 20.95
C SER A 187 37.79 -3.93 21.88
N ALA A 188 39.03 -4.26 21.52
CA ALA A 188 40.15 -3.94 22.40
C ALA A 188 40.33 -2.44 22.56
N LEU A 189 40.20 -1.68 21.48
CA LEU A 189 40.41 -0.24 21.51
C LEU A 189 39.17 0.53 21.99
N GLY A 190 38.16 -0.15 22.51
CA GLY A 190 37.02 0.52 23.09
C GLY A 190 35.99 1.03 22.09
N TYR A 191 36.08 0.65 20.82
CA TYR A 191 35.08 1.04 19.85
C TYR A 191 33.90 0.09 19.80
N ALA A 192 34.11 -1.18 20.15
CA ALA A 192 33.05 -2.17 20.26
C ALA A 192 32.92 -2.65 21.70
N GLU A 193 31.76 -3.20 22.01
CA GLU A 193 31.48 -3.70 23.34
C GLU A 193 31.64 -5.21 23.42
N ALA A 194 31.61 -5.73 24.66
CA ALA A 194 31.79 -7.15 24.87
C ALA A 194 30.78 -7.96 24.07
N ASP A 195 29.55 -7.46 23.94
CA ASP A 195 28.52 -8.05 23.09
C ASP A 195 28.16 -7.01 22.04
N PRO A 196 28.84 -7.00 20.90
CA PRO A 196 28.56 -5.97 19.88
C PRO A 196 27.38 -6.31 18.99
N THR A 197 26.55 -7.27 19.43
CA THR A 197 25.47 -7.77 18.57
C THR A 197 24.58 -6.64 18.06
N ALA A 198 24.20 -5.70 18.94
CA ALA A 198 23.31 -4.62 18.52
C ALA A 198 23.89 -3.82 17.37
N ASP A 199 25.21 -3.82 17.21
CA ASP A 199 25.86 -3.10 16.12
C ASP A 199 26.08 -3.99 14.90
N VAL A 200 26.89 -5.04 15.04
CA VAL A 200 27.33 -5.81 13.89
C VAL A 200 26.18 -6.50 13.18
N GLU A 201 25.05 -6.70 13.87
CA GLU A 201 23.87 -7.27 13.25
C GLU A 201 22.91 -6.22 12.71
N GLY A 202 23.11 -4.95 13.07
CA GLY A 202 22.38 -3.86 12.46
C GLY A 202 21.14 -3.40 13.18
N TYR A 203 20.91 -3.89 14.41
CA TYR A 203 19.73 -3.46 15.16
C TYR A 203 19.77 -1.97 15.45
N ASP A 204 20.93 -1.45 15.88
CA ASP A 204 21.05 -0.03 16.15
C ASP A 204 20.73 0.79 14.90
N ALA A 205 21.25 0.35 13.75
CA ALA A 205 21.01 1.06 12.50
C ALA A 205 19.53 1.03 12.13
N ALA A 206 18.89 -0.13 12.29
CA ALA A 206 17.49 -0.25 11.89
C ALA A 206 16.60 0.70 12.69
N ALA A 207 16.81 0.78 14.00
CA ALA A 207 16.01 1.70 14.81
C ALA A 207 16.18 3.13 14.33
N LYS A 208 17.43 3.57 14.13
CA LYS A 208 17.67 4.92 13.65
C LYS A 208 17.03 5.14 12.29
N ALA A 209 17.05 4.11 11.42
CA ALA A 209 16.46 4.25 10.10
C ALA A 209 14.95 4.43 10.19
N ALA A 210 14.29 3.69 11.09
CA ALA A 210 12.86 3.89 11.30
C ALA A 210 12.56 5.33 11.70
N ILE A 211 13.35 5.89 12.61
CA ILE A 211 13.12 7.27 13.04
C ILE A 211 13.33 8.23 11.88
N LEU A 212 14.44 8.07 11.16
CA LEU A 212 14.74 8.96 10.04
C LEU A 212 13.66 8.89 8.97
N ALA A 213 13.21 7.68 8.62
CA ALA A 213 12.17 7.55 7.61
C ALA A 213 10.91 8.26 8.05
N SER A 214 10.49 8.04 9.29
CA SER A 214 9.29 8.68 9.80
C SER A 214 9.39 10.20 9.69
N ILE A 215 10.54 10.75 10.09
CA ILE A 215 10.72 12.19 10.11
C ILE A 215 10.78 12.75 8.69
N ALA A 216 11.42 12.02 7.78
CA ALA A 216 11.71 12.56 6.46
C ALA A 216 10.48 12.55 5.57
N PHE A 217 9.65 11.49 5.67
CA PHE A 217 8.53 11.30 4.77
C PHE A 217 7.19 11.50 5.45
N HIS A 218 7.15 11.92 6.70
CA HIS A 218 5.92 12.30 7.37
C HIS A 218 4.97 11.11 7.52
N THR A 219 5.54 9.93 7.80
CA THR A 219 4.77 8.71 8.00
C THR A 219 5.27 8.00 9.24
N ARG A 220 4.42 7.16 9.82
CA ARG A 220 4.82 6.35 10.95
C ARG A 220 5.59 5.13 10.43
N VAL A 221 6.83 4.99 10.88
CA VAL A 221 7.66 3.82 10.59
C VAL A 221 8.27 3.37 11.90
N THR A 222 8.21 2.07 12.17
CA THR A 222 8.77 1.50 13.38
C THR A 222 9.91 0.55 13.04
N ALA A 223 10.72 0.25 14.07
CA ALA A 223 11.85 -0.66 13.88
C ALA A 223 11.42 -1.98 13.26
N ASP A 224 10.19 -2.43 13.54
CA ASP A 224 9.72 -3.67 12.95
C ASP A 224 9.45 -3.55 11.46
N ASP A 225 9.42 -2.34 10.91
CA ASP A 225 9.21 -2.17 9.48
C ASP A 225 10.50 -2.18 8.67
N VAL A 226 11.66 -2.21 9.32
CA VAL A 226 12.94 -1.99 8.67
C VAL A 226 13.61 -3.33 8.40
N TYR A 227 13.94 -3.58 7.13
CA TYR A 227 14.75 -4.76 6.79
C TYR A 227 16.15 -4.61 7.36
N ARG A 228 16.63 -5.65 8.03
CA ARG A 228 17.89 -5.60 8.76
C ARG A 228 18.83 -6.71 8.30
N GLU A 229 20.05 -6.32 7.92
CA GLU A 229 21.13 -7.25 7.66
C GLU A 229 22.43 -6.61 8.17
N GLY A 230 23.25 -7.39 8.87
CA GLY A 230 24.47 -6.92 9.47
C GLY A 230 25.69 -7.15 8.61
N ILE A 231 26.87 -7.06 9.24
CA ILE A 231 28.14 -7.12 8.54
C ILE A 231 28.90 -8.40 8.79
N THR A 232 28.33 -9.36 9.53
CA THR A 232 29.13 -10.51 9.94
C THR A 232 29.52 -11.40 8.77
N LYS A 233 28.82 -11.31 7.64
CA LYS A 233 29.18 -12.10 6.46
C LYS A 233 30.12 -11.36 5.51
N VAL A 234 30.57 -10.17 5.89
CA VAL A 234 31.51 -9.43 5.06
C VAL A 234 32.92 -9.93 5.34
N THR A 235 33.64 -10.29 4.28
CA THR A 235 34.96 -10.88 4.39
C THR A 235 36.00 -9.94 3.81
N ALA A 236 37.28 -10.28 4.05
CA ALA A 236 38.36 -9.52 3.41
C ALA A 236 38.37 -9.75 1.91
N ALA A 237 37.93 -10.93 1.47
CA ALA A 237 37.80 -11.19 0.04
C ALA A 237 36.77 -10.27 -0.60
N ASP A 238 35.66 -10.02 0.11
CA ASP A 238 34.66 -9.07 -0.38
C ASP A 238 35.30 -7.70 -0.64
N PHE A 239 36.11 -7.21 0.31
CA PHE A 239 36.74 -5.90 0.12
C PHE A 239 37.71 -5.92 -1.06
N ALA A 240 38.40 -7.04 -1.27
CA ALA A 240 39.30 -7.15 -2.41
C ALA A 240 38.54 -7.06 -3.73
N SER A 241 37.43 -7.79 -3.85
CA SER A 241 36.61 -7.70 -5.04
C SER A 241 36.02 -6.30 -5.18
N ALA A 242 35.55 -5.73 -4.08
CA ALA A 242 34.99 -4.37 -4.12
C ALA A 242 36.01 -3.39 -4.66
N ARG A 243 37.23 -3.42 -4.11
CA ARG A 243 38.29 -2.54 -4.61
C ARG A 243 38.51 -2.75 -6.10
N ALA A 244 38.57 -4.00 -6.54
CA ALA A 244 38.71 -4.31 -7.96
C ALA A 244 37.58 -3.71 -8.79
N LEU A 245 36.40 -3.53 -8.19
CA LEU A 245 35.26 -2.95 -8.86
C LEU A 245 35.11 -1.46 -8.58
N GLY A 246 36.08 -0.85 -7.92
CA GLY A 246 36.03 0.57 -7.61
C GLY A 246 35.13 0.93 -6.46
N CYS A 247 35.03 0.07 -5.44
CA CYS A 247 34.11 0.30 -4.35
C CYS A 247 34.77 -0.02 -3.02
N THR A 248 34.17 0.51 -1.97
CA THR A 248 34.36 0.05 -0.61
C THR A 248 33.03 -0.53 -0.14
N ILE A 249 32.99 -0.99 1.10
CA ILE A 249 31.79 -1.58 1.68
C ILE A 249 31.44 -0.79 2.93
N LYS A 250 30.16 -0.46 3.08
CA LYS A 250 29.66 0.31 4.20
C LYS A 250 28.34 -0.29 4.65
N LEU A 251 28.03 -0.11 5.94
CA LEU A 251 26.73 -0.51 6.48
C LEU A 251 25.82 0.71 6.38
N LEU A 252 24.92 0.69 5.41
CA LEU A 252 24.10 1.85 5.10
C LEU A 252 22.71 1.70 5.72
N ALA A 253 22.17 2.81 6.19
CA ALA A 253 20.75 2.94 6.44
C ALA A 253 20.15 3.75 5.31
N ILE A 254 19.11 3.22 4.68
CA ILE A 254 18.51 3.85 3.51
C ILE A 254 17.02 4.02 3.72
N CYS A 255 16.52 5.23 3.49
CA CYS A 255 15.11 5.54 3.55
C CYS A 255 14.71 6.22 2.26
N GLU A 256 13.83 5.58 1.50
CA GLU A 256 13.45 6.07 0.17
C GLU A 256 11.94 6.26 0.09
N ARG A 257 11.54 7.34 -0.57
CA ARG A 257 10.17 7.54 -1.02
C ARG A 257 10.06 6.94 -2.41
N LEU A 258 9.35 5.83 -2.53
CA LEU A 258 9.23 5.13 -3.80
C LEU A 258 7.91 5.46 -4.48
N THR A 259 7.90 5.34 -5.81
CA THR A 259 6.70 5.53 -6.63
C THR A 259 6.56 4.35 -7.56
N SER A 260 5.38 3.74 -7.57
CA SER A 260 5.11 2.59 -8.42
C SER A 260 4.64 3.04 -9.80
N ASP A 261 4.55 2.07 -10.70
CA ASP A 261 4.09 2.38 -12.05
C ASP A 261 2.67 2.93 -12.04
N ASP A 262 1.81 2.42 -11.16
CA ASP A 262 0.45 2.95 -11.07
C ASP A 262 0.38 4.29 -10.36
N GLY A 263 1.53 4.83 -9.90
CA GLY A 263 1.60 6.17 -9.38
C GLY A 263 1.59 6.29 -7.88
N HIS A 264 1.20 5.24 -7.16
CA HIS A 264 1.07 5.37 -5.71
C HIS A 264 2.44 5.42 -5.06
N GLN A 265 2.52 6.18 -3.97
CA GLN A 265 3.76 6.34 -3.23
C GLN A 265 3.82 5.40 -2.04
N SER A 266 5.03 5.01 -1.67
CA SER A 266 5.28 4.17 -0.52
C SER A 266 6.63 4.57 0.07
N VAL A 267 6.97 3.97 1.19
CA VAL A 267 8.22 4.29 1.88
C VAL A 267 8.99 3.01 2.14
N SER A 268 10.30 3.07 1.96
CA SER A 268 11.21 1.97 2.24
C SER A 268 12.21 2.41 3.30
N ALA A 269 12.49 1.50 4.24
CA ALA A 269 13.49 1.73 5.26
C ALA A 269 14.25 0.43 5.49
N ARG A 270 15.55 0.45 5.25
CA ARG A 270 16.34 -0.77 5.22
C ARG A 270 17.77 -0.46 5.61
N VAL A 271 18.43 -1.43 6.23
CA VAL A 271 19.85 -1.36 6.55
C VAL A 271 20.49 -2.66 6.06
N TYR A 272 21.65 -2.55 5.42
CA TYR A 272 22.40 -3.72 5.00
C TYR A 272 23.77 -3.28 4.50
N PRO A 273 24.72 -4.22 4.42
CA PRO A 273 26.00 -3.92 3.78
C PRO A 273 25.78 -3.58 2.32
N ALA A 274 26.56 -2.63 1.82
CA ALA A 274 26.43 -2.20 0.45
C ALA A 274 27.79 -1.84 -0.11
N LEU A 275 28.06 -2.31 -1.31
CA LEU A 275 29.19 -1.78 -2.06
C LEU A 275 28.88 -0.35 -2.45
N VAL A 276 29.78 0.57 -2.10
CA VAL A 276 29.61 1.99 -2.39
C VAL A 276 30.82 2.43 -3.20
N PRO A 277 30.63 3.04 -4.38
CA PRO A 277 31.79 3.46 -5.18
C PRO A 277 32.65 4.47 -4.43
N LEU A 278 33.96 4.37 -4.66
CA LEU A 278 34.92 5.22 -3.96
C LEU A 278 34.67 6.71 -4.21
N THR A 279 33.99 7.05 -5.31
CA THR A 279 33.70 8.44 -5.59
C THR A 279 32.57 8.99 -4.73
N HIS A 280 31.74 8.11 -4.16
CA HIS A 280 30.61 8.56 -3.37
C HIS A 280 31.09 9.23 -2.10
N PRO A 281 30.36 10.23 -1.60
CA PRO A 281 30.80 10.89 -0.35
C PRO A 281 30.89 9.95 0.83
N LEU A 282 29.96 9.01 0.96
CA LEU A 282 29.95 8.11 2.11
C LEU A 282 31.19 7.23 2.15
N ALA A 283 31.85 7.02 1.01
CA ALA A 283 33.00 6.14 0.99
C ALA A 283 34.18 6.74 1.76
N ALA A 284 34.24 8.06 1.86
CA ALA A 284 35.32 8.76 2.53
C ALA A 284 35.09 8.89 4.03
N VAL A 285 33.94 8.47 4.53
CA VAL A 285 33.62 8.51 5.97
C VAL A 285 34.20 7.26 6.61
N ASN A 286 35.24 7.42 7.43
CA ASN A 286 35.95 6.29 8.01
C ASN A 286 35.87 6.34 9.54
N GLY A 287 36.53 5.37 10.17
CA GLY A 287 36.56 5.33 11.62
C GLY A 287 35.17 5.16 12.18
N ALA A 288 34.92 5.81 13.31
CA ALA A 288 33.65 5.71 14.01
C ALA A 288 32.73 6.89 13.73
N PHE A 289 33.03 7.69 12.72
CA PHE A 289 32.19 8.86 12.45
C PHE A 289 30.91 8.45 11.72
N ASN A 290 29.95 9.37 11.70
CA ASN A 290 28.69 9.15 11.00
C ASN A 290 28.50 10.25 9.95
N ALA A 291 27.70 9.93 8.95
CA ALA A 291 27.33 10.89 7.93
C ALA A 291 25.95 10.53 7.40
N VAL A 292 25.14 11.54 7.14
CA VAL A 292 23.77 11.36 6.67
C VAL A 292 23.59 12.15 5.39
N VAL A 293 23.14 11.47 4.33
CA VAL A 293 22.87 12.09 3.03
C VAL A 293 21.37 12.24 2.87
N VAL A 294 20.94 13.43 2.47
CA VAL A 294 19.52 13.74 2.28
C VAL A 294 19.34 14.27 0.86
N GLU A 295 18.49 13.60 0.08
CA GLU A 295 18.13 14.05 -1.26
C GLU A 295 16.76 14.71 -1.19
N ALA A 296 16.69 15.97 -1.58
CA ALA A 296 15.43 16.68 -1.72
C ALA A 296 15.35 17.25 -3.13
N GLU A 297 14.13 17.64 -3.52
CA GLU A 297 13.88 18.01 -4.91
C GLU A 297 14.41 19.39 -5.22
N ALA A 298 14.15 20.37 -4.36
CA ALA A 298 14.65 21.72 -4.61
C ALA A 298 16.08 21.92 -4.12
N ALA A 299 16.45 21.28 -3.02
CA ALA A 299 17.74 21.50 -2.40
C ALA A 299 18.83 20.61 -2.97
N GLY A 300 18.47 19.48 -3.57
CA GLY A 300 19.46 18.57 -4.09
C GLY A 300 20.04 17.70 -2.99
N ARG A 301 21.34 17.51 -3.02
CA ARG A 301 22.02 16.60 -2.11
C ARG A 301 22.66 17.39 -0.96
N LEU A 302 22.33 17.01 0.26
CA LEU A 302 22.95 17.54 1.47
C LEU A 302 23.63 16.42 2.22
N MET A 303 24.72 16.74 2.90
CA MET A 303 25.40 15.76 3.74
C MET A 303 25.76 16.39 5.10
N PHE A 304 25.43 15.68 6.16
CA PHE A 304 25.73 16.09 7.53
C PHE A 304 26.71 15.09 8.13
N TYR A 305 27.87 15.57 8.57
CA TYR A 305 28.95 14.70 9.04
C TYR A 305 29.38 15.09 10.45
N GLY A 306 29.73 14.07 11.24
CA GLY A 306 30.27 14.32 12.57
C GLY A 306 30.34 13.04 13.38
N GLN A 307 30.32 13.21 14.70
CA GLN A 307 30.31 12.08 15.64
C GLN A 307 28.87 11.73 15.98
N GLY A 308 28.49 10.48 15.75
CA GLY A 308 27.13 10.08 15.99
C GLY A 308 27.01 9.12 17.17
N ALA A 309 27.88 9.32 18.15
CA ALA A 309 27.89 8.51 19.36
C ALA A 309 28.89 9.13 20.34
N GLY A 310 28.69 8.84 21.61
CA GLY A 310 29.56 9.34 22.66
C GLY A 310 28.84 10.25 23.64
N GLY A 311 29.32 10.31 24.88
CA GLY A 311 28.65 11.10 25.88
C GLY A 311 28.63 12.59 25.53
N ALA A 312 29.79 13.13 25.15
CA ALA A 312 29.88 14.57 24.91
C ALA A 312 29.08 15.00 23.69
N PRO A 313 29.20 14.36 22.52
CA PRO A 313 28.41 14.81 21.37
C PRO A 313 26.91 14.58 21.53
N THR A 314 26.51 13.46 22.13
CA THR A 314 25.09 13.26 22.42
C THR A 314 24.56 14.33 23.35
N ALA A 315 25.33 14.67 24.39
CA ALA A 315 24.91 15.71 25.32
C ALA A 315 24.73 17.05 24.61
N SER A 316 25.62 17.36 23.68
CA SER A 316 25.46 18.56 22.86
C SER A 316 24.05 18.62 22.28
N ALA A 317 23.58 17.51 21.72
CA ALA A 317 22.26 17.48 21.12
C ALA A 317 21.16 17.58 22.16
N VAL A 318 21.30 16.85 23.28
CA VAL A 318 20.35 16.97 24.38
C VAL A 318 20.21 18.42 24.81
N MET A 319 21.34 19.09 25.03
CA MET A 319 21.31 20.45 25.56
C MET A 319 20.68 21.42 24.57
N GLY A 320 20.89 21.21 23.28
CA GLY A 320 20.18 22.01 22.29
C GLY A 320 18.68 21.86 22.44
N ASP A 321 18.22 20.63 22.59
CA ASP A 321 16.80 20.39 22.84
C ASP A 321 16.35 21.03 24.15
N VAL A 322 17.18 20.96 25.18
CA VAL A 322 16.81 21.52 26.47
C VAL A 322 16.66 23.03 26.37
N VAL A 323 17.63 23.70 25.75
CA VAL A 323 17.56 25.15 25.59
C VAL A 323 16.30 25.54 24.83
N MET A 324 15.99 24.81 23.76
CA MET A 324 14.78 25.12 23.00
C MET A 324 13.54 24.91 23.85
N ALA A 325 13.47 23.80 24.59
CA ALA A 325 12.31 23.54 25.43
C ALA A 325 12.16 24.62 26.50
N ALA A 326 13.27 25.08 27.07
CA ALA A 326 13.21 26.14 28.06
C ALA A 326 12.78 27.46 27.40
N ARG A 327 13.33 27.77 26.23
CA ARG A 327 12.91 28.97 25.51
C ARG A 327 11.41 28.97 25.25
N ASN A 328 10.88 27.83 24.80
CA ASN A 328 9.45 27.76 24.50
C ASN A 328 8.62 28.00 25.74
N ARG A 329 9.05 27.51 26.89
CA ARG A 329 8.31 27.74 28.13
C ARG A 329 8.41 29.20 28.56
N VAL A 330 9.55 29.84 28.34
CA VAL A 330 9.71 31.24 28.70
C VAL A 330 8.77 32.10 27.86
N GLN A 331 8.86 31.98 26.53
CA GLN A 331 8.06 32.79 25.63
C GLN A 331 6.66 32.24 25.40
N GLY A 332 6.33 31.08 25.95
CA GLY A 332 5.06 30.46 25.63
C GLY A 332 5.04 29.96 24.20
N GLY A 333 4.07 29.11 23.86
CA GLY A 333 4.04 28.50 22.54
C GLY A 333 5.03 27.36 22.43
N ARG A 334 4.59 26.24 21.87
CA ARG A 334 5.42 25.05 21.79
C ARG A 334 6.35 25.14 20.58
N GLY A 335 6.99 24.03 20.25
CA GLY A 335 7.80 23.91 19.05
C GLY A 335 7.01 23.23 17.96
N PRO A 336 7.68 22.44 17.12
CA PRO A 336 6.97 21.76 16.03
C PRO A 336 5.89 20.80 16.55
N ARG A 337 5.13 20.21 15.64
CA ARG A 337 4.11 19.22 15.99
C ARG A 337 4.30 17.99 15.11
N GLU A 338 3.99 16.82 15.68
CA GLU A 338 4.14 15.58 14.94
C GLU A 338 3.43 15.66 13.60
N SER A 339 4.16 15.34 12.53
CA SER A 339 3.63 15.39 11.17
C SER A 339 3.73 13.97 10.58
N LYS A 340 2.69 13.17 10.82
CA LYS A 340 2.56 11.83 10.25
C LYS A 340 1.37 11.78 9.31
N TYR A 341 1.14 12.87 8.58
CA TYR A 341 -0.10 13.05 7.82
C TYR A 341 -0.19 12.17 6.59
N ALA A 342 0.94 11.59 6.14
CA ALA A 342 0.97 10.97 4.82
C ALA A 342 0.40 9.55 4.80
N LYS A 343 0.56 8.79 5.88
CA LYS A 343 0.03 7.43 5.97
C LYS A 343 0.48 6.58 4.79
N LEU A 344 1.77 6.66 4.49
CA LEU A 344 2.30 5.91 3.34
C LEU A 344 2.44 4.43 3.70
N PRO A 345 2.07 3.54 2.78
CA PRO A 345 2.33 2.12 3.01
C PRO A 345 3.82 1.81 2.98
N ILE A 346 4.18 0.73 3.65
CA ILE A 346 5.58 0.31 3.77
C ILE A 346 5.88 -0.69 2.68
N SER A 347 6.95 -0.44 1.93
CA SER A 347 7.40 -1.38 0.90
C SER A 347 8.32 -2.41 1.52
N PRO A 348 8.01 -3.70 1.42
CA PRO A 348 8.94 -4.72 1.91
C PRO A 348 10.18 -4.77 1.02
N ILE A 349 11.18 -5.51 1.51
CA ILE A 349 12.49 -5.50 0.86
C ILE A 349 12.41 -6.06 -0.55
N GLY A 350 11.52 -7.02 -0.79
CA GLY A 350 11.46 -7.67 -2.09
C GLY A 350 10.99 -6.77 -3.22
N ASP A 351 10.22 -5.72 -2.90
CA ASP A 351 9.75 -4.79 -3.90
C ASP A 351 10.77 -3.70 -4.23
N ILE A 352 11.88 -3.65 -3.52
CA ILE A 352 12.79 -2.50 -3.62
C ILE A 352 13.72 -2.72 -4.81
N PRO A 353 13.88 -1.73 -5.70
CA PRO A 353 14.90 -1.84 -6.75
C PRO A 353 16.29 -1.59 -6.18
N THR A 354 17.20 -2.53 -6.42
CA THR A 354 18.58 -2.46 -5.95
C THR A 354 19.46 -3.20 -6.96
N ARG A 355 20.73 -3.38 -6.60
CA ARG A 355 21.69 -4.11 -7.44
C ARG A 355 22.43 -5.13 -6.58
N TYR A 356 22.77 -6.26 -7.18
CA TYR A 356 23.44 -7.35 -6.47
C TYR A 356 24.85 -7.55 -6.99
N TYR A 357 25.80 -7.62 -6.06
CA TYR A 357 27.11 -8.25 -6.30
C TYR A 357 27.04 -9.69 -5.83
N VAL A 358 27.43 -10.62 -6.69
CA VAL A 358 27.38 -12.05 -6.41
C VAL A 358 28.73 -12.65 -6.73
N SER A 359 29.32 -13.36 -5.76
CA SER A 359 30.59 -14.04 -5.93
C SER A 359 30.35 -15.53 -5.77
N MET A 360 30.75 -16.31 -6.79
CA MET A 360 30.53 -17.75 -6.79
C MET A 360 31.82 -18.48 -7.15
N ARG A 361 31.87 -19.74 -6.77
CA ARG A 361 32.85 -20.70 -7.27
C ARG A 361 32.14 -21.65 -8.22
N VAL A 362 32.65 -21.75 -9.45
CA VAL A 362 31.97 -22.49 -10.49
C VAL A 362 32.96 -23.42 -11.19
N ALA A 363 32.43 -24.38 -11.92
CA ALA A 363 33.26 -25.24 -12.75
C ALA A 363 34.00 -24.41 -13.78
N ASP A 364 35.21 -24.85 -14.11
CA ASP A 364 36.05 -24.13 -15.08
C ASP A 364 35.79 -24.65 -16.49
N ARG A 365 34.55 -24.48 -16.94
CA ARG A 365 34.13 -24.87 -18.28
C ARG A 365 33.61 -23.65 -19.04
N PRO A 366 33.70 -23.66 -20.38
CA PRO A 366 33.37 -22.45 -21.16
C PRO A 366 31.88 -22.16 -21.25
N GLY A 367 31.01 -23.02 -20.74
CA GLY A 367 29.58 -22.80 -20.87
C GLY A 367 28.90 -22.32 -19.60
N VAL A 368 29.65 -22.25 -18.49
CA VAL A 368 29.03 -21.93 -17.21
C VAL A 368 28.52 -20.48 -17.22
N LEU A 369 29.27 -19.57 -17.83
CA LEU A 369 28.85 -18.17 -17.83
C LEU A 369 27.53 -18.01 -18.57
N ALA A 370 27.31 -18.78 -19.63
CA ALA A 370 26.03 -18.73 -20.32
C ALA A 370 24.91 -19.22 -19.41
N ALA A 371 25.17 -20.26 -18.61
CA ALA A 371 24.16 -20.79 -17.72
C ALA A 371 23.72 -19.75 -16.70
N VAL A 372 24.67 -19.13 -15.99
CA VAL A 372 24.31 -18.13 -15.00
C VAL A 372 23.63 -16.93 -15.68
N ALA A 373 24.11 -16.55 -16.87
CA ALA A 373 23.50 -15.43 -17.58
C ALA A 373 22.03 -15.70 -17.85
N THR A 374 21.72 -16.90 -18.33
CA THR A 374 20.32 -17.25 -18.57
C THR A 374 19.50 -17.15 -17.29
N GLU A 375 20.06 -17.60 -16.16
CA GLU A 375 19.32 -17.55 -14.90
C GLU A 375 18.98 -16.11 -14.51
N PHE A 376 19.87 -15.17 -14.81
CA PHE A 376 19.57 -13.77 -14.55
C PHE A 376 18.54 -13.24 -15.54
N GLY A 377 18.71 -13.55 -16.82
CA GLY A 377 17.82 -13.04 -17.85
C GLY A 377 16.42 -13.61 -17.76
N ASN A 378 16.29 -14.88 -17.37
CA ASN A 378 14.97 -15.49 -17.29
C ASN A 378 14.09 -14.82 -16.25
N ARG A 379 14.66 -14.01 -15.37
CA ARG A 379 13.89 -13.21 -14.43
C ARG A 379 14.00 -11.72 -14.72
N SER A 380 14.38 -11.38 -15.96
CA SER A 380 14.41 -10.01 -16.46
C SER A 380 15.45 -9.15 -15.75
N VAL A 381 16.51 -9.78 -15.28
CA VAL A 381 17.63 -9.09 -14.65
C VAL A 381 18.76 -8.98 -15.67
N SER A 382 19.25 -7.76 -15.86
CA SER A 382 20.34 -7.49 -16.79
C SER A 382 21.65 -7.43 -16.03
N ILE A 383 22.71 -7.93 -16.64
CA ILE A 383 24.03 -7.98 -16.03
C ILE A 383 24.85 -6.79 -16.50
N ALA A 384 25.52 -6.13 -15.55
CA ALA A 384 26.34 -4.96 -15.81
C ALA A 384 27.82 -5.30 -15.90
N GLU A 385 28.29 -6.24 -15.10
CA GLU A 385 29.71 -6.56 -15.10
C GLU A 385 29.92 -8.00 -14.66
N VAL A 386 30.97 -8.62 -15.19
CA VAL A 386 31.31 -10.00 -14.89
C VAL A 386 32.83 -10.11 -14.86
N ARG A 387 33.33 -10.93 -13.94
CA ARG A 387 34.76 -11.19 -13.79
C ARG A 387 34.94 -12.67 -13.52
N GLN A 388 35.72 -13.37 -14.34
CA GLN A 388 35.88 -14.81 -14.22
C GLN A 388 37.34 -15.19 -14.37
N GLU A 389 37.83 -16.02 -13.45
CA GLU A 389 39.21 -16.50 -13.51
C GLU A 389 39.33 -17.78 -12.69
N GLY A 390 40.40 -18.53 -12.95
CA GLY A 390 40.61 -19.81 -12.32
C GLY A 390 41.18 -19.71 -10.92
N ILE A 391 41.28 -20.87 -10.27
CA ILE A 391 41.88 -21.00 -8.96
C ILE A 391 42.91 -22.13 -9.01
N ASP A 392 43.91 -22.04 -8.14
CA ASP A 392 44.92 -23.10 -8.01
C ASP A 392 44.81 -23.82 -6.67
N PRO A 397 43.95 -25.64 -11.64
CA PRO A 397 43.32 -26.58 -12.58
C PRO A 397 42.09 -27.24 -11.99
N ARG A 398 41.41 -26.54 -11.08
CA ARG A 398 40.29 -27.09 -10.34
C ARG A 398 38.98 -26.39 -10.68
N GLY A 399 38.87 -25.09 -10.43
CA GLY A 399 37.62 -24.38 -10.63
C GLY A 399 37.83 -22.94 -11.04
N ALA A 400 36.78 -22.13 -10.92
CA ALA A 400 36.81 -20.75 -11.36
C ALA A 400 36.07 -19.86 -10.37
N ARG A 401 36.54 -18.62 -10.26
CA ARG A 401 35.89 -17.59 -9.45
C ARG A 401 35.08 -16.69 -10.35
N LEU A 402 33.77 -16.66 -10.15
CA LEU A 402 32.85 -15.92 -11.01
C LEU A 402 32.15 -14.84 -10.20
N VAL A 403 32.45 -13.58 -10.50
CA VAL A 403 31.82 -12.43 -9.88
C VAL A 403 30.84 -11.83 -10.88
N VAL A 404 29.69 -11.39 -10.39
CA VAL A 404 28.65 -10.82 -11.24
C VAL A 404 28.06 -9.61 -10.53
N VAL A 405 27.91 -8.52 -11.27
CA VAL A 405 27.25 -7.30 -10.77
C VAL A 405 26.06 -7.03 -11.68
N THR A 406 24.88 -6.93 -11.10
CA THR A 406 23.68 -6.72 -11.88
C THR A 406 23.38 -5.23 -12.04
N HIS A 407 22.54 -4.92 -13.01
CA HIS A 407 21.87 -3.63 -13.05
C HIS A 407 20.70 -3.65 -12.07
N LYS A 408 19.96 -2.55 -12.00
CA LYS A 408 18.90 -2.45 -11.01
C LYS A 408 17.75 -3.39 -11.35
N ALA A 409 17.15 -3.96 -10.31
CA ALA A 409 15.99 -4.83 -10.39
C ALA A 409 15.46 -4.97 -8.97
N THR A 410 14.27 -5.54 -8.84
CA THR A 410 13.69 -5.72 -7.51
C THR A 410 14.52 -6.73 -6.72
N ASP A 411 14.64 -6.49 -5.41
CA ASP A 411 15.34 -7.45 -4.57
C ASP A 411 14.73 -8.84 -4.69
N ALA A 412 13.42 -8.91 -4.92
CA ALA A 412 12.76 -10.20 -5.10
C ALA A 412 13.39 -10.97 -6.26
N ALA A 413 13.44 -10.35 -7.45
CA ALA A 413 13.98 -11.03 -8.61
C ALA A 413 15.43 -11.46 -8.39
N LEU A 414 16.22 -10.62 -7.74
CA LEU A 414 17.62 -10.94 -7.52
C LEU A 414 17.77 -12.02 -6.45
N SER A 415 16.93 -11.99 -5.41
CA SER A 415 16.93 -13.05 -4.42
C SER A 415 16.60 -14.40 -5.05
N GLU A 416 15.58 -14.44 -5.91
CA GLU A 416 15.21 -15.68 -6.57
C GLU A 416 16.30 -16.14 -7.53
N THR A 417 16.98 -15.19 -8.19
CA THR A 417 18.10 -15.57 -9.06
C THR A 417 19.19 -16.25 -8.25
N VAL A 418 19.50 -15.72 -7.07
CA VAL A 418 20.56 -16.30 -6.25
C VAL A 418 20.20 -17.72 -5.86
N LYS A 419 18.99 -17.92 -5.33
CA LYS A 419 18.53 -19.26 -5.01
C LYS A 419 18.71 -20.19 -6.20
N ALA A 420 18.36 -19.72 -7.40
CA ALA A 420 18.52 -20.53 -8.60
C ALA A 420 19.98 -20.89 -8.83
N LEU A 421 20.86 -19.88 -8.78
CA LEU A 421 22.28 -20.13 -9.00
C LEU A 421 22.83 -21.17 -8.03
N ALA A 422 22.38 -21.14 -6.77
CA ALA A 422 22.85 -22.10 -5.80
C ALA A 422 22.52 -23.53 -6.23
N SER A 423 21.35 -23.73 -6.84
CA SER A 423 20.89 -25.07 -7.22
C SER A 423 21.52 -25.58 -8.51
N LEU A 424 22.26 -24.74 -9.24
CA LEU A 424 22.89 -25.18 -10.47
C LEU A 424 24.04 -26.15 -10.17
N ASP A 425 24.28 -27.05 -11.11
CA ASP A 425 25.35 -28.02 -10.97
C ASP A 425 26.71 -27.37 -11.18
N VAL A 426 26.83 -26.47 -12.16
CA VAL A 426 28.10 -25.83 -12.44
C VAL A 426 28.51 -24.86 -11.34
N VAL A 427 27.58 -24.49 -10.47
CA VAL A 427 27.87 -23.57 -9.37
C VAL A 427 28.19 -24.42 -8.14
N GLN A 428 29.44 -24.37 -7.68
CA GLN A 428 29.83 -25.14 -6.51
C GLN A 428 29.28 -24.50 -5.24
N SER A 429 29.25 -23.17 -5.18
CA SER A 429 28.74 -22.46 -4.01
C SER A 429 28.60 -20.99 -4.35
N VAL A 430 27.69 -20.32 -3.65
CA VAL A 430 27.55 -18.88 -3.72
C VAL A 430 28.20 -18.33 -2.47
N ASP A 431 29.40 -17.79 -2.60
CA ASP A 431 30.19 -17.41 -1.44
C ASP A 431 29.77 -16.06 -0.88
N SER A 432 29.39 -15.10 -1.73
CA SER A 432 29.03 -13.79 -1.25
C SER A 432 27.89 -13.20 -2.05
N VAL A 433 27.02 -12.47 -1.37
CA VAL A 433 25.95 -11.70 -1.99
C VAL A 433 25.81 -10.41 -1.20
N ILE A 434 26.06 -9.27 -1.85
CA ILE A 434 26.03 -7.97 -1.21
C ILE A 434 25.36 -6.99 -2.16
N ARG A 435 24.46 -6.18 -1.64
CA ARG A 435 23.80 -5.18 -2.48
C ARG A 435 24.77 -4.06 -2.82
N MET A 436 24.39 -3.27 -3.82
CA MET A 436 25.21 -2.16 -4.29
C MET A 436 24.36 -0.91 -4.37
N GLU A 437 24.85 0.16 -3.77
CA GLU A 437 24.14 1.43 -3.69
C GLU A 437 25.08 2.53 -4.16
N GLY A 438 24.55 3.73 -4.28
CA GLY A 438 25.31 4.84 -4.85
C GLY A 438 25.18 4.88 -6.37
N THR A 439 26.28 4.60 -7.06
CA THR A 439 26.26 4.47 -8.52
C THR A 439 25.69 5.71 -9.19
N LYS B 7 -8.12 28.92 9.28
CA LYS B 7 -8.05 30.05 8.36
C LYS B 7 -6.77 30.00 7.51
N PRO B 8 -6.86 30.45 6.26
CA PRO B 8 -5.66 30.45 5.40
C PRO B 8 -4.57 31.36 5.91
N ILE B 9 -3.35 31.10 5.44
CA ILE B 9 -2.18 31.93 5.73
C ILE B 9 -1.75 32.60 4.44
N GLY B 10 -1.73 33.94 4.45
CA GLY B 10 -1.43 34.69 3.25
C GLY B 10 0.06 34.93 3.09
N VAL B 11 0.57 34.71 1.88
CA VAL B 11 1.97 34.91 1.55
C VAL B 11 2.08 36.03 0.53
N ALA B 12 3.08 36.88 0.71
CA ALA B 12 3.41 37.95 -0.22
C ALA B 12 4.89 37.85 -0.52
N VAL B 13 5.23 37.57 -1.77
CA VAL B 13 6.62 37.41 -2.19
C VAL B 13 7.07 38.72 -2.81
N LEU B 14 7.97 39.41 -2.14
CA LEU B 14 8.60 40.61 -2.69
C LEU B 14 9.78 40.18 -3.53
N GLY B 15 9.69 40.36 -4.82
CA GLY B 15 10.79 40.02 -5.70
C GLY B 15 10.51 38.75 -6.49
N LEU B 16 11.03 38.71 -7.71
CA LEU B 16 10.90 37.54 -8.57
C LEU B 16 12.30 37.10 -8.96
N GLY B 17 12.46 36.52 -10.15
CA GLY B 17 13.77 36.09 -10.59
C GLY B 17 14.16 34.73 -10.04
N ASN B 18 15.47 34.51 -9.91
CA ASN B 18 15.99 33.17 -9.60
C ASN B 18 15.30 32.56 -8.38
N VAL B 19 15.33 33.28 -7.26
CA VAL B 19 14.75 32.75 -6.03
C VAL B 19 13.24 32.90 -6.04
N GLY B 20 12.75 34.11 -6.34
CA GLY B 20 11.32 34.36 -6.26
C GLY B 20 10.50 33.47 -7.16
N SER B 21 11.01 33.17 -8.35
CA SER B 21 10.28 32.28 -9.27
C SER B 21 10.12 30.90 -8.66
N GLU B 22 11.20 30.35 -8.11
CA GLU B 22 11.13 29.02 -7.52
C GLU B 22 10.20 29.02 -6.31
N VAL B 23 10.28 30.06 -5.47
CA VAL B 23 9.40 30.15 -4.31
C VAL B 23 7.93 30.07 -4.76
N VAL B 24 7.53 30.95 -5.68
CA VAL B 24 6.15 30.95 -6.16
C VAL B 24 5.79 29.58 -6.73
N ARG B 25 6.69 29.00 -7.53
CA ARG B 25 6.38 27.71 -8.15
C ARG B 25 6.13 26.65 -7.09
N ILE B 26 6.87 26.70 -5.99
CA ILE B 26 6.72 25.70 -4.95
C ILE B 26 5.42 25.91 -4.19
N ILE B 27 5.09 27.17 -3.88
CA ILE B 27 3.83 27.46 -3.20
C ILE B 27 2.64 26.92 -3.99
N ASP B 28 2.76 26.90 -5.32
CA ASP B 28 1.66 26.42 -6.17
C ASP B 28 1.68 24.91 -6.30
N GLU B 29 2.83 24.34 -6.67
CA GLU B 29 2.88 22.91 -6.97
C GLU B 29 2.85 22.04 -5.72
N SER B 30 3.30 22.55 -4.58
CA SER B 30 3.33 21.79 -3.33
C SER B 30 2.22 22.23 -2.37
N ALA B 31 1.11 22.73 -2.91
CA ALA B 31 0.07 23.32 -2.07
C ALA B 31 -0.46 22.34 -1.05
N THR B 32 -0.75 21.10 -1.49
CA THR B 32 -1.34 20.12 -0.58
C THR B 32 -0.39 19.80 0.58
N ASP B 33 0.86 19.45 0.26
CA ASP B 33 1.80 19.09 1.32
C ASP B 33 2.07 20.29 2.24
N LEU B 34 2.26 21.47 1.66
CA LEU B 34 2.53 22.65 2.49
C LEU B 34 1.37 22.93 3.44
N ALA B 35 0.13 22.86 2.94
CA ALA B 35 -1.02 23.10 3.79
C ALA B 35 -1.13 22.06 4.91
N ALA B 36 -0.81 20.80 4.59
CA ALA B 36 -0.91 19.74 5.58
C ALA B 36 0.25 19.73 6.56
N ARG B 37 1.39 20.32 6.20
CA ARG B 37 2.50 20.48 7.13
C ARG B 37 2.37 21.72 7.99
N ILE B 38 1.58 22.70 7.56
CA ILE B 38 1.38 23.91 8.34
C ILE B 38 0.16 23.80 9.24
N GLY B 39 -0.90 23.15 8.77
CA GLY B 39 -2.16 23.10 9.46
C GLY B 39 -3.23 23.99 8.87
N ALA B 40 -2.88 24.80 7.87
CA ALA B 40 -3.82 25.69 7.19
C ALA B 40 -3.30 25.93 5.79
N PRO B 41 -4.19 26.25 4.84
CA PRO B 41 -3.73 26.47 3.46
C PRO B 41 -2.77 27.66 3.37
N LEU B 42 -1.82 27.55 2.44
CA LEU B 42 -0.85 28.60 2.17
C LEU B 42 -1.20 29.21 0.82
N GLN B 43 -1.67 30.46 0.83
CA GLN B 43 -2.20 31.08 -0.38
C GLN B 43 -1.40 32.33 -0.72
N LEU B 44 -0.93 32.38 -1.96
CA LEU B 44 -0.18 33.54 -2.44
C LEU B 44 -1.14 34.68 -2.74
N ARG B 45 -0.87 35.83 -2.14
CA ARG B 45 -1.71 37.01 -2.28
C ARG B 45 -1.23 37.98 -3.34
N GLY B 46 0.09 38.12 -3.50
CA GLY B 46 0.62 39.05 -4.47
C GLY B 46 2.13 38.91 -4.57
N ILE B 47 2.66 39.45 -5.66
CA ILE B 47 4.10 39.40 -5.94
C ILE B 47 4.57 40.82 -6.18
N GLY B 48 5.49 41.29 -5.32
CA GLY B 48 6.08 42.60 -5.50
C GLY B 48 7.16 42.57 -6.56
N VAL B 49 7.21 43.64 -7.35
CA VAL B 49 8.18 43.73 -8.44
C VAL B 49 8.27 45.20 -8.83
N ARG B 50 9.25 45.56 -9.66
CA ARG B 50 9.36 46.92 -10.17
C ARG B 50 8.68 47.07 -11.53
N ARG B 51 9.02 46.19 -12.48
CA ARG B 51 8.45 46.19 -13.81
C ARG B 51 7.30 45.19 -13.85
N VAL B 52 6.07 45.69 -13.94
CA VAL B 52 4.90 44.84 -14.05
C VAL B 52 4.66 44.56 -15.53
N SER B 53 4.63 43.29 -15.90
CA SER B 53 4.33 42.92 -17.27
C SER B 53 3.88 41.47 -17.30
N ALA B 54 3.37 41.05 -18.45
CA ALA B 54 2.81 39.73 -18.65
C ALA B 54 3.83 38.72 -19.18
N ASP B 55 5.09 39.11 -19.37
CA ASP B 55 6.13 38.22 -19.87
C ASP B 55 7.09 37.83 -18.75
N ARG B 56 6.56 37.49 -17.57
CA ARG B 56 7.38 37.15 -16.43
C ARG B 56 7.00 35.79 -15.85
N GLY B 57 6.50 34.89 -16.68
CA GLY B 57 6.25 33.52 -16.28
C GLY B 57 5.28 33.34 -15.13
N VAL B 58 4.52 34.37 -14.79
CA VAL B 58 3.60 34.30 -13.65
C VAL B 58 2.35 35.11 -13.98
N PRO B 59 1.18 34.66 -13.47
CA PRO B 59 -0.07 35.42 -13.74
C PRO B 59 0.08 36.89 -13.41
N VAL B 60 -0.45 37.74 -14.29
CA VAL B 60 -0.21 39.17 -14.22
C VAL B 60 -1.00 39.81 -13.10
N GLU B 61 -2.22 39.31 -12.85
CA GLU B 61 -3.05 39.88 -11.79
C GLU B 61 -2.32 39.88 -10.45
N LEU B 62 -1.38 38.95 -10.25
CA LEU B 62 -0.62 38.90 -9.02
C LEU B 62 0.41 40.00 -8.93
N LEU B 63 0.92 40.47 -10.07
CA LEU B 63 2.02 41.43 -10.05
C LEU B 63 1.53 42.80 -9.59
N THR B 64 2.41 43.50 -8.88
CA THR B 64 2.11 44.84 -8.36
C THR B 64 3.44 45.52 -8.07
N ASP B 65 3.50 46.83 -8.35
CA ASP B 65 4.69 47.61 -8.07
C ASP B 65 4.58 48.43 -6.78
N ASN B 66 3.44 48.39 -6.10
CA ASN B 66 3.28 49.08 -4.82
C ASN B 66 3.61 48.10 -3.70
N ILE B 67 4.87 48.12 -3.28
CA ILE B 67 5.33 47.16 -2.27
C ILE B 67 4.67 47.43 -0.93
N GLU B 68 4.49 48.70 -0.57
CA GLU B 68 3.95 49.04 0.74
C GLU B 68 2.51 48.57 0.87
N GLU B 69 1.71 48.70 -0.20
CA GLU B 69 0.34 48.18 -0.17
C GLU B 69 0.34 46.67 -0.01
N LEU B 70 1.24 45.97 -0.71
CA LEU B 70 1.24 44.52 -0.67
C LEU B 70 1.57 43.99 0.71
N VAL B 71 2.57 44.57 1.38
CA VAL B 71 2.97 44.09 2.70
C VAL B 71 1.99 44.50 3.79
N SER B 72 1.06 45.42 3.51
CA SER B 72 0.13 45.90 4.50
C SER B 72 -1.24 45.24 4.42
N ARG B 73 -1.50 44.41 3.41
CA ARG B 73 -2.80 43.78 3.26
C ARG B 73 -3.15 42.95 4.49
N ASP B 74 -4.44 42.90 4.82
CA ASP B 74 -4.90 42.11 5.96
C ASP B 74 -4.78 40.62 5.67
N ASP B 75 -5.13 40.19 4.46
CA ASP B 75 -5.09 38.77 4.10
C ASP B 75 -3.68 38.28 3.80
N VAL B 76 -2.67 39.09 4.09
CA VAL B 76 -1.28 38.65 4.08
C VAL B 76 -0.92 38.28 5.51
N ASP B 77 0.05 37.38 5.64
CA ASP B 77 0.55 36.98 6.95
C ASP B 77 2.06 36.86 6.99
N ILE B 78 2.69 36.48 5.89
CA ILE B 78 4.13 36.34 5.80
C ILE B 78 4.59 37.14 4.58
N VAL B 79 5.69 37.87 4.75
CA VAL B 79 6.29 38.66 3.69
C VAL B 79 7.64 38.03 3.37
N VAL B 80 7.78 37.56 2.14
CA VAL B 80 9.01 36.90 1.71
C VAL B 80 9.81 37.93 0.92
N GLU B 81 10.78 38.56 1.58
CA GLU B 81 11.60 39.59 0.94
C GLU B 81 12.72 38.92 0.14
N LEU B 82 12.70 39.12 -1.18
CA LEU B 82 13.69 38.56 -2.08
C LEU B 82 14.10 39.58 -3.13
N MET B 83 14.17 40.84 -2.73
CA MET B 83 14.68 41.92 -3.55
C MET B 83 16.18 42.13 -3.29
N GLY B 84 16.88 42.64 -4.30
CA GLY B 84 18.31 42.82 -4.19
C GLY B 84 18.74 43.90 -3.22
N PRO B 85 18.45 45.15 -3.54
CA PRO B 85 19.06 46.28 -2.83
C PRO B 85 18.67 46.33 -1.36
N VAL B 86 19.54 46.97 -0.57
CA VAL B 86 19.43 46.90 0.89
C VAL B 86 18.45 47.93 1.44
N GLU B 87 18.38 49.11 0.83
CA GLU B 87 17.56 50.18 1.40
C GLU B 87 16.08 49.92 1.12
N PRO B 88 15.68 49.56 -0.11
CA PRO B 88 14.29 49.13 -0.30
C PRO B 88 13.95 47.88 0.48
N ALA B 89 14.92 46.99 0.68
CA ALA B 89 14.69 45.81 1.49
C ALA B 89 14.42 46.19 2.95
N ARG B 90 15.31 47.00 3.55
CA ARG B 90 15.11 47.41 4.93
C ARG B 90 13.76 48.09 5.11
N LYS B 91 13.39 48.95 4.16
CA LYS B 91 12.12 49.65 4.26
C LYS B 91 10.95 48.68 4.25
N ALA B 92 10.92 47.76 3.28
CA ALA B 92 9.81 46.82 3.20
C ALA B 92 9.77 45.89 4.41
N ILE B 93 10.93 45.39 4.84
CA ILE B 93 10.98 44.53 6.02
C ILE B 93 10.36 45.25 7.22
N LEU B 94 10.80 46.49 7.48
CA LEU B 94 10.33 47.21 8.65
C LEU B 94 8.83 47.46 8.58
N THR B 95 8.34 47.90 7.42
CA THR B 95 6.92 48.14 7.27
C THR B 95 6.11 46.86 7.47
N ALA B 96 6.59 45.74 6.92
CA ALA B 96 5.88 44.47 7.08
C ALA B 96 5.83 44.07 8.56
N LEU B 97 6.96 44.19 9.27
CA LEU B 97 6.97 43.83 10.68
C LEU B 97 6.05 44.74 11.47
N GLU B 98 6.11 46.05 11.21
CA GLU B 98 5.25 47.01 11.89
C GLU B 98 3.77 46.77 11.60
N GLN B 99 3.45 46.11 10.50
CA GLN B 99 2.08 45.73 10.18
C GLN B 99 1.71 44.36 10.77
N GLY B 100 2.58 43.77 11.58
CA GLY B 100 2.30 42.48 12.18
C GLY B 100 2.40 41.32 11.21
N LYS B 101 3.36 41.37 10.29
CA LYS B 101 3.58 40.31 9.31
C LYS B 101 4.91 39.63 9.59
N SER B 102 4.89 38.30 9.65
CA SER B 102 6.14 37.56 9.71
C SER B 102 6.93 37.76 8.43
N VAL B 103 8.25 37.79 8.56
CA VAL B 103 9.14 38.12 7.45
C VAL B 103 10.14 36.98 7.26
N VAL B 104 10.29 36.55 6.02
CA VAL B 104 11.33 35.61 5.60
C VAL B 104 12.18 36.32 4.56
N THR B 105 13.49 36.38 4.77
CA THR B 105 14.38 37.07 3.86
C THR B 105 15.57 36.20 3.52
N ALA B 106 16.29 36.61 2.47
CA ALA B 106 17.53 35.96 2.07
C ALA B 106 18.65 36.98 1.85
N ASN B 107 18.47 38.20 2.33
CA ASN B 107 19.38 39.31 2.01
C ASN B 107 20.60 39.25 2.92
N LYS B 108 21.75 38.87 2.33
CA LYS B 108 22.99 38.82 3.09
C LYS B 108 23.42 40.21 3.55
N ALA B 109 23.38 41.18 2.63
CA ALA B 109 23.91 42.51 2.94
C ALA B 109 23.07 43.21 4.01
N LEU B 110 21.75 42.98 4.03
CA LEU B 110 20.91 43.61 5.03
C LEU B 110 21.17 43.02 6.41
N MET B 111 21.28 41.68 6.50
CA MET B 111 21.53 41.05 7.79
C MET B 111 22.95 41.32 8.29
N SER B 112 23.91 41.48 7.39
CA SER B 112 25.30 41.64 7.80
C SER B 112 25.64 43.05 8.25
N VAL B 113 24.82 44.05 7.92
CA VAL B 113 25.11 45.44 8.24
C VAL B 113 24.38 45.88 9.50
N SER B 114 23.12 45.46 9.69
CA SER B 114 22.36 45.86 10.86
C SER B 114 21.25 44.85 11.10
N THR B 115 21.43 44.01 12.12
CA THR B 115 20.36 43.16 12.60
C THR B 115 19.60 43.78 13.78
N GLY B 116 20.21 44.75 14.46
CA GLY B 116 19.65 45.30 15.67
C GLY B 116 18.24 45.82 15.54
N GLU B 117 18.03 46.81 14.65
CA GLU B 117 16.72 47.43 14.54
C GLU B 117 15.68 46.44 14.02
N LEU B 118 16.04 45.63 13.03
CA LEU B 118 15.07 44.72 12.42
C LEU B 118 14.59 43.69 13.43
N ALA B 119 15.51 43.04 14.14
CA ALA B 119 15.13 42.04 15.13
C ALA B 119 14.30 42.65 16.25
N GLN B 120 14.67 43.86 16.69
CA GLN B 120 13.89 44.53 17.72
C GLN B 120 12.48 44.84 17.23
N ALA B 121 12.35 45.27 15.98
CA ALA B 121 11.03 45.54 15.42
C ALA B 121 10.20 44.27 15.31
N ALA B 122 10.84 43.13 15.04
CA ALA B 122 10.11 41.88 14.95
C ALA B 122 9.71 41.36 16.33
N GLU B 123 10.60 41.49 17.32
CA GLU B 123 10.27 41.04 18.66
C GLU B 123 9.16 41.89 19.29
N ALA B 124 9.10 43.16 18.93
CA ALA B 124 8.07 44.04 19.47
C ALA B 124 6.70 43.65 18.95
N ALA B 125 6.58 43.43 17.64
CA ALA B 125 5.32 43.06 17.02
C ALA B 125 4.96 41.59 17.24
N HIS B 126 5.65 40.89 18.16
CA HIS B 126 5.42 39.47 18.38
C HIS B 126 5.31 38.74 17.06
N VAL B 127 6.42 38.67 16.33
CA VAL B 127 6.42 38.18 14.96
C VAL B 127 7.80 37.61 14.63
N ASP B 128 7.84 36.75 13.62
CA ASP B 128 9.07 36.08 13.23
C ASP B 128 9.86 36.89 12.21
N LEU B 129 11.18 36.67 12.20
CA LEU B 129 12.09 37.26 11.22
C LEU B 129 13.14 36.20 10.90
N TYR B 130 12.83 35.34 9.93
CA TYR B 130 13.71 34.24 9.56
C TYR B 130 14.56 34.63 8.36
N PHE B 131 15.79 34.10 8.32
CA PHE B 131 16.74 34.46 7.27
C PHE B 131 17.72 33.32 7.03
N GLU B 132 17.22 32.08 7.02
CA GLU B 132 18.10 30.94 6.74
C GLU B 132 18.72 31.03 5.36
N ALA B 133 17.94 31.45 4.37
CA ALA B 133 18.41 31.46 2.99
C ALA B 133 19.56 32.43 2.77
N ALA B 134 19.89 33.26 3.75
CA ALA B 134 20.97 34.22 3.58
C ALA B 134 22.33 33.54 3.55
N VAL B 135 22.48 32.40 4.20
CA VAL B 135 23.80 31.78 4.36
C VAL B 135 23.74 30.32 3.94
N ALA B 136 24.55 29.97 2.94
CA ALA B 136 24.85 28.61 2.54
C ALA B 136 23.79 28.02 1.61
N GLY B 137 23.08 28.87 0.89
CA GLY B 137 22.08 28.40 -0.06
C GLY B 137 21.17 27.38 0.58
N ALA B 138 21.22 26.15 0.09
CA ALA B 138 20.32 25.11 0.59
C ALA B 138 20.82 24.46 1.88
N ILE B 139 22.06 24.66 2.25
CA ILE B 139 22.62 24.02 3.44
C ILE B 139 21.99 24.64 4.67
N PRO B 140 21.23 23.88 5.48
CA PRO B 140 20.75 24.44 6.75
C PRO B 140 21.91 24.71 7.70
N VAL B 141 22.25 25.98 7.92
CA VAL B 141 23.39 26.36 8.74
C VAL B 141 22.98 27.28 9.89
N ILE B 142 22.09 28.23 9.62
CA ILE B 142 21.71 29.19 10.67
C ILE B 142 20.85 28.50 11.73
N ARG B 143 19.90 27.66 11.31
CA ARG B 143 19.07 27.00 12.31
C ARG B 143 19.89 26.07 13.19
N PRO B 144 20.79 25.24 12.66
CA PRO B 144 21.68 24.46 13.54
C PRO B 144 22.45 25.30 14.54
N LEU B 145 23.00 26.45 14.12
CA LEU B 145 23.80 27.25 15.03
C LEU B 145 22.95 27.99 16.05
N THR B 146 21.69 28.27 15.73
CA THR B 146 20.83 29.02 16.64
C THR B 146 20.00 28.13 17.55
N GLN B 147 19.73 26.89 17.15
CA GLN B 147 18.86 26.01 17.93
C GLN B 147 19.53 24.71 18.32
N SER B 148 20.11 23.98 17.37
CA SER B 148 20.68 22.67 17.69
C SER B 148 21.93 22.80 18.56
N LEU B 149 22.71 23.86 18.37
CA LEU B 149 23.94 24.05 19.12
C LEU B 149 23.80 25.12 20.20
N ALA B 150 22.57 25.55 20.50
CA ALA B 150 22.37 26.62 21.47
C ALA B 150 22.81 26.21 22.87
N GLY B 151 22.82 24.91 23.16
CA GLY B 151 23.26 24.41 24.45
C GLY B 151 24.73 24.09 24.50
N ASP B 152 25.48 24.45 23.48
CA ASP B 152 26.89 24.13 23.36
C ASP B 152 27.68 25.43 23.27
N THR B 153 29.00 25.30 23.22
CA THR B 153 29.91 26.44 23.08
C THR B 153 30.68 26.24 21.77
N VAL B 154 30.29 26.99 20.76
CA VAL B 154 30.97 26.97 19.47
C VAL B 154 32.23 27.81 19.56
N THR B 155 33.32 27.32 18.96
CA THR B 155 34.60 28.02 18.99
C THR B 155 35.11 28.40 17.61
N ARG B 156 34.62 27.79 16.56
CA ARG B 156 35.15 28.04 15.22
C ARG B 156 34.08 27.64 14.21
N VAL B 157 33.88 28.50 13.22
CA VAL B 157 33.03 28.20 12.07
C VAL B 157 33.77 28.66 10.83
N ALA B 158 33.97 27.75 9.87
CA ALA B 158 34.80 28.07 8.72
C ALA B 158 34.47 27.15 7.56
N GLY B 159 34.65 27.66 6.34
CA GLY B 159 34.51 26.83 5.17
C GLY B 159 34.28 27.66 3.92
N ILE B 160 33.70 26.98 2.93
CA ILE B 160 33.42 27.56 1.62
C ILE B 160 31.96 27.95 1.59
N VAL B 161 31.67 29.24 1.34
CA VAL B 161 30.31 29.74 1.45
C VAL B 161 29.93 30.55 0.23
N ASN B 162 30.69 30.41 -0.85
CA ASN B 162 30.41 31.14 -2.08
C ASN B 162 30.53 30.18 -3.25
N GLY B 163 29.42 29.98 -3.96
CA GLY B 163 29.43 29.03 -5.05
C GLY B 163 30.18 29.51 -6.26
N THR B 164 30.03 30.78 -6.61
CA THR B 164 30.68 31.32 -7.81
C THR B 164 32.20 31.22 -7.70
N THR B 165 32.78 31.83 -6.67
CA THR B 165 34.22 31.78 -6.51
C THR B 165 34.73 30.34 -6.47
N ASN B 166 33.98 29.45 -5.82
CA ASN B 166 34.42 28.06 -5.71
C ASN B 166 34.38 27.35 -7.06
N TYR B 167 33.44 27.71 -7.92
CA TYR B 167 33.41 27.11 -9.25
C TYR B 167 34.56 27.61 -10.11
N ILE B 168 34.91 28.90 -9.96
CA ILE B 168 36.02 29.46 -10.72
C ILE B 168 37.32 28.79 -10.32
N LEU B 169 37.59 28.75 -9.02
CA LEU B 169 38.84 28.14 -8.55
C LEU B 169 38.92 26.67 -8.92
N SER B 170 37.83 25.92 -8.69
CA SER B 170 37.83 24.51 -9.07
C SER B 170 38.14 24.34 -10.55
N ALA B 171 37.58 25.21 -11.39
CA ALA B 171 37.88 25.15 -12.82
C ALA B 171 39.36 25.44 -13.07
N MET B 172 39.92 26.43 -12.36
CA MET B 172 41.33 26.74 -12.53
C MET B 172 42.21 25.59 -12.08
N ASP B 173 41.75 24.80 -11.11
CA ASP B 173 42.53 23.67 -10.61
C ASP B 173 42.43 22.45 -11.52
N SER B 174 41.27 22.24 -12.15
CA SER B 174 41.06 21.08 -13.00
C SER B 174 41.72 21.22 -14.36
N THR B 175 41.61 22.41 -14.96
CA THR B 175 42.01 22.64 -16.34
C THR B 175 43.30 23.43 -16.50
N GLY B 176 43.82 24.02 -15.42
CA GLY B 176 44.95 24.90 -15.53
C GLY B 176 44.64 26.22 -16.19
N ALA B 177 43.36 26.56 -16.34
CA ALA B 177 42.97 27.79 -17.01
C ALA B 177 43.40 29.02 -16.22
N ASP B 178 43.49 30.15 -16.92
CA ASP B 178 43.77 31.43 -16.29
C ASP B 178 42.49 31.97 -15.65
N TYR B 179 42.69 32.94 -14.74
CA TYR B 179 41.55 33.50 -14.02
C TYR B 179 40.52 34.10 -14.98
N GLY B 180 40.99 34.80 -16.01
CA GLY B 180 40.07 35.44 -16.93
C GLY B 180 39.22 34.45 -17.70
N ASP B 181 39.83 33.36 -18.17
CA ASP B 181 39.07 32.36 -18.93
C ASP B 181 38.07 31.64 -18.03
N ALA B 182 38.50 31.23 -16.84
CA ALA B 182 37.59 30.55 -15.93
C ALA B 182 36.40 31.43 -15.58
N LEU B 183 36.66 32.69 -15.21
CA LEU B 183 35.59 33.62 -14.89
C LEU B 183 34.62 33.77 -16.06
N ALA B 184 35.15 33.74 -17.29
CA ALA B 184 34.29 33.84 -18.46
C ALA B 184 33.45 32.58 -18.62
N GLU B 185 34.06 31.41 -18.46
CA GLU B 185 33.31 30.15 -18.46
C GLU B 185 32.19 30.21 -17.42
N ALA B 186 32.49 30.70 -16.22
CA ALA B 186 31.49 30.75 -15.16
C ALA B 186 30.32 31.65 -15.56
N SER B 187 30.61 32.88 -15.96
CA SER B 187 29.55 33.80 -16.37
C SER B 187 28.73 33.20 -17.50
N ALA B 188 29.40 32.61 -18.50
CA ALA B 188 28.68 32.07 -19.66
C ALA B 188 27.76 30.91 -19.26
N LEU B 189 28.25 30.00 -18.41
CA LEU B 189 27.45 28.86 -18.00
C LEU B 189 26.44 29.19 -16.91
N GLY B 190 26.35 30.45 -16.48
CA GLY B 190 25.38 30.86 -15.50
C GLY B 190 25.78 30.65 -14.05
N TYR B 191 27.01 30.24 -13.78
CA TYR B 191 27.48 30.07 -12.41
C TYR B 191 27.89 31.39 -11.77
N ALA B 192 28.28 32.38 -12.58
CA ALA B 192 28.54 33.74 -12.13
C ALA B 192 27.50 34.67 -12.73
N GLU B 193 27.73 35.98 -12.61
CA GLU B 193 26.78 36.98 -13.11
C GLU B 193 27.53 38.08 -13.84
N ALA B 194 26.77 38.98 -14.45
CA ALA B 194 27.36 40.03 -15.28
C ALA B 194 28.40 40.83 -14.50
N ASP B 195 28.03 41.27 -13.31
CA ASP B 195 28.97 41.96 -12.42
C ASP B 195 29.29 41.04 -11.24
N PRO B 196 30.23 40.11 -11.39
CA PRO B 196 30.50 39.16 -10.31
C PRO B 196 31.30 39.75 -9.16
N THR B 197 31.46 41.08 -9.14
CA THR B 197 32.30 41.71 -8.13
C THR B 197 31.92 41.26 -6.72
N ALA B 198 30.61 41.18 -6.43
CA ALA B 198 30.18 40.77 -5.10
C ALA B 198 30.78 39.42 -4.73
N ASP B 199 30.97 38.54 -5.71
CA ASP B 199 31.53 37.23 -5.45
C ASP B 199 33.06 37.25 -5.48
N VAL B 200 33.65 37.64 -6.60
CA VAL B 200 35.08 37.45 -6.81
C VAL B 200 35.93 38.33 -5.90
N GLU B 201 35.38 39.41 -5.35
CA GLU B 201 36.14 40.27 -4.45
C GLU B 201 35.87 39.99 -2.98
N GLY B 202 34.89 39.14 -2.66
CA GLY B 202 34.70 38.63 -1.32
C GLY B 202 33.58 39.26 -0.52
N TYR B 203 32.81 40.17 -1.11
CA TYR B 203 31.74 40.81 -0.34
C TYR B 203 30.70 39.78 0.09
N ASP B 204 30.30 38.89 -0.82
CA ASP B 204 29.37 37.82 -0.47
C ASP B 204 29.88 37.00 0.72
N ALA B 205 31.12 36.52 0.62
CA ALA B 205 31.66 35.67 1.67
C ALA B 205 31.80 36.44 2.99
N ALA B 206 32.22 37.70 2.91
CA ALA B 206 32.46 38.47 4.13
C ALA B 206 31.15 38.77 4.85
N ALA B 207 30.08 39.05 4.10
CA ALA B 207 28.78 39.25 4.72
C ALA B 207 28.29 37.96 5.38
N LYS B 208 28.44 36.84 4.69
CA LYS B 208 28.05 35.55 5.26
C LYS B 208 28.88 35.24 6.50
N ALA B 209 30.18 35.58 6.48
CA ALA B 209 31.02 35.30 7.64
C ALA B 209 30.60 36.15 8.83
N ALA B 210 30.25 37.41 8.60
CA ALA B 210 29.72 38.24 9.67
C ALA B 210 28.50 37.59 10.30
N ILE B 211 27.59 37.08 9.47
CA ILE B 211 26.38 36.45 10.00
C ILE B 211 26.72 35.19 10.77
N LEU B 212 27.63 34.37 10.23
CA LEU B 212 28.01 33.14 10.90
C LEU B 212 28.61 33.41 12.28
N ALA B 213 29.57 34.34 12.35
CA ALA B 213 30.23 34.63 13.62
C ALA B 213 29.23 35.12 14.67
N SER B 214 28.36 36.05 14.29
CA SER B 214 27.39 36.58 15.25
C SER B 214 26.41 35.51 15.69
N ILE B 215 26.07 34.56 14.82
CA ILE B 215 25.13 33.50 15.17
C ILE B 215 25.81 32.49 16.09
N ALA B 216 27.10 32.22 15.87
CA ALA B 216 27.79 31.16 16.58
C ALA B 216 28.37 31.60 17.92
N PHE B 217 28.73 32.87 18.05
CA PHE B 217 29.38 33.38 19.26
C PHE B 217 28.47 34.29 20.06
N HIS B 218 27.20 34.40 19.68
CA HIS B 218 26.20 35.12 20.47
C HIS B 218 26.65 36.57 20.75
N THR B 219 27.16 37.22 19.72
CA THR B 219 27.57 38.62 19.81
C THR B 219 27.28 39.27 18.47
N ARG B 220 27.33 40.60 18.44
CA ARG B 220 27.09 41.34 17.21
C ARG B 220 28.39 41.47 16.42
N VAL B 221 28.36 40.97 15.19
CA VAL B 221 29.48 41.09 14.26
C VAL B 221 28.91 41.55 12.93
N THR B 222 29.38 42.70 12.44
CA THR B 222 28.91 43.26 11.19
C THR B 222 29.96 43.12 10.11
N ALA B 223 29.54 43.38 8.87
CA ALA B 223 30.44 43.27 7.73
C ALA B 223 31.66 44.19 7.89
N ASP B 224 31.47 45.34 8.53
CA ASP B 224 32.58 46.27 8.76
C ASP B 224 33.67 45.68 9.64
N ASP B 225 33.42 44.54 10.30
CA ASP B 225 34.39 43.91 11.18
C ASP B 225 35.13 42.75 10.53
N VAL B 226 34.76 42.37 9.31
CA VAL B 226 35.30 41.18 8.65
C VAL B 226 36.39 41.59 7.67
N TYR B 227 37.56 40.99 7.80
CA TYR B 227 38.60 41.16 6.81
C TYR B 227 38.19 40.47 5.51
N ARG B 228 38.40 41.17 4.39
CA ARG B 228 37.86 40.75 3.10
C ARG B 228 38.95 40.79 2.05
N GLU B 229 39.22 39.64 1.42
CA GLU B 229 40.14 39.54 0.31
C GLU B 229 39.58 38.54 -0.69
N GLY B 230 39.61 38.90 -1.98
CA GLY B 230 39.00 38.10 -3.02
C GLY B 230 40.00 37.24 -3.77
N ILE B 231 39.54 36.70 -4.90
CA ILE B 231 40.30 35.76 -5.70
C ILE B 231 40.81 36.37 -7.00
N THR B 232 40.68 37.68 -7.17
CA THR B 232 41.04 38.29 -8.45
C THR B 232 42.53 38.16 -8.74
N LYS B 233 43.35 38.08 -7.70
CA LYS B 233 44.80 37.96 -7.84
C LYS B 233 45.27 36.51 -7.83
N VAL B 234 44.37 35.55 -7.93
CA VAL B 234 44.74 34.14 -8.00
C VAL B 234 44.95 33.80 -9.46
N THR B 235 46.14 33.30 -9.79
CA THR B 235 46.52 33.01 -11.16
C THR B 235 46.63 31.51 -11.37
N ALA B 236 46.81 31.13 -12.64
CA ALA B 236 47.04 29.73 -12.95
C ALA B 236 48.40 29.28 -12.43
N ALA B 237 49.38 30.18 -12.41
CA ALA B 237 50.69 29.85 -11.85
C ALA B 237 50.60 29.63 -10.35
N ASP B 238 49.65 30.28 -9.68
CA ASP B 238 49.41 29.99 -8.28
C ASP B 238 48.96 28.54 -8.10
N PHE B 239 47.97 28.11 -8.89
CA PHE B 239 47.50 26.73 -8.79
C PHE B 239 48.58 25.73 -9.16
N ALA B 240 49.48 26.09 -10.07
CA ALA B 240 50.58 25.20 -10.41
C ALA B 240 51.50 25.00 -9.21
N SER B 241 51.85 26.10 -8.52
CA SER B 241 52.64 25.98 -7.30
C SER B 241 51.90 25.19 -6.22
N ALA B 242 50.62 25.50 -6.03
CA ALA B 242 49.84 24.82 -5.00
C ALA B 242 49.82 23.32 -5.23
N ARG B 243 49.58 22.90 -6.47
CA ARG B 243 49.65 21.48 -6.80
C ARG B 243 51.02 20.92 -6.46
N ALA B 244 52.07 21.64 -6.84
CA ALA B 244 53.44 21.21 -6.53
C ALA B 244 53.65 21.08 -5.02
N LEU B 245 52.98 21.91 -4.24
CA LEU B 245 53.11 21.89 -2.78
C LEU B 245 52.07 21.00 -2.11
N GLY B 246 51.39 20.14 -2.87
CA GLY B 246 50.38 19.27 -2.30
C GLY B 246 49.14 19.98 -1.82
N CYS B 247 48.75 21.07 -2.47
CA CYS B 247 47.63 21.89 -2.05
C CYS B 247 46.75 22.22 -3.25
N THR B 248 45.57 22.74 -2.93
CA THR B 248 44.72 23.48 -3.87
C THR B 248 44.52 24.89 -3.28
N ILE B 249 43.61 25.65 -3.87
CA ILE B 249 43.29 27.00 -3.40
C ILE B 249 41.78 27.11 -3.26
N LYS B 250 41.34 27.77 -2.19
CA LYS B 250 39.93 27.90 -1.87
C LYS B 250 39.68 29.25 -1.22
N LEU B 251 38.50 29.81 -1.45
CA LEU B 251 38.10 31.06 -0.79
C LEU B 251 37.48 30.69 0.55
N LEU B 252 38.25 30.86 1.62
CA LEU B 252 37.83 30.42 2.95
C LEU B 252 37.25 31.58 3.75
N ALA B 253 36.13 31.32 4.41
CA ALA B 253 35.63 32.17 5.48
C ALA B 253 35.94 31.49 6.79
N ILE B 254 36.48 32.26 7.75
CA ILE B 254 36.86 31.71 9.04
C ILE B 254 36.33 32.61 10.14
N CYS B 255 35.77 32.00 11.17
CA CYS B 255 35.18 32.71 12.31
C CYS B 255 35.59 31.97 13.57
N GLU B 256 36.44 32.59 14.38
CA GLU B 256 37.02 31.94 15.55
C GLU B 256 36.67 32.70 16.83
N ARG B 257 36.36 31.96 17.88
CA ARG B 257 36.29 32.50 19.23
C ARG B 257 37.69 32.39 19.84
N LEU B 258 38.35 33.52 20.05
CA LEU B 258 39.70 33.55 20.59
C LEU B 258 39.65 33.83 22.08
N THR B 259 40.49 33.12 22.83
CA THR B 259 40.56 33.25 24.27
C THR B 259 42.00 33.55 24.66
N SER B 260 42.19 34.59 25.46
CA SER B 260 43.53 35.02 25.85
C SER B 260 44.00 34.23 27.07
N ASP B 261 45.23 34.51 27.50
CA ASP B 261 45.79 33.85 28.68
C ASP B 261 45.08 34.31 29.95
N ASP B 262 44.60 35.56 29.98
CA ASP B 262 43.90 36.09 31.14
C ASP B 262 42.42 35.74 31.15
N GLY B 263 41.91 35.16 30.06
CA GLY B 263 40.50 34.81 29.95
C GLY B 263 39.69 35.72 29.05
N HIS B 264 40.29 36.78 28.51
CA HIS B 264 39.54 37.69 27.65
C HIS B 264 39.12 36.98 26.38
N GLN B 265 37.83 37.03 26.08
CA GLN B 265 37.30 36.44 24.86
C GLN B 265 37.14 37.52 23.79
N SER B 266 37.38 37.12 22.54
CA SER B 266 37.20 38.00 21.39
C SER B 266 36.79 37.13 20.20
N VAL B 267 36.38 37.79 19.13
CA VAL B 267 35.93 37.12 17.92
C VAL B 267 36.74 37.63 16.73
N SER B 268 37.12 36.72 15.85
CA SER B 268 37.79 37.06 14.60
C SER B 268 36.98 36.51 13.45
N ALA B 269 36.73 37.35 12.44
CA ALA B 269 36.00 36.95 11.25
C ALA B 269 36.74 37.47 10.03
N ARG B 270 37.06 36.58 9.10
CA ARG B 270 37.94 36.94 8.00
C ARG B 270 37.67 36.00 6.83
N VAL B 271 37.72 36.56 5.62
CA VAL B 271 37.61 35.79 4.39
C VAL B 271 38.82 36.12 3.53
N TYR B 272 39.46 35.10 2.97
CA TYR B 272 40.54 35.32 2.03
C TYR B 272 40.87 34.06 1.24
N PRO B 273 41.66 34.17 0.18
CA PRO B 273 42.18 32.97 -0.48
C PRO B 273 43.17 32.26 0.42
N ALA B 274 43.26 30.94 0.24
CA ALA B 274 44.13 30.15 1.09
C ALA B 274 44.54 28.88 0.37
N LEU B 275 45.83 28.55 0.45
CA LEU B 275 46.27 27.21 0.09
C LEU B 275 45.76 26.21 1.12
N VAL B 276 45.12 25.16 0.66
CA VAL B 276 44.60 24.10 1.53
C VAL B 276 45.17 22.78 1.02
N PRO B 277 45.63 21.89 1.89
CA PRO B 277 46.18 20.62 1.40
C PRO B 277 45.12 19.75 0.74
N LEU B 278 45.56 19.01 -0.28
CA LEU B 278 44.62 18.21 -1.08
C LEU B 278 43.90 17.16 -0.22
N THR B 279 44.51 16.72 0.87
CA THR B 279 43.90 15.75 1.76
C THR B 279 42.86 16.37 2.69
N HIS B 280 42.81 17.70 2.80
CA HIS B 280 41.83 18.35 3.64
C HIS B 280 40.43 18.10 3.09
N PRO B 281 39.42 18.00 3.96
CA PRO B 281 38.05 17.78 3.47
C PRO B 281 37.54 18.89 2.57
N LEU B 282 37.82 20.15 2.91
CA LEU B 282 37.38 21.26 2.07
C LEU B 282 37.99 21.20 0.67
N ALA B 283 39.12 20.51 0.51
CA ALA B 283 39.72 20.37 -0.81
C ALA B 283 38.85 19.56 -1.76
N ALA B 284 37.94 18.74 -1.22
CA ALA B 284 37.04 17.93 -2.04
C ALA B 284 35.72 18.63 -2.33
N VAL B 285 35.54 19.86 -1.87
CA VAL B 285 34.31 20.62 -2.14
C VAL B 285 34.54 21.41 -3.41
N ASN B 286 33.95 20.95 -4.51
CA ASN B 286 34.22 21.52 -5.83
C ASN B 286 32.93 22.07 -6.45
N GLY B 287 33.06 22.65 -7.64
CA GLY B 287 31.93 23.21 -8.34
C GLY B 287 31.28 24.34 -7.56
N ALA B 288 29.95 24.43 -7.69
CA ALA B 288 29.16 25.44 -6.98
C ALA B 288 28.73 24.97 -5.60
N PHE B 289 29.35 23.93 -5.07
CA PHE B 289 28.95 23.44 -3.76
C PHE B 289 29.62 24.27 -2.67
N ASN B 290 29.05 24.23 -1.48
CA ASN B 290 29.59 24.88 -0.30
C ASN B 290 29.77 23.85 0.81
N ALA B 291 30.50 24.24 1.85
CA ALA B 291 30.72 23.38 3.00
C ALA B 291 31.09 24.23 4.19
N VAL B 292 30.44 23.99 5.32
CA VAL B 292 30.63 24.75 6.55
C VAL B 292 31.05 23.80 7.65
N VAL B 293 32.15 24.11 8.31
CA VAL B 293 32.70 23.30 9.41
C VAL B 293 32.47 24.05 10.70
N VAL B 294 31.90 23.37 11.70
CA VAL B 294 31.63 23.94 13.01
C VAL B 294 32.35 23.11 14.06
N GLU B 295 33.13 23.76 14.91
CA GLU B 295 33.82 23.12 16.02
C GLU B 295 33.23 23.64 17.32
N ALA B 296 32.72 22.72 18.14
CA ALA B 296 32.12 23.06 19.42
C ALA B 296 32.72 22.16 20.51
N GLU B 297 32.55 22.58 21.76
CA GLU B 297 33.22 21.91 22.87
C GLU B 297 32.66 20.51 23.11
N ALA B 298 31.33 20.41 23.26
CA ALA B 298 30.71 19.10 23.43
C ALA B 298 30.58 18.36 22.10
N ALA B 299 30.04 19.03 21.08
CA ALA B 299 29.74 18.35 19.83
C ALA B 299 30.99 17.90 19.09
N GLY B 300 32.09 18.60 19.27
CA GLY B 300 33.30 18.31 18.49
C GLY B 300 33.26 19.01 17.17
N ARG B 301 33.55 18.28 16.10
CA ARG B 301 33.61 18.83 14.75
C ARG B 301 32.41 18.35 13.94
N LEU B 302 31.75 19.29 13.26
CA LEU B 302 30.66 18.99 12.35
C LEU B 302 30.97 19.60 10.99
N MET B 303 30.43 18.98 9.94
CA MET B 303 30.51 19.55 8.59
C MET B 303 29.16 19.44 7.90
N PHE B 304 28.75 20.54 7.27
CA PHE B 304 27.52 20.61 6.50
C PHE B 304 27.88 20.86 5.04
N TYR B 305 27.40 20.00 4.14
CA TYR B 305 27.76 20.04 2.73
C TYR B 305 26.50 20.10 1.87
N GLY B 306 26.55 20.91 0.82
CA GLY B 306 25.45 21.03 -0.11
C GLY B 306 25.70 22.13 -1.12
N GLN B 307 24.66 22.43 -1.88
CA GLN B 307 24.72 23.52 -2.86
C GLN B 307 24.52 24.87 -2.17
N GLY B 308 25.43 25.80 -2.42
CA GLY B 308 25.38 27.09 -1.77
C GLY B 308 24.90 28.20 -2.66
N ALA B 309 24.72 27.91 -3.94
CA ALA B 309 24.21 28.87 -4.90
C ALA B 309 23.16 28.19 -5.76
N GLY B 310 22.20 28.97 -6.20
CA GLY B 310 21.16 28.46 -7.09
C GLY B 310 19.79 28.96 -6.67
N GLY B 311 18.88 29.02 -7.65
CA GLY B 311 17.54 29.48 -7.36
C GLY B 311 16.72 28.45 -6.62
N ALA B 312 16.82 27.18 -7.04
CA ALA B 312 16.05 26.14 -6.37
C ALA B 312 16.62 25.83 -4.99
N PRO B 313 17.94 25.61 -4.82
CA PRO B 313 18.47 25.41 -3.46
C PRO B 313 18.11 26.53 -2.50
N THR B 314 18.30 27.79 -2.90
CA THR B 314 17.99 28.89 -2.01
C THR B 314 16.48 28.95 -1.73
N ALA B 315 15.66 28.65 -2.74
CA ALA B 315 14.22 28.59 -2.52
C ALA B 315 13.87 27.54 -1.47
N SER B 316 14.62 26.44 -1.43
CA SER B 316 14.37 25.40 -0.45
C SER B 316 14.51 25.95 0.97
N ALA B 317 15.59 26.69 1.23
CA ALA B 317 15.76 27.31 2.53
C ALA B 317 14.64 28.31 2.82
N VAL B 318 14.33 29.17 1.85
CA VAL B 318 13.25 30.13 2.03
C VAL B 318 11.97 29.42 2.46
N MET B 319 11.61 28.36 1.73
CA MET B 319 10.37 27.66 2.02
C MET B 319 10.40 26.99 3.40
N GLY B 320 11.56 26.48 3.81
CA GLY B 320 11.70 25.99 5.17
C GLY B 320 11.29 27.05 6.19
N ASP B 321 11.78 28.27 6.01
CA ASP B 321 11.43 29.36 6.91
C ASP B 321 9.96 29.75 6.78
N VAL B 322 9.40 29.66 5.58
CA VAL B 322 8.01 30.04 5.38
C VAL B 322 7.09 29.05 6.08
N VAL B 323 7.38 27.76 5.99
CA VAL B 323 6.58 26.76 6.68
C VAL B 323 6.66 26.97 8.19
N MET B 324 7.85 27.29 8.71
CA MET B 324 7.97 27.52 10.15
C MET B 324 7.23 28.79 10.55
N ALA B 325 7.35 29.86 9.77
CA ALA B 325 6.62 31.09 10.08
C ALA B 325 5.11 30.88 10.00
N ALA B 326 4.66 30.04 9.06
CA ALA B 326 3.23 29.75 8.97
C ALA B 326 2.78 28.85 10.10
N ARG B 327 3.59 27.82 10.43
CA ARG B 327 3.29 27.00 11.59
C ARG B 327 3.16 27.85 12.85
N ASN B 328 4.14 28.73 13.09
CA ASN B 328 4.10 29.57 14.28
C ASN B 328 2.83 30.40 14.33
N ARG B 329 2.45 31.03 13.21
CA ARG B 329 1.25 31.87 13.22
C ARG B 329 -0.01 31.03 13.43
N VAL B 330 0.00 29.76 13.03
CA VAL B 330 -1.14 28.90 13.31
C VAL B 330 -1.16 28.51 14.78
N GLN B 331 -0.01 28.13 15.33
CA GLN B 331 0.07 27.58 16.69
C GLN B 331 0.41 28.61 17.75
N GLY B 332 0.44 29.90 17.41
CA GLY B 332 0.65 30.93 18.41
C GLY B 332 1.99 30.86 19.11
N GLY B 333 3.07 31.11 18.38
CA GLY B 333 4.41 31.09 18.95
C GLY B 333 5.34 31.95 18.14
N ARG B 334 6.64 31.79 18.42
CA ARG B 334 7.68 32.53 17.72
C ARG B 334 8.92 31.65 17.62
N GLY B 335 10.01 32.23 17.14
CA GLY B 335 11.27 31.54 17.05
C GLY B 335 12.25 32.03 18.10
N PRO B 336 13.47 31.49 18.09
CA PRO B 336 14.47 31.90 19.09
C PRO B 336 14.78 33.39 18.97
N ARG B 337 14.60 34.11 20.07
CA ARG B 337 14.97 35.51 20.10
C ARG B 337 16.44 35.68 19.71
N GLU B 338 16.74 36.80 19.06
CA GLU B 338 18.12 37.14 18.78
C GLU B 338 18.90 37.23 20.09
N SER B 339 20.01 36.51 20.15
CA SER B 339 20.87 36.51 21.34
C SER B 339 22.25 37.02 20.94
N LYS B 340 22.50 38.30 21.19
CA LYS B 340 23.81 38.91 20.95
C LYS B 340 24.32 39.52 22.25
N TYR B 341 24.35 38.71 23.32
CA TYR B 341 24.63 39.18 24.66
C TYR B 341 26.11 39.24 25.01
N ALA B 342 26.98 38.61 24.23
CA ALA B 342 28.36 38.44 24.67
C ALA B 342 29.17 39.73 24.55
N LYS B 343 28.79 40.64 23.65
CA LYS B 343 29.48 41.92 23.50
C LYS B 343 30.99 41.72 23.38
N LEU B 344 31.39 40.71 22.61
CA LEU B 344 32.80 40.41 22.47
C LEU B 344 33.49 41.43 21.58
N PRO B 345 34.70 41.87 21.93
CA PRO B 345 35.44 42.77 21.04
C PRO B 345 35.94 42.03 19.82
N ILE B 346 36.28 42.81 18.79
CA ILE B 346 36.67 42.29 17.49
C ILE B 346 38.19 42.22 17.44
N SER B 347 38.72 41.04 17.11
CA SER B 347 40.16 40.89 16.93
C SER B 347 40.53 41.24 15.50
N PRO B 348 41.42 42.20 15.28
CA PRO B 348 41.86 42.48 13.91
C PRO B 348 42.69 41.35 13.33
N ILE B 349 43.22 41.55 12.13
CA ILE B 349 43.82 40.47 11.37
C ILE B 349 45.27 40.27 11.77
N GLY B 350 45.99 41.37 12.03
CA GLY B 350 47.38 41.27 12.41
C GLY B 350 47.62 40.31 13.55
N ASP B 351 46.66 40.21 14.48
CA ASP B 351 46.81 39.36 15.65
C ASP B 351 46.62 37.88 15.35
N ILE B 352 46.10 37.54 14.18
CA ILE B 352 45.72 36.15 13.90
C ILE B 352 46.94 35.38 13.43
N PRO B 353 47.22 34.20 13.98
CA PRO B 353 48.31 33.37 13.44
C PRO B 353 47.88 32.67 12.16
N THR B 354 48.78 32.64 11.19
CA THR B 354 48.53 32.04 9.89
C THR B 354 49.89 31.71 9.26
N ARG B 355 49.86 31.27 8.01
CA ARG B 355 51.06 30.95 7.26
C ARG B 355 50.97 31.61 5.90
N TYR B 356 52.14 31.94 5.33
CA TYR B 356 52.20 32.61 4.04
C TYR B 356 52.90 31.73 3.01
N TYR B 357 52.35 31.75 1.79
CA TYR B 357 53.06 31.34 0.59
C TYR B 357 53.43 32.61 -0.17
N VAL B 358 54.71 32.80 -0.44
CA VAL B 358 55.21 34.00 -1.11
C VAL B 358 56.06 33.58 -2.30
N SER B 359 55.62 33.97 -3.50
CA SER B 359 56.33 33.69 -4.74
C SER B 359 56.95 34.98 -5.26
N MET B 360 58.26 34.97 -5.47
CA MET B 360 58.99 36.17 -5.87
C MET B 360 59.89 35.88 -7.06
N ARG B 361 60.25 36.95 -7.75
CA ARG B 361 61.31 36.92 -8.76
C ARG B 361 62.49 37.70 -8.20
N VAL B 362 63.63 37.03 -8.08
CA VAL B 362 64.80 37.59 -7.43
C VAL B 362 65.99 37.46 -8.37
N ALA B 363 67.13 37.98 -7.93
CA ALA B 363 68.35 37.86 -8.70
C ALA B 363 68.81 36.40 -8.74
N ASP B 364 69.36 35.99 -9.88
CA ASP B 364 69.83 34.63 -10.07
C ASP B 364 71.30 34.52 -9.62
N ARG B 365 71.53 34.90 -8.37
CA ARG B 365 72.82 34.80 -7.73
C ARG B 365 72.69 33.95 -6.46
N PRO B 366 73.78 33.34 -6.01
CA PRO B 366 73.68 32.37 -4.90
C PRO B 366 73.47 32.98 -3.52
N GLY B 367 73.34 34.30 -3.42
CA GLY B 367 73.23 34.93 -2.12
C GLY B 367 71.83 35.38 -1.74
N VAL B 368 70.90 35.36 -2.69
CA VAL B 368 69.58 35.95 -2.44
C VAL B 368 68.87 35.21 -1.32
N LEU B 369 69.02 33.89 -1.27
CA LEU B 369 68.25 33.10 -0.30
C LEU B 369 68.57 33.52 1.13
N ALA B 370 69.84 33.77 1.43
CA ALA B 370 70.21 34.19 2.76
C ALA B 370 69.59 35.54 3.10
N ALA B 371 69.47 36.43 2.12
CA ALA B 371 68.88 37.74 2.35
C ALA B 371 67.40 37.63 2.69
N VAL B 372 66.65 36.87 1.88
CA VAL B 372 65.23 36.68 2.16
C VAL B 372 65.05 35.99 3.51
N ALA B 373 65.89 35.00 3.80
CA ALA B 373 65.77 34.28 5.06
C ALA B 373 65.96 35.21 6.26
N THR B 374 67.00 36.05 6.22
CA THR B 374 67.23 36.97 7.33
C THR B 374 66.03 37.91 7.53
N GLU B 375 65.46 38.40 6.43
CA GLU B 375 64.28 39.26 6.54
C GLU B 375 63.16 38.53 7.27
N PHE B 376 62.94 37.26 6.94
CA PHE B 376 61.96 36.46 7.67
C PHE B 376 62.39 36.28 9.12
N GLY B 377 63.68 36.04 9.36
CA GLY B 377 64.13 35.70 10.70
C GLY B 377 64.15 36.90 11.63
N ASN B 378 64.59 38.05 11.14
CA ASN B 378 64.65 39.25 11.98
C ASN B 378 63.29 39.61 12.54
N ARG B 379 62.21 39.14 11.93
CA ARG B 379 60.88 39.26 12.50
C ARG B 379 60.41 37.96 13.14
N SER B 380 61.36 37.09 13.50
CA SER B 380 61.06 35.85 14.24
C SER B 380 60.02 35.01 13.51
N VAL B 381 60.28 34.73 12.23
CA VAL B 381 59.44 33.88 11.42
C VAL B 381 60.30 32.75 10.87
N SER B 382 59.97 31.52 11.23
CA SER B 382 60.66 30.36 10.68
C SER B 382 60.07 29.99 9.34
N ILE B 383 60.94 29.50 8.46
CA ILE B 383 60.52 29.06 7.13
C ILE B 383 60.38 27.55 7.14
N ALA B 384 59.30 27.07 6.53
CA ALA B 384 59.01 25.63 6.48
C ALA B 384 59.48 24.99 5.18
N GLU B 385 59.53 25.74 4.09
CA GLU B 385 59.90 25.18 2.80
C GLU B 385 60.30 26.29 1.85
N VAL B 386 61.28 26.02 1.00
CA VAL B 386 61.69 26.96 -0.04
C VAL B 386 61.97 26.20 -1.32
N ARG B 387 61.71 26.86 -2.46
CA ARG B 387 62.02 26.31 -3.77
C ARG B 387 62.54 27.42 -4.66
N GLN B 388 63.66 27.15 -5.35
CA GLN B 388 64.36 28.16 -6.13
C GLN B 388 64.86 27.55 -7.43
N GLU B 389 64.60 28.23 -8.54
CA GLU B 389 65.07 27.80 -9.85
C GLU B 389 65.21 29.04 -10.72
N GLY B 390 65.77 28.85 -11.92
CA GLY B 390 65.99 29.94 -12.84
C GLY B 390 64.86 30.10 -13.84
N ILE B 391 64.75 31.32 -14.37
CA ILE B 391 63.79 31.62 -15.42
C ILE B 391 64.55 31.72 -16.75
N ASP B 392 63.82 31.52 -17.85
CA ASP B 392 64.37 31.65 -19.19
C ASP B 392 63.96 33.00 -19.78
N ASP B 393 64.93 33.70 -20.36
CA ASP B 393 64.68 34.99 -21.01
C ASP B 393 63.79 34.81 -22.23
N ALA B 400 65.53 34.62 -11.29
CA ALA B 400 65.30 33.41 -10.51
C ALA B 400 63.94 33.42 -9.83
N ARG B 401 63.28 32.26 -9.82
CA ARG B 401 61.96 32.10 -9.20
C ARG B 401 62.15 31.58 -7.79
N LEU B 402 61.66 32.32 -6.80
CA LEU B 402 61.83 31.98 -5.39
C LEU B 402 60.46 31.86 -4.74
N VAL B 403 60.17 30.68 -4.20
CA VAL B 403 58.92 30.40 -3.51
C VAL B 403 59.25 30.04 -2.06
N VAL B 404 58.53 30.65 -1.13
CA VAL B 404 58.78 30.49 0.30
C VAL B 404 57.45 30.21 1.00
N VAL B 405 57.44 29.19 1.85
CA VAL B 405 56.30 28.89 2.70
C VAL B 405 56.75 28.95 4.14
N THR B 406 56.05 29.74 4.94
CA THR B 406 56.43 29.98 6.32
C THR B 406 55.72 29.01 7.26
N HIS B 407 56.20 28.95 8.50
CA HIS B 407 55.45 28.34 9.58
C HIS B 407 54.44 29.35 10.13
N LYS B 408 53.71 28.95 11.16
CA LYS B 408 52.70 29.84 11.71
C LYS B 408 53.35 31.10 12.28
N ALA B 409 52.64 32.22 12.13
CA ALA B 409 53.10 33.52 12.59
C ALA B 409 51.94 34.49 12.43
N THR B 410 52.01 35.60 13.13
CA THR B 410 50.93 36.57 13.10
C THR B 410 50.86 37.21 11.72
N ASP B 411 49.65 37.50 11.26
CA ASP B 411 49.47 38.15 9.97
C ASP B 411 50.30 39.43 9.90
N ALA B 412 50.41 40.15 11.02
CA ALA B 412 51.13 41.41 11.04
C ALA B 412 52.61 41.22 10.74
N ALA B 413 53.23 40.22 11.39
CA ALA B 413 54.65 39.95 11.12
C ALA B 413 54.85 39.55 9.67
N LEU B 414 53.96 38.71 9.15
CA LEU B 414 54.10 38.25 7.76
C LEU B 414 53.90 39.41 6.80
N SER B 415 52.98 40.33 7.10
CA SER B 415 52.82 41.51 6.26
C SER B 415 54.09 42.36 6.28
N GLU B 416 54.66 42.58 7.47
CA GLU B 416 55.89 43.36 7.57
C GLU B 416 57.01 42.72 6.77
N THR B 417 57.14 41.39 6.84
CA THR B 417 58.18 40.71 6.08
C THR B 417 57.97 40.88 4.59
N VAL B 418 56.73 40.73 4.12
CA VAL B 418 56.45 40.89 2.69
C VAL B 418 56.87 42.28 2.23
N LYS B 419 56.50 43.31 3.00
CA LYS B 419 56.93 44.67 2.67
C LYS B 419 58.45 44.76 2.61
N ALA B 420 59.13 44.23 3.63
CA ALA B 420 60.59 44.25 3.61
C ALA B 420 61.14 43.55 2.37
N LEU B 421 60.51 42.43 1.98
CA LEU B 421 60.98 41.72 0.79
C LEU B 421 60.81 42.55 -0.46
N ALA B 422 59.65 43.20 -0.61
CA ALA B 422 59.42 44.02 -1.81
C ALA B 422 60.46 45.12 -1.92
N SER B 423 60.88 45.69 -0.80
CA SER B 423 61.88 46.75 -0.78
C SER B 423 63.31 46.24 -0.86
N LEU B 424 63.52 44.92 -0.88
CA LEU B 424 64.86 44.39 -1.00
C LEU B 424 65.39 44.60 -2.41
N ASP B 425 66.70 44.82 -2.51
CA ASP B 425 67.33 44.98 -3.81
C ASP B 425 67.30 43.69 -4.61
N VAL B 426 67.62 42.56 -3.97
CA VAL B 426 67.68 41.29 -4.67
C VAL B 426 66.31 40.84 -5.16
N VAL B 427 65.23 41.42 -4.65
CA VAL B 427 63.87 40.99 -5.00
C VAL B 427 63.38 41.88 -6.14
N GLN B 428 63.22 41.29 -7.32
CA GLN B 428 62.71 42.06 -8.46
C GLN B 428 61.24 42.41 -8.27
N SER B 429 60.45 41.49 -7.72
CA SER B 429 59.03 41.73 -7.52
C SER B 429 58.43 40.61 -6.69
N VAL B 430 57.45 40.97 -5.86
CA VAL B 430 56.62 39.99 -5.15
C VAL B 430 55.42 39.70 -6.03
N ASP B 431 55.40 38.51 -6.63
CA ASP B 431 54.39 38.18 -7.62
C ASP B 431 53.11 37.61 -7.01
N SER B 432 53.20 36.91 -5.88
CA SER B 432 52.01 36.31 -5.30
C SER B 432 52.22 36.11 -3.80
N VAL B 433 51.20 36.44 -3.01
CA VAL B 433 51.21 36.23 -1.57
C VAL B 433 49.84 35.67 -1.20
N ILE B 434 49.80 34.43 -0.74
CA ILE B 434 48.55 33.75 -0.40
C ILE B 434 48.75 33.04 0.93
N ARG B 435 47.77 33.16 1.82
CA ARG B 435 47.82 32.48 3.10
C ARG B 435 47.64 30.98 2.90
N MET B 436 47.93 30.22 3.95
CA MET B 436 47.81 28.77 3.92
C MET B 436 47.17 28.29 5.21
N GLU B 437 46.01 27.65 5.08
CA GLU B 437 45.22 27.17 6.20
C GLU B 437 45.07 25.66 6.10
N GLY B 438 44.37 25.09 7.08
CA GLY B 438 44.27 23.64 7.18
C GLY B 438 45.51 23.07 7.85
N THR B 439 46.31 22.32 7.11
CA THR B 439 47.60 21.82 7.61
C THR B 439 47.48 21.32 9.04
N LYS C 7 -8.11 -46.32 -20.50
CA LYS C 7 -7.49 -46.85 -19.30
C LYS C 7 -8.14 -46.29 -18.03
N PRO C 8 -8.26 -47.12 -16.98
CA PRO C 8 -8.89 -46.63 -15.75
C PRO C 8 -8.12 -45.49 -15.12
N ILE C 9 -8.81 -44.76 -14.25
CA ILE C 9 -8.23 -43.67 -13.47
C ILE C 9 -8.29 -44.08 -12.00
N GLY C 10 -7.14 -44.04 -11.34
CA GLY C 10 -7.06 -44.45 -9.95
C GLY C 10 -7.21 -43.27 -9.00
N VAL C 11 -7.92 -43.49 -7.90
CA VAL C 11 -8.18 -42.46 -6.91
C VAL C 11 -7.68 -42.95 -5.57
N ALA C 12 -7.13 -42.03 -4.77
CA ALA C 12 -6.71 -42.31 -3.41
C ALA C 12 -7.32 -41.25 -2.51
N VAL C 13 -8.19 -41.67 -1.61
CA VAL C 13 -8.88 -40.76 -0.69
C VAL C 13 -8.19 -40.82 0.66
N LEU C 14 -7.63 -39.68 1.07
CA LEU C 14 -6.92 -39.58 2.35
C LEU C 14 -7.90 -39.06 3.40
N GLY C 15 -8.33 -39.95 4.29
CA GLY C 15 -9.29 -39.60 5.32
C GLY C 15 -10.61 -40.29 5.04
N LEU C 16 -11.22 -40.80 6.10
CA LEU C 16 -12.50 -41.49 5.99
C LEU C 16 -13.46 -40.97 7.06
N GLY C 17 -13.49 -39.65 7.21
CA GLY C 17 -14.33 -38.99 8.20
C GLY C 17 -15.65 -38.51 7.62
N ASN C 18 -16.10 -37.35 8.09
CA ASN C 18 -17.38 -36.81 7.65
C ASN C 18 -17.43 -36.68 6.14
N VAL C 19 -16.36 -36.20 5.52
CA VAL C 19 -16.33 -35.97 4.08
C VAL C 19 -15.75 -37.18 3.34
N GLY C 20 -14.67 -37.76 3.86
CA GLY C 20 -14.08 -38.91 3.19
C GLY C 20 -15.05 -40.05 3.01
N SER C 21 -15.84 -40.34 4.04
CA SER C 21 -16.81 -41.44 3.95
C SER C 21 -17.79 -41.20 2.82
N GLU C 22 -18.29 -39.96 2.66
CA GLU C 22 -19.22 -39.66 1.59
C GLU C 22 -18.54 -39.77 0.23
N VAL C 23 -17.29 -39.31 0.11
CA VAL C 23 -16.58 -39.39 -1.16
C VAL C 23 -16.45 -40.84 -1.60
N VAL C 24 -15.95 -41.70 -0.71
CA VAL C 24 -15.83 -43.12 -1.04
C VAL C 24 -17.19 -43.69 -1.42
N ARG C 25 -18.22 -43.41 -0.62
CA ARG C 25 -19.55 -43.93 -0.89
C ARG C 25 -19.99 -43.55 -2.31
N ILE C 26 -19.66 -42.33 -2.74
CA ILE C 26 -20.07 -41.87 -4.06
C ILE C 26 -19.25 -42.58 -5.14
N ILE C 27 -17.93 -42.66 -4.95
CA ILE C 27 -17.07 -43.31 -5.95
C ILE C 27 -17.53 -44.74 -6.19
N ASP C 28 -18.17 -45.36 -5.21
CA ASP C 28 -18.64 -46.73 -5.33
C ASP C 28 -20.05 -46.80 -5.91
N GLU C 29 -21.00 -46.10 -5.28
CA GLU C 29 -22.41 -46.26 -5.61
C GLU C 29 -22.77 -45.67 -6.97
N SER C 30 -21.98 -44.72 -7.48
CA SER C 30 -22.24 -44.11 -8.77
C SER C 30 -21.11 -44.37 -9.75
N ALA C 31 -20.38 -45.48 -9.55
CA ALA C 31 -19.23 -45.78 -10.38
C ALA C 31 -19.58 -45.78 -11.87
N THR C 32 -20.80 -46.19 -12.22
CA THR C 32 -21.19 -46.26 -13.62
C THR C 32 -21.34 -44.87 -14.21
N ASP C 33 -22.11 -44.00 -13.57
CA ASP C 33 -22.27 -42.63 -14.06
C ASP C 33 -20.93 -41.91 -14.10
N LEU C 34 -20.15 -42.04 -13.02
CA LEU C 34 -18.84 -41.39 -12.97
C LEU C 34 -17.99 -41.78 -14.16
N ALA C 35 -17.90 -43.09 -14.45
CA ALA C 35 -17.14 -43.54 -15.60
C ALA C 35 -17.70 -42.93 -16.89
N ALA C 36 -19.03 -43.00 -17.05
CA ALA C 36 -19.65 -42.49 -18.27
C ALA C 36 -19.35 -41.02 -18.49
N ARG C 37 -19.25 -40.25 -17.40
CA ARG C 37 -18.95 -38.82 -17.53
C ARG C 37 -17.47 -38.53 -17.63
N ILE C 38 -16.60 -39.46 -17.22
CA ILE C 38 -15.17 -39.25 -17.31
C ILE C 38 -14.61 -39.77 -18.63
N GLY C 39 -15.23 -40.76 -19.23
CA GLY C 39 -14.72 -41.41 -20.42
C GLY C 39 -13.96 -42.69 -20.15
N ALA C 40 -13.57 -42.94 -18.91
CA ALA C 40 -12.88 -44.17 -18.54
C ALA C 40 -13.21 -44.48 -17.09
N PRO C 41 -13.09 -45.74 -16.68
CA PRO C 41 -13.53 -46.11 -15.32
C PRO C 41 -12.75 -45.40 -14.24
N LEU C 42 -13.48 -45.01 -13.18
CA LEU C 42 -12.90 -44.39 -12.00
C LEU C 42 -12.83 -45.44 -10.89
N GLN C 43 -11.62 -45.87 -10.54
CA GLN C 43 -11.42 -46.98 -9.63
C GLN C 43 -10.66 -46.53 -8.39
N LEU C 44 -11.26 -46.77 -7.22
CA LEU C 44 -10.61 -46.42 -5.97
C LEU C 44 -9.49 -47.40 -5.66
N ARG C 45 -8.32 -46.89 -5.29
CA ARG C 45 -7.15 -47.71 -5.03
C ARG C 45 -6.86 -47.89 -3.55
N GLY C 46 -7.18 -46.92 -2.71
CA GLY C 46 -6.89 -47.05 -1.29
C GLY C 46 -7.47 -45.87 -0.53
N ILE C 47 -7.51 -46.02 0.79
CA ILE C 47 -8.06 -45.02 1.70
C ILE C 47 -7.06 -44.78 2.81
N GLY C 48 -6.50 -43.58 2.87
CA GLY C 48 -5.54 -43.23 3.91
C GLY C 48 -6.24 -42.92 5.21
N VAL C 49 -5.77 -43.54 6.29
CA VAL C 49 -6.40 -43.43 7.60
C VAL C 49 -5.33 -43.70 8.66
N ARG C 50 -5.66 -43.38 9.92
CA ARG C 50 -4.77 -43.67 11.04
C ARG C 50 -5.12 -44.99 11.72
N ARG C 51 -6.40 -45.23 11.97
CA ARG C 51 -6.88 -46.46 12.60
C ARG C 51 -7.35 -47.42 11.52
N VAL C 52 -6.68 -48.56 11.40
CA VAL C 52 -7.01 -49.57 10.40
C VAL C 52 -7.88 -50.62 11.08
N SER C 53 -9.16 -50.66 10.73
CA SER C 53 -10.12 -51.54 11.37
C SER C 53 -11.15 -52.01 10.35
N ALA C 54 -11.90 -53.05 10.73
CA ALA C 54 -12.95 -53.59 9.89
C ALA C 54 -14.33 -53.02 10.20
N ASP C 55 -14.43 -52.14 11.21
CA ASP C 55 -15.70 -51.54 11.59
C ASP C 55 -15.79 -50.09 11.11
N ARG C 56 -15.38 -49.85 9.87
CA ARG C 56 -15.42 -48.52 9.27
C ARG C 56 -16.23 -48.51 7.97
N GLY C 57 -17.20 -49.41 7.88
CA GLY C 57 -18.07 -49.47 6.70
C GLY C 57 -17.32 -49.73 5.42
N VAL C 58 -16.08 -50.17 5.50
CA VAL C 58 -15.24 -50.41 4.33
C VAL C 58 -14.37 -51.63 4.56
N PRO C 59 -14.12 -52.43 3.53
CA PRO C 59 -13.21 -53.56 3.69
C PRO C 59 -11.85 -53.09 4.17
N VAL C 60 -11.23 -53.89 5.05
CA VAL C 60 -9.96 -53.49 5.63
C VAL C 60 -8.85 -53.48 4.59
N GLU C 61 -9.01 -54.25 3.50
CA GLU C 61 -7.99 -54.31 2.47
C GLU C 61 -7.70 -52.95 1.86
N LEU C 62 -8.62 -52.00 2.00
CA LEU C 62 -8.42 -50.66 1.44
C LEU C 62 -7.73 -49.72 2.41
N LEU C 63 -7.91 -49.92 3.71
CA LEU C 63 -7.36 -48.99 4.69
C LEU C 63 -5.84 -49.12 4.75
N THR C 64 -5.17 -47.98 4.92
CA THR C 64 -3.71 -47.93 4.96
C THR C 64 -3.32 -46.67 5.74
N ASP C 65 -2.29 -46.79 6.57
CA ASP C 65 -1.78 -45.64 7.32
C ASP C 65 -0.46 -45.12 6.75
N ASN C 66 0.08 -45.74 5.71
CA ASN C 66 1.25 -45.23 5.01
C ASN C 66 0.77 -44.31 3.89
N ILE C 67 0.64 -43.02 4.22
CA ILE C 67 0.11 -42.07 3.25
C ILE C 67 1.07 -41.89 2.09
N GLU C 68 2.38 -41.83 2.37
CA GLU C 68 3.37 -41.59 1.32
C GLU C 68 3.33 -42.69 0.26
N GLU C 69 3.20 -43.94 0.68
CA GLU C 69 3.11 -45.03 -0.28
C GLU C 69 1.87 -44.89 -1.16
N LEU C 70 0.73 -44.54 -0.55
CA LEU C 70 -0.53 -44.50 -1.29
C LEU C 70 -0.51 -43.43 -2.37
N VAL C 71 -0.10 -42.20 -2.02
CA VAL C 71 -0.03 -41.13 -3.00
C VAL C 71 1.08 -41.35 -4.02
N SER C 72 1.99 -42.30 -3.77
CA SER C 72 3.09 -42.58 -4.67
C SER C 72 2.84 -43.76 -5.61
N ARG C 73 1.81 -44.56 -5.35
CA ARG C 73 1.50 -45.68 -6.22
C ARG C 73 1.38 -45.23 -7.66
N ASP C 74 1.73 -46.12 -8.58
CA ASP C 74 1.65 -45.79 -10.00
C ASP C 74 0.23 -45.95 -10.54
N ASP C 75 -0.53 -46.93 -10.01
CA ASP C 75 -1.91 -47.13 -10.44
C ASP C 75 -2.86 -46.07 -9.92
N VAL C 76 -2.35 -45.04 -9.24
CA VAL C 76 -3.14 -43.91 -8.79
C VAL C 76 -2.96 -42.76 -9.77
N ASP C 77 -3.93 -41.88 -9.83
CA ASP C 77 -3.88 -40.69 -10.68
C ASP C 77 -4.32 -39.43 -9.93
N ILE C 78 -5.28 -39.54 -9.03
CA ILE C 78 -5.79 -38.42 -8.26
C ILE C 78 -5.69 -38.75 -6.78
N VAL C 79 -5.31 -37.76 -5.99
CA VAL C 79 -5.24 -37.88 -4.54
C VAL C 79 -6.22 -36.88 -3.93
N VAL C 80 -7.13 -37.37 -3.10
CA VAL C 80 -8.16 -36.55 -2.48
C VAL C 80 -7.78 -36.38 -1.02
N GLU C 81 -7.26 -35.20 -0.67
CA GLU C 81 -6.82 -34.91 0.69
C GLU C 81 -8.03 -34.46 1.52
N LEU C 82 -8.47 -35.31 2.44
CA LEU C 82 -9.57 -34.99 3.35
C LEU C 82 -9.16 -35.26 4.79
N MET C 83 -7.88 -35.05 5.10
CA MET C 83 -7.39 -35.11 6.46
C MET C 83 -7.41 -33.71 7.05
N GLY C 84 -7.71 -33.62 8.34
CA GLY C 84 -7.81 -32.34 9.01
C GLY C 84 -6.52 -31.55 8.99
N PRO C 85 -5.52 -32.02 9.73
CA PRO C 85 -4.35 -31.18 10.01
C PRO C 85 -3.64 -30.72 8.75
N VAL C 86 -2.87 -29.64 8.90
CA VAL C 86 -2.28 -28.98 7.74
C VAL C 86 -0.90 -29.52 7.40
N GLU C 87 -0.13 -29.98 8.39
CA GLU C 87 1.21 -30.47 8.08
C GLU C 87 1.19 -31.79 7.33
N PRO C 88 0.43 -32.81 7.76
CA PRO C 88 0.30 -34.00 6.92
C PRO C 88 -0.31 -33.69 5.57
N ALA C 89 -1.32 -32.82 5.53
CA ALA C 89 -1.95 -32.46 4.27
C ALA C 89 -0.93 -31.84 3.31
N ARG C 90 -0.12 -30.89 3.80
CA ARG C 90 0.91 -30.29 2.96
C ARG C 90 1.92 -31.34 2.51
N LYS C 91 2.38 -32.20 3.42
CA LYS C 91 3.37 -33.20 3.07
C LYS C 91 2.82 -34.15 2.00
N ALA C 92 1.58 -34.61 2.16
CA ALA C 92 1.01 -35.55 1.21
C ALA C 92 0.75 -34.88 -0.14
N ILE C 93 0.22 -33.64 -0.13
CA ILE C 93 -0.05 -32.95 -1.39
C ILE C 93 1.23 -32.69 -2.15
N LEU C 94 2.31 -32.33 -1.43
CA LEU C 94 3.58 -32.06 -2.10
C LEU C 94 4.14 -33.32 -2.76
N THR C 95 4.32 -34.39 -1.98
CA THR C 95 4.87 -35.61 -2.55
C THR C 95 3.95 -36.21 -3.60
N ALA C 96 2.66 -35.90 -3.55
CA ALA C 96 1.73 -36.39 -4.57
C ALA C 96 1.87 -35.59 -5.85
N LEU C 97 1.91 -34.26 -5.75
CA LEU C 97 2.11 -33.43 -6.93
C LEU C 97 3.48 -33.70 -7.56
N GLU C 98 4.52 -33.81 -6.73
CA GLU C 98 5.86 -34.05 -7.25
C GLU C 98 5.95 -35.34 -8.04
N GLN C 99 5.11 -36.32 -7.71
CA GLN C 99 5.08 -37.59 -8.41
C GLN C 99 3.96 -37.67 -9.43
N GLY C 100 3.47 -36.53 -9.91
CA GLY C 100 2.53 -36.48 -11.00
C GLY C 100 1.12 -36.95 -10.66
N LYS C 101 0.59 -36.51 -9.53
CA LYS C 101 -0.75 -36.86 -9.09
C LYS C 101 -1.58 -35.59 -8.94
N SER C 102 -2.69 -35.51 -9.66
CA SER C 102 -3.63 -34.42 -9.45
C SER C 102 -4.18 -34.49 -8.03
N VAL C 103 -4.34 -33.33 -7.42
CA VAL C 103 -4.77 -33.23 -6.03
C VAL C 103 -6.11 -32.53 -5.97
N VAL C 104 -7.05 -33.12 -5.24
CA VAL C 104 -8.33 -32.52 -4.94
C VAL C 104 -8.41 -32.41 -3.43
N THR C 105 -8.51 -31.19 -2.92
CA THR C 105 -8.54 -30.96 -1.48
C THR C 105 -9.77 -30.14 -1.11
N ALA C 106 -10.06 -30.12 0.19
CA ALA C 106 -11.11 -29.28 0.75
C ALA C 106 -10.58 -28.48 1.93
N ASN C 107 -9.26 -28.29 2.00
CA ASN C 107 -8.60 -27.82 3.22
C ASN C 107 -8.60 -26.30 3.24
N LYS C 108 -9.50 -25.72 4.03
CA LYS C 108 -9.56 -24.26 4.18
C LYS C 108 -8.25 -23.72 4.73
N ALA C 109 -7.77 -24.29 5.84
CA ALA C 109 -6.60 -23.74 6.50
C ALA C 109 -5.37 -23.81 5.61
N LEU C 110 -5.19 -24.95 4.92
CA LEU C 110 -4.02 -25.10 4.07
C LEU C 110 -4.01 -24.06 2.96
N MET C 111 -5.13 -23.91 2.25
CA MET C 111 -5.20 -22.94 1.15
C MET C 111 -5.12 -21.50 1.66
N SER C 112 -5.60 -21.24 2.88
CA SER C 112 -5.63 -19.88 3.38
C SER C 112 -4.28 -19.37 3.85
N VAL C 113 -3.37 -20.28 4.21
CA VAL C 113 -2.01 -19.89 4.55
C VAL C 113 -1.04 -20.12 3.39
N SER C 114 -1.38 -20.98 2.43
CA SER C 114 -0.50 -21.29 1.33
C SER C 114 0.02 -20.02 0.66
N THR C 115 1.33 -20.01 0.38
CA THR C 115 2.00 -18.87 -0.22
C THR C 115 2.20 -19.05 -1.72
N GLY C 116 1.52 -20.02 -2.33
CA GLY C 116 1.70 -20.33 -3.74
C GLY C 116 2.60 -21.51 -4.01
N GLU C 117 3.21 -22.09 -2.98
CA GLU C 117 4.13 -23.20 -3.21
C GLU C 117 3.41 -24.40 -3.82
N LEU C 118 2.20 -24.70 -3.33
CA LEU C 118 1.49 -25.88 -3.83
C LEU C 118 1.10 -25.70 -5.29
N ALA C 119 0.60 -24.52 -5.67
CA ALA C 119 0.26 -24.26 -7.06
C ALA C 119 1.51 -24.28 -7.94
N GLN C 120 2.62 -23.77 -7.40
CA GLN C 120 3.89 -23.84 -8.14
C GLN C 120 4.28 -25.29 -8.41
N ALA C 121 4.16 -26.15 -7.41
CA ALA C 121 4.52 -27.55 -7.59
C ALA C 121 3.63 -28.23 -8.62
N ALA C 122 2.32 -27.98 -8.55
CA ALA C 122 1.39 -28.60 -9.48
C ALA C 122 1.67 -28.14 -10.90
N GLU C 123 1.87 -26.83 -11.10
CA GLU C 123 2.18 -26.32 -12.43
C GLU C 123 3.48 -26.91 -12.95
N ALA C 124 4.44 -27.14 -12.07
CA ALA C 124 5.70 -27.75 -12.49
C ALA C 124 5.47 -29.15 -13.04
N ALA C 125 4.70 -29.97 -12.33
CA ALA C 125 4.42 -31.33 -12.76
C ALA C 125 3.37 -31.41 -13.86
N HIS C 126 2.85 -30.28 -14.33
CA HIS C 126 1.80 -30.26 -15.35
C HIS C 126 0.61 -31.11 -14.88
N VAL C 127 0.01 -30.67 -13.77
CA VAL C 127 -1.06 -31.40 -13.11
C VAL C 127 -2.00 -30.42 -12.43
N ASP C 128 -3.22 -30.89 -12.15
CA ASP C 128 -4.28 -30.06 -11.57
C ASP C 128 -4.19 -30.01 -10.06
N LEU C 129 -4.65 -28.90 -9.49
CA LEU C 129 -4.80 -28.76 -8.04
C LEU C 129 -6.14 -28.07 -7.79
N TYR C 130 -7.19 -28.86 -7.52
CA TYR C 130 -8.54 -28.35 -7.35
C TYR C 130 -8.89 -28.31 -5.87
N PHE C 131 -9.59 -27.25 -5.46
CA PHE C 131 -9.92 -27.04 -4.06
C PHE C 131 -11.26 -26.33 -3.91
N GLU C 132 -12.25 -26.72 -4.72
CA GLU C 132 -13.56 -26.08 -4.66
C GLU C 132 -14.22 -26.29 -3.30
N ALA C 133 -14.14 -27.51 -2.76
CA ALA C 133 -14.78 -27.84 -1.51
C ALA C 133 -14.28 -27.00 -0.34
N ALA C 134 -13.20 -26.23 -0.53
CA ALA C 134 -12.66 -25.44 0.56
C ALA C 134 -13.58 -24.31 0.97
N VAL C 135 -14.45 -23.83 0.09
CA VAL C 135 -15.28 -22.69 0.40
C VAL C 135 -16.72 -22.97 -0.02
N ALA C 136 -17.64 -22.89 0.95
CA ALA C 136 -19.07 -22.85 0.73
C ALA C 136 -19.68 -24.23 0.51
N GLY C 137 -19.05 -25.26 1.08
CA GLY C 137 -19.61 -26.60 1.01
C GLY C 137 -19.92 -27.06 -0.40
N ALA C 138 -21.20 -27.10 -0.77
CA ALA C 138 -21.60 -27.51 -2.11
C ALA C 138 -21.84 -26.34 -3.05
N ILE C 139 -21.85 -25.11 -2.55
CA ILE C 139 -22.08 -23.95 -3.40
C ILE C 139 -20.89 -23.78 -4.33
N PRO C 140 -21.08 -23.79 -5.66
CA PRO C 140 -19.97 -23.46 -6.55
C PRO C 140 -19.62 -21.98 -6.47
N VAL C 141 -18.48 -21.66 -5.86
CA VAL C 141 -18.00 -20.28 -5.74
C VAL C 141 -16.62 -20.11 -6.34
N ILE C 142 -15.70 -21.03 -6.08
CA ILE C 142 -14.34 -20.90 -6.59
C ILE C 142 -14.33 -21.07 -8.11
N ARG C 143 -14.98 -22.13 -8.61
CA ARG C 143 -14.94 -22.37 -10.05
C ARG C 143 -15.60 -21.24 -10.84
N PRO C 144 -16.71 -20.64 -10.38
CA PRO C 144 -17.22 -19.44 -11.07
C PRO C 144 -16.27 -18.26 -11.03
N LEU C 145 -15.62 -18.00 -9.89
CA LEU C 145 -14.74 -16.84 -9.78
C LEU C 145 -13.44 -17.01 -10.55
N THR C 146 -13.01 -18.24 -10.81
CA THR C 146 -11.79 -18.48 -11.57
C THR C 146 -12.04 -18.64 -13.06
N GLN C 147 -13.24 -19.03 -13.45
CA GLN C 147 -13.55 -19.32 -14.85
C GLN C 147 -14.65 -18.44 -15.41
N SER C 148 -15.82 -18.41 -14.78
CA SER C 148 -16.96 -17.71 -15.37
C SER C 148 -16.76 -16.20 -15.33
N LEU C 149 -16.14 -15.68 -14.27
CA LEU C 149 -15.86 -14.26 -14.15
C LEU C 149 -14.43 -13.90 -14.55
N ALA C 150 -13.74 -14.79 -15.26
CA ALA C 150 -12.35 -14.56 -15.60
C ALA C 150 -12.17 -13.44 -16.61
N GLY C 151 -13.23 -13.10 -17.35
CA GLY C 151 -13.15 -12.03 -18.33
C GLY C 151 -13.85 -10.77 -17.86
N ASP C 152 -14.10 -10.69 -16.56
CA ASP C 152 -14.82 -9.59 -15.93
C ASP C 152 -13.95 -8.98 -14.83
N THR C 153 -14.47 -7.95 -14.18
CA THR C 153 -13.79 -7.27 -13.08
C THR C 153 -14.68 -7.38 -11.84
N VAL C 154 -14.31 -8.29 -10.93
CA VAL C 154 -15.02 -8.43 -9.67
C VAL C 154 -14.57 -7.32 -8.74
N THR C 155 -15.53 -6.66 -8.09
CA THR C 155 -15.24 -5.56 -7.19
C THR C 155 -15.60 -5.84 -5.74
N ARG C 156 -16.39 -6.88 -5.47
CA ARG C 156 -16.86 -7.16 -4.12
C ARG C 156 -17.29 -8.61 -4.05
N VAL C 157 -16.83 -9.31 -3.01
CA VAL C 157 -17.28 -10.66 -2.69
C VAL C 157 -17.59 -10.68 -1.21
N ALA C 158 -18.86 -10.88 -0.87
CA ALA C 158 -19.28 -10.81 0.52
C ALA C 158 -20.42 -11.78 0.74
N GLY C 159 -20.57 -12.22 1.98
CA GLY C 159 -21.73 -13.04 2.31
C GLY C 159 -21.51 -13.80 3.61
N ILE C 160 -22.32 -14.85 3.76
CA ILE C 160 -22.32 -15.71 4.93
C ILE C 160 -21.66 -17.03 4.53
N VAL C 161 -20.57 -17.38 5.21
CA VAL C 161 -19.72 -18.48 4.75
C VAL C 161 -19.45 -19.48 5.85
N ASN C 162 -20.21 -19.40 6.95
CA ASN C 162 -20.02 -20.29 8.08
C ASN C 162 -21.40 -20.71 8.57
N GLY C 163 -21.72 -22.00 8.44
CA GLY C 163 -23.03 -22.48 8.83
C GLY C 163 -23.27 -22.41 10.33
N THR C 164 -22.26 -22.80 11.12
CA THR C 164 -22.44 -22.88 12.57
C THR C 164 -22.86 -21.53 13.14
N THR C 165 -22.05 -20.49 12.90
CA THR C 165 -22.37 -19.18 13.44
C THR C 165 -23.71 -18.66 12.92
N ASN C 166 -24.04 -18.97 11.66
CA ASN C 166 -25.31 -18.49 11.12
C ASN C 166 -26.50 -19.17 11.80
N TYR C 167 -26.35 -20.45 12.11
CA TYR C 167 -27.41 -21.16 12.85
C TYR C 167 -27.57 -20.60 14.25
N ILE C 168 -26.46 -20.33 14.94
CA ILE C 168 -26.53 -19.74 16.27
C ILE C 168 -27.25 -18.39 16.22
N LEU C 169 -26.76 -17.48 15.38
CA LEU C 169 -27.35 -16.15 15.33
C LEU C 169 -28.80 -16.19 14.89
N SER C 170 -29.12 -17.05 13.92
CA SER C 170 -30.51 -17.19 13.51
C SER C 170 -31.38 -17.63 14.67
N ALA C 171 -30.90 -18.60 15.46
CA ALA C 171 -31.67 -19.05 16.62
C ALA C 171 -31.86 -17.90 17.61
N MET C 172 -30.80 -17.12 17.86
CA MET C 172 -30.92 -16.00 18.79
C MET C 172 -31.95 -14.99 18.30
N ASP C 173 -32.07 -14.83 16.98
CA ASP C 173 -32.99 -13.84 16.42
C ASP C 173 -34.43 -14.35 16.44
N SER C 174 -34.63 -15.65 16.24
CA SER C 174 -35.97 -16.21 16.22
C SER C 174 -36.53 -16.39 17.63
N THR C 175 -35.71 -16.87 18.55
CA THR C 175 -36.16 -17.26 19.87
C THR C 175 -35.78 -16.28 20.97
N GLY C 176 -35.00 -15.25 20.66
CA GLY C 176 -34.54 -14.34 21.68
C GLY C 176 -33.63 -14.95 22.71
N ALA C 177 -33.14 -16.16 22.46
CA ALA C 177 -32.27 -16.84 23.41
C ALA C 177 -30.95 -16.10 23.58
N ASP C 178 -30.32 -16.31 24.71
CA ASP C 178 -28.99 -15.76 24.95
C ASP C 178 -27.95 -16.57 24.20
N TYR C 179 -26.77 -15.95 24.03
CA TYR C 179 -25.71 -16.61 23.27
C TYR C 179 -25.42 -18.00 23.81
N GLY C 180 -25.30 -18.13 25.14
CA GLY C 180 -24.94 -19.41 25.73
C GLY C 180 -25.95 -20.50 25.43
N ASP C 181 -27.24 -20.17 25.51
CA ASP C 181 -28.28 -21.17 25.25
C ASP C 181 -28.30 -21.56 23.77
N ALA C 182 -28.16 -20.57 22.88
CA ALA C 182 -28.15 -20.88 21.46
C ALA C 182 -26.97 -21.77 21.09
N LEU C 183 -25.78 -21.43 21.56
CA LEU C 183 -24.61 -22.27 21.32
C LEU C 183 -24.82 -23.67 21.88
N ALA C 184 -25.46 -23.76 23.05
CA ALA C 184 -25.72 -25.06 23.67
C ALA C 184 -26.61 -25.91 22.77
N GLU C 185 -27.79 -25.40 22.44
CA GLU C 185 -28.70 -26.14 21.57
C GLU C 185 -28.02 -26.50 20.25
N ALA C 186 -27.18 -25.61 19.74
CA ALA C 186 -26.48 -25.88 18.49
C ALA C 186 -25.57 -27.09 18.62
N SER C 187 -24.67 -27.06 19.61
CA SER C 187 -23.75 -28.17 19.81
C SER C 187 -24.50 -29.47 20.05
N ALA C 188 -25.62 -29.41 20.77
CA ALA C 188 -26.38 -30.61 21.08
C ALA C 188 -26.94 -31.25 19.82
N LEU C 189 -27.40 -30.43 18.87
CA LEU C 189 -27.95 -30.90 17.61
C LEU C 189 -26.88 -31.07 16.54
N GLY C 190 -25.61 -31.13 16.93
CA GLY C 190 -24.53 -31.44 16.02
C GLY C 190 -24.08 -30.32 15.11
N TYR C 191 -24.66 -29.12 15.26
CA TYR C 191 -24.30 -28.01 14.39
C TYR C 191 -22.96 -27.39 14.73
N ALA C 192 -22.47 -27.59 15.95
CA ALA C 192 -21.18 -27.06 16.38
C ALA C 192 -20.44 -28.15 17.13
N GLU C 193 -19.24 -28.49 16.67
CA GLU C 193 -18.48 -29.51 17.35
C GLU C 193 -17.97 -28.99 18.70
N ALA C 194 -17.38 -29.90 19.47
CA ALA C 194 -17.17 -29.67 20.90
C ALA C 194 -16.45 -28.37 21.18
N ASP C 195 -15.40 -28.08 20.41
CA ASP C 195 -14.61 -26.86 20.57
C ASP C 195 -14.90 -25.94 19.40
N PRO C 196 -15.99 -25.16 19.45
CA PRO C 196 -16.40 -24.39 18.27
C PRO C 196 -15.61 -23.12 18.03
N THR C 197 -14.50 -22.91 18.73
CA THR C 197 -13.73 -21.68 18.57
C THR C 197 -13.44 -21.38 17.11
N ALA C 198 -13.16 -22.41 16.32
CA ALA C 198 -12.90 -22.21 14.90
C ALA C 198 -14.07 -21.51 14.22
N ASP C 199 -15.29 -21.71 14.72
CA ASP C 199 -16.48 -21.10 14.12
C ASP C 199 -16.87 -19.80 14.81
N VAL C 200 -17.08 -19.84 16.14
CA VAL C 200 -17.58 -18.67 16.85
C VAL C 200 -16.55 -17.56 16.98
N GLU C 201 -15.27 -17.86 16.75
CA GLU C 201 -14.24 -16.82 16.76
C GLU C 201 -13.91 -16.31 15.36
N GLY C 202 -14.40 -16.97 14.32
CA GLY C 202 -14.30 -16.46 12.97
C GLY C 202 -13.13 -16.96 12.15
N TYR C 203 -12.37 -17.93 12.66
CA TYR C 203 -11.23 -18.42 11.89
C TYR C 203 -11.68 -19.07 10.59
N ASP C 204 -12.70 -19.91 10.65
CA ASP C 204 -13.23 -20.53 9.45
C ASP C 204 -13.60 -19.47 8.42
N ALA C 205 -14.30 -18.43 8.85
CA ALA C 205 -14.70 -17.37 7.93
C ALA C 205 -13.49 -16.62 7.39
N ALA C 206 -12.52 -16.32 8.25
CA ALA C 206 -11.35 -15.56 7.81
C ALA C 206 -10.55 -16.34 6.77
N ALA C 207 -10.44 -17.66 6.96
CA ALA C 207 -9.72 -18.48 5.98
C ALA C 207 -10.44 -18.48 4.64
N LYS C 208 -11.76 -18.65 4.66
CA LYS C 208 -12.53 -18.62 3.42
C LYS C 208 -12.45 -17.25 2.76
N ALA C 209 -12.45 -16.19 3.58
CA ALA C 209 -12.41 -14.85 3.02
C ALA C 209 -11.10 -14.59 2.30
N ALA C 210 -9.98 -15.06 2.86
CA ALA C 210 -8.69 -14.90 2.19
C ALA C 210 -8.69 -15.62 0.85
N ILE C 211 -9.19 -16.86 0.82
CA ILE C 211 -9.25 -17.61 -0.43
C ILE C 211 -10.07 -16.84 -1.46
N LEU C 212 -11.26 -16.38 -1.06
CA LEU C 212 -12.17 -15.74 -2.01
C LEU C 212 -11.57 -14.44 -2.56
N ALA C 213 -11.05 -13.58 -1.67
CA ALA C 213 -10.49 -12.31 -2.11
C ALA C 213 -9.37 -12.54 -3.13
N SER C 214 -8.49 -13.50 -2.85
CA SER C 214 -7.38 -13.78 -3.77
C SER C 214 -7.89 -14.17 -5.14
N ILE C 215 -8.88 -15.06 -5.19
CA ILE C 215 -9.38 -15.56 -6.47
C ILE C 215 -10.14 -14.48 -7.22
N ALA C 216 -10.88 -13.64 -6.49
CA ALA C 216 -11.71 -12.62 -7.13
C ALA C 216 -10.90 -11.45 -7.67
N PHE C 217 -9.84 -11.07 -6.96
CA PHE C 217 -9.04 -9.90 -7.31
C PHE C 217 -7.68 -10.26 -7.89
N HIS C 218 -7.42 -11.54 -8.12
CA HIS C 218 -6.20 -11.99 -8.80
C HIS C 218 -4.95 -11.46 -8.09
N THR C 219 -4.93 -11.59 -6.78
CA THR C 219 -3.80 -11.16 -5.97
C THR C 219 -3.69 -12.05 -4.74
N ARG C 220 -2.50 -12.07 -4.12
CA ARG C 220 -2.26 -12.96 -2.99
C ARG C 220 -2.75 -12.32 -1.70
N VAL C 221 -3.70 -12.99 -1.04
CA VAL C 221 -4.21 -12.61 0.26
C VAL C 221 -4.15 -13.83 1.16
N THR C 222 -3.72 -13.63 2.41
CA THR C 222 -3.57 -14.71 3.37
C THR C 222 -4.44 -14.43 4.59
N ALA C 223 -4.71 -15.49 5.35
CA ALA C 223 -5.50 -15.36 6.58
C ALA C 223 -4.98 -14.22 7.46
N ASP C 224 -3.66 -14.04 7.49
CA ASP C 224 -3.07 -12.99 8.30
C ASP C 224 -3.42 -11.59 7.80
N ASP C 225 -3.79 -11.44 6.53
CA ASP C 225 -4.26 -10.16 6.03
C ASP C 225 -5.71 -9.86 6.43
N VAL C 226 -6.43 -10.84 6.94
CA VAL C 226 -7.87 -10.76 7.12
C VAL C 226 -8.18 -10.41 8.57
N TYR C 227 -8.78 -9.25 8.79
CA TYR C 227 -9.30 -8.90 10.10
C TYR C 227 -10.38 -9.90 10.52
N ARG C 228 -10.28 -10.38 11.76
CA ARG C 228 -11.09 -11.50 12.23
C ARG C 228 -11.77 -11.11 13.53
N GLU C 229 -13.10 -11.21 13.56
CA GLU C 229 -13.88 -10.93 14.77
C GLU C 229 -15.06 -11.90 14.82
N GLY C 230 -15.27 -12.51 15.99
CA GLY C 230 -16.29 -13.52 16.17
C GLY C 230 -17.59 -12.95 16.69
N ILE C 231 -18.47 -13.86 17.13
CA ILE C 231 -19.80 -13.51 17.61
C ILE C 231 -19.91 -13.60 19.13
N THR C 232 -18.84 -13.97 19.82
CA THR C 232 -18.95 -14.34 21.23
C THR C 232 -19.53 -13.20 22.07
N LYS C 233 -19.37 -11.95 21.65
CA LYS C 233 -19.87 -10.80 22.39
C LYS C 233 -21.22 -10.30 21.87
N VAL C 234 -21.90 -11.08 21.04
CA VAL C 234 -23.21 -10.74 20.53
C VAL C 234 -24.26 -11.27 21.50
N THR C 235 -25.05 -10.37 22.07
CA THR C 235 -25.98 -10.70 23.13
C THR C 235 -27.41 -10.70 22.60
N ALA C 236 -28.34 -11.18 23.44
CA ALA C 236 -29.75 -11.10 23.10
C ALA C 236 -30.22 -9.65 23.05
N ALA C 237 -29.68 -8.81 23.92
CA ALA C 237 -30.01 -7.39 23.89
C ALA C 237 -29.59 -6.76 22.57
N ASP C 238 -28.46 -7.21 22.02
CA ASP C 238 -28.03 -6.71 20.71
C ASP C 238 -29.08 -7.01 19.65
N PHE C 239 -29.58 -8.26 19.61
CA PHE C 239 -30.63 -8.60 18.66
C PHE C 239 -31.90 -7.79 18.93
N ALA C 240 -32.21 -7.52 20.19
CA ALA C 240 -33.34 -6.66 20.52
C ALA C 240 -33.17 -5.28 19.92
N SER C 241 -32.02 -4.65 20.14
CA SER C 241 -31.74 -3.35 19.55
C SER C 241 -31.78 -3.44 18.02
N ALA C 242 -31.22 -4.51 17.46
CA ALA C 242 -31.22 -4.68 16.01
C ALA C 242 -32.64 -4.76 15.48
N ARG C 243 -33.49 -5.56 16.12
CA ARG C 243 -34.90 -5.61 15.73
C ARG C 243 -35.52 -4.22 15.76
N ALA C 244 -35.29 -3.48 16.85
CA ALA C 244 -35.82 -2.13 16.96
C ALA C 244 -35.29 -1.22 15.86
N LEU C 245 -34.09 -1.52 15.35
CA LEU C 245 -33.50 -0.77 14.26
C LEU C 245 -33.81 -1.37 12.90
N GLY C 246 -34.75 -2.32 12.84
CA GLY C 246 -35.09 -2.95 11.59
C GLY C 246 -33.96 -3.76 10.99
N CYS C 247 -33.16 -4.40 11.84
CA CYS C 247 -32.01 -5.17 11.42
C CYS C 247 -31.99 -6.51 12.11
N THR C 248 -31.28 -7.45 11.51
CA THR C 248 -30.80 -8.65 12.18
C THR C 248 -29.28 -8.54 12.33
N ILE C 249 -28.66 -9.60 12.85
CA ILE C 249 -27.21 -9.65 13.01
C ILE C 249 -26.70 -10.90 12.31
N LYS C 250 -25.61 -10.75 11.55
CA LYS C 250 -25.02 -11.84 10.81
C LYS C 250 -23.50 -11.73 10.87
N LEU C 251 -22.83 -12.87 10.73
CA LEU C 251 -21.36 -12.89 10.65
C LEU C 251 -20.98 -12.79 9.18
N LEU C 252 -20.52 -11.62 8.77
CA LEU C 252 -20.25 -11.34 7.37
C LEU C 252 -18.77 -11.49 7.07
N ALA C 253 -18.48 -11.98 5.87
CA ALA C 253 -17.17 -11.89 5.26
C ALA C 253 -17.27 -10.93 4.08
N ILE C 254 -16.34 -9.98 3.99
CA ILE C 254 -16.40 -8.92 2.99
C ILE C 254 -15.03 -8.79 2.32
N CYS C 255 -15.03 -8.81 0.99
CA CYS C 255 -13.80 -8.67 0.20
C CYS C 255 -14.03 -7.58 -0.83
N GLU C 256 -13.36 -6.45 -0.66
CA GLU C 256 -13.60 -5.26 -1.45
C GLU C 256 -12.36 -4.87 -2.23
N ARG C 257 -12.58 -4.46 -3.48
CA ARG C 257 -11.58 -3.73 -4.26
C ARG C 257 -11.80 -2.25 -3.99
N LEU C 258 -10.88 -1.62 -3.25
CA LEU C 258 -11.03 -0.23 -2.85
C LEU C 258 -10.17 0.68 -3.71
N THR C 259 -10.60 1.93 -3.81
CA THR C 259 -9.84 2.99 -4.48
C THR C 259 -9.73 4.18 -3.54
N SER C 260 -8.51 4.66 -3.34
CA SER C 260 -8.28 5.77 -2.44
C SER C 260 -8.71 7.09 -3.08
N ASP C 261 -8.85 8.11 -2.23
CA ASP C 261 -9.18 9.44 -2.73
C ASP C 261 -8.16 9.92 -3.75
N ASP C 262 -6.89 9.52 -3.58
CA ASP C 262 -5.86 9.85 -4.54
C ASP C 262 -5.91 8.99 -5.80
N GLY C 263 -6.76 7.96 -5.82
CA GLY C 263 -6.99 7.20 -7.03
C GLY C 263 -6.22 5.90 -7.17
N HIS C 264 -5.63 5.39 -6.09
CA HIS C 264 -4.86 4.15 -6.13
C HIS C 264 -5.70 3.00 -5.58
N GLN C 265 -5.44 1.80 -6.09
CA GLN C 265 -6.27 0.65 -5.77
C GLN C 265 -5.61 -0.23 -4.71
N SER C 266 -6.47 -0.85 -3.90
CA SER C 266 -6.05 -1.77 -2.85
C SER C 266 -7.15 -2.79 -2.65
N VAL C 267 -6.90 -3.77 -1.79
CA VAL C 267 -7.82 -4.86 -1.53
C VAL C 267 -8.02 -5.01 -0.03
N SER C 268 -9.26 -5.24 0.38
CA SER C 268 -9.61 -5.45 1.78
C SER C 268 -10.29 -6.80 1.96
N ALA C 269 -9.98 -7.46 3.07
CA ALA C 269 -10.62 -8.72 3.44
C ALA C 269 -10.83 -8.73 4.94
N ARG C 270 -12.08 -8.97 5.37
CA ARG C 270 -12.45 -8.83 6.77
C ARG C 270 -13.69 -9.68 7.04
N VAL C 271 -13.78 -10.19 8.26
CA VAL C 271 -14.97 -10.90 8.76
C VAL C 271 -15.31 -10.32 10.12
N TYR C 272 -16.59 -10.02 10.35
CA TYR C 272 -16.99 -9.50 11.65
C TYR C 272 -18.52 -9.58 11.77
N PRO C 273 -19.04 -9.45 12.99
CA PRO C 273 -20.49 -9.32 13.16
C PRO C 273 -20.97 -7.97 12.64
N ALA C 274 -22.15 -7.98 12.03
CA ALA C 274 -22.66 -6.76 11.43
C ALA C 274 -24.18 -6.74 11.49
N LEU C 275 -24.74 -5.59 11.89
CA LEU C 275 -26.17 -5.38 11.75
C LEU C 275 -26.52 -5.24 10.27
N VAL C 276 -27.50 -6.01 9.83
CA VAL C 276 -27.93 -5.98 8.44
C VAL C 276 -29.44 -5.69 8.42
N PRO C 277 -29.91 -4.79 7.57
CA PRO C 277 -31.35 -4.50 7.55
C PRO C 277 -32.14 -5.72 7.11
N LEU C 278 -33.31 -5.89 7.72
CA LEU C 278 -34.12 -7.08 7.48
C LEU C 278 -34.57 -7.19 6.03
N THR C 279 -34.49 -6.10 5.26
CA THR C 279 -34.81 -6.14 3.85
C THR C 279 -33.65 -6.69 3.01
N HIS C 280 -32.46 -6.75 3.57
CA HIS C 280 -31.30 -7.21 2.82
C HIS C 280 -31.43 -8.70 2.50
N PRO C 281 -30.94 -9.13 1.33
CA PRO C 281 -31.05 -10.56 0.99
C PRO C 281 -30.35 -11.49 1.96
N LEU C 282 -29.24 -11.06 2.56
CA LEU C 282 -28.53 -11.93 3.49
C LEU C 282 -29.28 -12.10 4.80
N ALA C 283 -30.15 -11.15 5.16
CA ALA C 283 -30.97 -11.32 6.36
C ALA C 283 -31.91 -12.50 6.25
N ALA C 284 -32.24 -12.93 5.02
CA ALA C 284 -33.11 -14.06 4.79
C ALA C 284 -32.38 -15.40 4.79
N VAL C 285 -31.05 -15.38 4.82
CA VAL C 285 -30.27 -16.62 4.87
C VAL C 285 -30.17 -17.05 6.33
N ASN C 286 -30.90 -18.09 6.70
CA ASN C 286 -31.03 -18.51 8.08
C ASN C 286 -30.61 -19.96 8.24
N GLY C 287 -30.58 -20.40 9.50
CA GLY C 287 -30.15 -21.76 9.78
C GLY C 287 -28.69 -21.94 9.46
N ALA C 288 -28.35 -23.12 8.91
CA ALA C 288 -26.98 -23.48 8.60
C ALA C 288 -26.66 -23.31 7.12
N PHE C 289 -27.36 -22.42 6.43
CA PHE C 289 -27.12 -22.19 5.02
C PHE C 289 -26.14 -21.04 4.84
N ASN C 290 -25.49 -21.02 3.67
CA ASN C 290 -24.56 -19.98 3.30
C ASN C 290 -25.04 -19.27 2.04
N ALA C 291 -24.51 -18.07 1.82
CA ALA C 291 -24.84 -17.31 0.61
C ALA C 291 -23.71 -16.35 0.32
N VAL C 292 -23.29 -16.32 -0.95
CA VAL C 292 -22.17 -15.49 -1.39
C VAL C 292 -22.69 -14.50 -2.41
N VAL C 293 -22.35 -13.22 -2.22
CA VAL C 293 -22.75 -12.14 -3.11
C VAL C 293 -21.51 -11.66 -3.84
N VAL C 294 -21.56 -11.68 -5.17
CA VAL C 294 -20.47 -11.21 -6.01
C VAL C 294 -20.98 -10.05 -6.85
N GLU C 295 -20.26 -8.94 -6.82
CA GLU C 295 -20.56 -7.78 -7.64
C GLU C 295 -19.41 -7.55 -8.61
N ALA C 296 -19.73 -7.51 -9.90
CA ALA C 296 -18.74 -7.27 -10.94
C ALA C 296 -19.20 -6.14 -11.84
N GLU C 297 -18.27 -5.61 -12.62
CA GLU C 297 -18.56 -4.45 -13.45
C GLU C 297 -19.48 -4.82 -14.60
N ALA C 298 -19.13 -5.85 -15.36
CA ALA C 298 -19.97 -6.26 -16.47
C ALA C 298 -21.15 -7.10 -16.00
N ALA C 299 -20.89 -8.08 -15.12
CA ALA C 299 -21.89 -9.10 -14.83
C ALA C 299 -23.04 -8.57 -14.00
N GLY C 300 -22.78 -7.63 -13.11
CA GLY C 300 -23.81 -7.12 -12.22
C GLY C 300 -23.65 -7.63 -10.81
N ARG C 301 -24.78 -7.85 -10.13
CA ARG C 301 -24.80 -8.47 -8.82
C ARG C 301 -25.27 -9.91 -8.98
N LEU C 302 -24.54 -10.84 -8.36
CA LEU C 302 -24.87 -12.26 -8.41
C LEU C 302 -24.93 -12.81 -6.99
N MET C 303 -25.76 -13.83 -6.79
CA MET C 303 -25.87 -14.51 -5.51
C MET C 303 -25.83 -16.02 -5.70
N PHE C 304 -25.04 -16.69 -4.86
CA PHE C 304 -24.97 -18.15 -4.83
C PHE C 304 -25.39 -18.60 -3.43
N TYR C 305 -26.44 -19.42 -3.37
CA TYR C 305 -27.03 -19.89 -2.12
C TYR C 305 -27.03 -21.41 -2.09
N GLY C 306 -26.77 -21.98 -0.91
CA GLY C 306 -26.79 -23.43 -0.79
C GLY C 306 -26.39 -23.85 0.60
N GLN C 307 -26.43 -25.17 0.81
CA GLN C 307 -26.11 -25.74 2.11
C GLN C 307 -24.75 -25.25 2.58
N GLY C 308 -24.69 -24.81 3.84
CA GLY C 308 -23.49 -24.20 4.38
C GLY C 308 -22.26 -25.04 4.19
N ALA C 309 -22.17 -26.11 4.98
CA ALA C 309 -21.14 -27.12 4.79
C ALA C 309 -21.76 -28.47 5.13
N GLY C 310 -21.17 -29.20 6.07
CA GLY C 310 -21.61 -30.55 6.35
C GLY C 310 -20.87 -31.56 5.49
N GLY C 311 -21.28 -32.81 5.63
CA GLY C 311 -20.56 -33.90 5.00
C GLY C 311 -20.89 -34.15 3.56
N ALA C 312 -22.19 -34.32 3.27
CA ALA C 312 -22.60 -34.66 1.90
C ALA C 312 -22.33 -33.55 0.91
N PRO C 313 -22.76 -32.30 1.13
CA PRO C 313 -22.50 -31.26 0.13
C PRO C 313 -21.02 -31.01 -0.12
N THR C 314 -20.19 -31.01 0.93
CA THR C 314 -18.76 -30.89 0.71
C THR C 314 -18.25 -32.03 -0.16
N ALA C 315 -18.78 -33.23 0.04
CA ALA C 315 -18.41 -34.36 -0.81
C ALA C 315 -18.86 -34.11 -2.26
N SER C 316 -20.00 -33.45 -2.44
CA SER C 316 -20.46 -33.15 -3.79
C SER C 316 -19.46 -32.25 -4.52
N ALA C 317 -18.96 -31.23 -3.82
CA ALA C 317 -17.96 -30.34 -4.41
C ALA C 317 -16.67 -31.09 -4.71
N VAL C 318 -16.18 -31.87 -3.74
CA VAL C 318 -14.97 -32.66 -3.94
C VAL C 318 -15.12 -33.53 -5.18
N MET C 319 -16.27 -34.18 -5.34
CA MET C 319 -16.44 -35.11 -6.44
C MET C 319 -16.53 -34.38 -7.77
N GLY C 320 -17.09 -33.17 -7.79
CA GLY C 320 -17.06 -32.38 -9.01
C GLY C 320 -15.65 -32.03 -9.45
N ASP C 321 -14.79 -31.69 -8.49
CA ASP C 321 -13.39 -31.47 -8.81
C ASP C 321 -12.71 -32.77 -9.25
N VAL C 322 -13.02 -33.88 -8.60
CA VAL C 322 -12.41 -35.16 -8.97
C VAL C 322 -12.77 -35.52 -10.41
N VAL C 323 -14.05 -35.37 -10.76
CA VAL C 323 -14.50 -35.69 -12.11
C VAL C 323 -13.78 -34.79 -13.12
N MET C 324 -13.54 -33.54 -12.76
CA MET C 324 -12.82 -32.64 -13.65
C MET C 324 -11.36 -33.06 -13.80
N ALA C 325 -10.70 -33.37 -12.67
CA ALA C 325 -9.33 -33.83 -12.74
C ALA C 325 -9.20 -35.09 -13.59
N ALA C 326 -10.17 -36.00 -13.46
CA ALA C 326 -10.15 -37.23 -14.24
C ALA C 326 -10.39 -36.96 -15.71
N ARG C 327 -11.38 -36.12 -16.04
CA ARG C 327 -11.60 -35.75 -17.42
C ARG C 327 -10.36 -35.13 -18.05
N ASN C 328 -9.68 -34.26 -17.31
CA ASN C 328 -8.44 -33.67 -17.82
C ASN C 328 -7.40 -34.75 -18.09
N ARG C 329 -7.14 -35.61 -17.10
CA ARG C 329 -6.13 -36.65 -17.26
C ARG C 329 -6.45 -37.53 -18.46
N VAL C 330 -7.74 -37.82 -18.69
CA VAL C 330 -8.14 -38.64 -19.82
C VAL C 330 -7.91 -37.88 -21.13
N GLN C 331 -8.64 -36.78 -21.32
CA GLN C 331 -8.57 -36.05 -22.57
C GLN C 331 -7.25 -35.30 -22.76
N GLY C 332 -6.56 -34.97 -21.67
CA GLY C 332 -5.29 -34.28 -21.75
C GLY C 332 -5.42 -32.81 -21.47
N GLY C 333 -4.36 -32.23 -20.90
CA GLY C 333 -4.35 -30.83 -20.52
C GLY C 333 -4.82 -30.63 -19.09
N ARG C 334 -4.57 -29.44 -18.57
CA ARG C 334 -4.94 -29.08 -17.22
C ARG C 334 -6.11 -28.08 -17.24
N GLY C 335 -6.36 -27.48 -16.08
CA GLY C 335 -7.39 -26.49 -15.94
C GLY C 335 -6.80 -25.09 -15.76
N PRO C 336 -7.56 -24.20 -15.15
CA PRO C 336 -7.08 -22.82 -14.96
C PRO C 336 -5.83 -22.78 -14.08
N ARG C 337 -4.91 -21.90 -14.44
CA ARG C 337 -3.69 -21.70 -13.67
C ARG C 337 -3.89 -20.62 -12.62
N GLU C 338 -3.11 -20.71 -11.55
CA GLU C 338 -3.16 -19.69 -10.51
C GLU C 338 -2.91 -18.32 -11.14
N SER C 339 -3.79 -17.36 -10.84
CA SER C 339 -3.68 -16.00 -11.36
C SER C 339 -3.60 -15.04 -10.18
N LYS C 340 -2.40 -14.91 -9.62
CA LYS C 340 -2.12 -13.92 -8.58
C LYS C 340 -1.14 -12.89 -9.14
N TYR C 341 -1.58 -12.14 -10.16
CA TYR C 341 -0.71 -11.28 -10.95
C TYR C 341 -0.86 -9.80 -10.60
N ALA C 342 -1.85 -9.42 -9.80
CA ALA C 342 -2.16 -8.02 -9.60
C ALA C 342 -1.27 -7.35 -8.57
N LYS C 343 -0.82 -8.08 -7.55
CA LYS C 343 0.05 -7.52 -6.52
C LYS C 343 -0.61 -6.32 -5.83
N LEU C 344 -1.89 -6.43 -5.53
CA LEU C 344 -2.59 -5.31 -4.92
C LEU C 344 -2.18 -5.15 -3.46
N PRO C 345 -2.05 -3.92 -2.98
CA PRO C 345 -1.73 -3.73 -1.55
C PRO C 345 -2.93 -4.03 -0.67
N ILE C 346 -2.64 -4.52 0.53
CA ILE C 346 -3.67 -4.92 1.49
C ILE C 346 -4.06 -3.69 2.31
N SER C 347 -5.35 -3.37 2.31
CA SER C 347 -5.81 -2.27 3.16
C SER C 347 -6.02 -2.77 4.58
N PRO C 348 -5.56 -2.05 5.59
CA PRO C 348 -5.84 -2.45 6.97
C PRO C 348 -7.29 -2.17 7.33
N ILE C 349 -7.63 -2.35 8.60
CA ILE C 349 -9.00 -2.21 9.03
C ILE C 349 -9.36 -0.75 9.22
N GLY C 350 -8.44 0.01 9.81
CA GLY C 350 -8.73 1.39 10.12
C GLY C 350 -9.09 2.21 8.90
N ASP C 351 -8.56 1.84 7.74
CA ASP C 351 -8.79 2.58 6.52
C ASP C 351 -10.14 2.29 5.88
N ILE C 352 -10.83 1.23 6.29
CA ILE C 352 -12.06 0.81 5.63
C ILE C 352 -13.20 1.70 6.11
N PRO C 353 -14.05 2.20 5.21
CA PRO C 353 -15.26 2.90 5.66
C PRO C 353 -16.33 1.92 6.11
N THR C 354 -16.96 2.24 7.24
CA THR C 354 -18.00 1.39 7.81
C THR C 354 -18.86 2.26 8.72
N ARG C 355 -19.83 1.62 9.39
CA ARG C 355 -20.73 2.29 10.30
C ARG C 355 -20.78 1.52 11.60
N TYR C 356 -20.99 2.22 12.70
CA TYR C 356 -20.99 1.63 14.03
C TYR C 356 -22.35 1.76 14.69
N TYR C 357 -22.79 0.68 15.33
CA TYR C 357 -23.84 0.69 16.33
C TYR C 357 -23.18 0.63 17.70
N VAL C 358 -23.55 1.55 18.59
CA VAL C 358 -22.93 1.67 19.90
C VAL C 358 -24.02 1.75 20.96
N SER C 359 -24.04 0.78 21.87
CA SER C 359 -24.99 0.74 22.98
C SER C 359 -24.24 1.00 24.28
N MET C 360 -24.65 2.04 25.00
CA MET C 360 -23.98 2.45 26.23
C MET C 360 -25.00 2.65 27.34
N ARG C 361 -24.51 2.59 28.57
CA ARG C 361 -25.26 3.05 29.74
C ARG C 361 -24.67 4.38 30.17
N VAL C 362 -25.54 5.38 30.34
CA VAL C 362 -25.10 6.74 30.63
C VAL C 362 -25.96 7.29 31.75
N ALA C 363 -25.49 8.38 32.34
CA ALA C 363 -26.26 9.08 33.37
C ALA C 363 -27.58 9.54 32.78
N ASP C 364 -28.64 9.41 33.58
CA ASP C 364 -29.99 9.84 33.16
C ASP C 364 -30.14 11.32 33.44
N ARG C 365 -29.36 12.11 32.69
CA ARG C 365 -29.40 13.56 32.74
C ARG C 365 -29.66 14.11 31.34
N PRO C 366 -30.14 15.36 31.23
CA PRO C 366 -30.54 15.88 29.92
C PRO C 366 -29.39 16.39 29.06
N GLY C 367 -28.16 16.37 29.55
CA GLY C 367 -27.04 16.93 28.82
C GLY C 367 -26.05 15.90 28.32
N VAL C 368 -26.25 14.64 28.68
CA VAL C 368 -25.30 13.60 28.29
C VAL C 368 -25.27 13.42 26.78
N LEU C 369 -26.44 13.47 26.13
CA LEU C 369 -26.47 13.29 24.68
C LEU C 369 -25.65 14.37 23.98
N ALA C 370 -25.64 15.58 24.52
CA ALA C 370 -24.82 16.63 23.94
C ALA C 370 -23.34 16.28 24.01
N ALA C 371 -22.91 15.70 25.13
CA ALA C 371 -21.51 15.33 25.29
C ALA C 371 -21.12 14.20 24.34
N VAL C 372 -21.95 13.15 24.26
CA VAL C 372 -21.63 12.03 23.38
C VAL C 372 -21.60 12.50 21.93
N ALA C 373 -22.57 13.33 21.54
CA ALA C 373 -22.60 13.83 20.17
C ALA C 373 -21.35 14.62 19.84
N THR C 374 -20.85 15.42 20.78
CA THR C 374 -19.64 16.19 20.54
C THR C 374 -18.44 15.27 20.35
N GLU C 375 -18.37 14.17 21.11
CA GLU C 375 -17.26 13.24 20.95
C GLU C 375 -17.27 12.60 19.55
N PHE C 376 -18.47 12.32 19.02
CA PHE C 376 -18.57 11.82 17.66
C PHE C 376 -18.12 12.87 16.65
N GLY C 377 -18.57 14.11 16.82
CA GLY C 377 -18.25 15.15 15.87
C GLY C 377 -16.78 15.53 15.87
N ASN C 378 -16.11 15.42 17.02
CA ASN C 378 -14.69 15.76 17.08
C ASN C 378 -13.87 14.93 16.10
N ARG C 379 -14.36 13.76 15.71
CA ARG C 379 -13.72 12.94 14.69
C ARG C 379 -14.40 13.08 13.33
N SER C 380 -15.31 14.04 13.18
CA SER C 380 -16.01 14.30 11.92
C SER C 380 -16.89 13.10 11.53
N VAL C 381 -17.65 12.60 12.50
CA VAL C 381 -18.53 11.46 12.32
C VAL C 381 -19.96 11.92 12.59
N SER C 382 -20.79 11.89 11.55
CA SER C 382 -22.19 12.25 11.70
C SER C 382 -22.98 11.08 12.26
N ILE C 383 -23.98 11.39 13.08
CA ILE C 383 -24.85 10.38 13.69
C ILE C 383 -26.09 10.26 12.84
N ALA C 384 -26.48 9.01 12.55
CA ALA C 384 -27.66 8.74 11.74
C ALA C 384 -28.90 8.48 12.58
N GLU C 385 -28.76 7.89 13.76
CA GLU C 385 -29.90 7.58 14.59
C GLU C 385 -29.45 7.44 16.04
N VAL C 386 -30.29 7.88 16.97
CA VAL C 386 -30.03 7.78 18.40
C VAL C 386 -31.29 7.27 19.08
N ARG C 387 -31.11 6.43 20.10
CA ARG C 387 -32.20 5.97 20.95
C ARG C 387 -31.77 6.12 22.40
N GLN C 388 -32.58 6.81 23.20
CA GLN C 388 -32.26 7.06 24.60
C GLN C 388 -33.52 6.90 25.43
N GLU C 389 -33.44 6.08 26.49
CA GLU C 389 -34.55 5.88 27.41
C GLU C 389 -33.99 5.52 28.77
N GLY C 390 -34.80 5.73 29.80
CA GLY C 390 -34.37 5.45 31.16
C GLY C 390 -34.39 3.97 31.48
N ILE C 391 -33.55 3.61 32.44
CA ILE C 391 -33.54 2.27 33.04
C ILE C 391 -34.11 2.38 34.44
N ASP C 392 -34.76 1.29 34.88
CA ASP C 392 -35.36 1.24 36.21
C ASP C 392 -34.51 0.49 37.23
N ASP C 393 -33.94 -0.64 36.84
CA ASP C 393 -33.06 -1.40 37.74
C ASP C 393 -31.79 -1.83 37.02
N GLY C 399 -29.62 5.15 36.06
CA GLY C 399 -28.97 4.94 34.78
C GLY C 399 -29.92 5.03 33.60
N ALA C 400 -29.36 5.25 32.42
CA ALA C 400 -30.13 5.34 31.17
C ALA C 400 -29.40 4.60 30.06
N ARG C 401 -30.17 4.12 29.09
CA ARG C 401 -29.64 3.38 27.96
C ARG C 401 -29.54 4.31 26.74
N LEU C 402 -28.36 4.36 26.13
CA LEU C 402 -28.10 5.24 24.99
C LEU C 402 -27.51 4.43 23.85
N VAL C 403 -28.25 4.36 22.74
CA VAL C 403 -27.85 3.62 21.55
C VAL C 403 -27.65 4.60 20.42
N VAL C 404 -26.47 4.58 19.80
CA VAL C 404 -26.12 5.49 18.72
C VAL C 404 -25.72 4.67 17.49
N VAL C 405 -26.24 5.08 16.34
CA VAL C 405 -25.84 4.51 15.05
C VAL C 405 -25.23 5.65 14.24
N THR C 406 -24.06 5.41 13.65
CA THR C 406 -23.33 6.42 12.92
C THR C 406 -23.59 6.29 11.42
N HIS C 407 -23.22 7.34 10.69
CA HIS C 407 -23.12 7.27 9.24
C HIS C 407 -21.76 6.67 8.90
N LYS C 408 -21.37 6.69 7.62
CA LYS C 408 -20.14 6.05 7.21
C LYS C 408 -18.92 6.87 7.63
N ALA C 409 -17.86 6.15 7.94
CA ALA C 409 -16.58 6.75 8.33
C ALA C 409 -15.57 5.60 8.38
N THR C 410 -14.30 5.97 8.48
CA THR C 410 -13.24 4.97 8.60
C THR C 410 -13.32 4.28 9.95
N ASP C 411 -13.00 2.98 9.97
CA ASP C 411 -13.04 2.23 11.22
C ASP C 411 -12.13 2.87 12.26
N ALA C 412 -11.05 3.50 11.84
CA ALA C 412 -10.16 4.16 12.80
C ALA C 412 -10.89 5.26 13.55
N ALA C 413 -11.54 6.16 12.81
CA ALA C 413 -12.26 7.27 13.45
C ALA C 413 -13.32 6.75 14.41
N LEU C 414 -14.11 5.77 13.98
CA LEU C 414 -15.14 5.22 14.84
C LEU C 414 -14.52 4.50 16.04
N SER C 415 -13.41 3.79 15.84
CA SER C 415 -12.75 3.11 16.95
C SER C 415 -12.22 4.12 17.97
N GLU C 416 -11.65 5.23 17.49
CA GLU C 416 -11.18 6.27 18.40
C GLU C 416 -12.34 6.91 19.16
N THR C 417 -13.48 7.10 18.50
CA THR C 417 -14.61 7.74 19.16
C THR C 417 -15.16 6.86 20.28
N VAL C 418 -15.28 5.56 20.05
CA VAL C 418 -15.78 4.67 21.09
C VAL C 418 -14.82 4.67 22.28
N LYS C 419 -13.51 4.67 22.00
CA LYS C 419 -12.53 4.72 23.08
C LYS C 419 -12.67 6.00 23.90
N ALA C 420 -12.92 7.12 23.24
CA ALA C 420 -13.11 8.38 23.94
C ALA C 420 -14.39 8.35 24.78
N LEU C 421 -15.48 7.81 24.23
CA LEU C 421 -16.71 7.69 25.00
C LEU C 421 -16.51 6.81 26.22
N ALA C 422 -15.78 5.71 26.07
CA ALA C 422 -15.45 4.86 27.21
C ALA C 422 -14.71 5.66 28.28
N SER C 423 -13.73 6.46 27.85
CA SER C 423 -12.98 7.33 28.76
C SER C 423 -13.78 8.56 29.21
N LEU C 424 -15.01 8.72 28.72
CA LEU C 424 -15.83 9.86 29.08
C LEU C 424 -16.51 9.64 30.42
N ASP C 425 -16.74 10.73 31.14
CA ASP C 425 -17.24 10.64 32.51
C ASP C 425 -18.74 10.34 32.53
N VAL C 426 -19.53 11.04 31.72
CA VAL C 426 -20.97 10.84 31.72
C VAL C 426 -21.34 9.44 31.27
N VAL C 427 -20.44 8.76 30.57
CA VAL C 427 -20.71 7.41 30.07
C VAL C 427 -20.31 6.43 31.15
N GLN C 428 -21.28 5.59 31.57
CA GLN C 428 -21.01 4.60 32.60
C GLN C 428 -20.27 3.39 32.05
N SER C 429 -20.57 3.01 30.81
CA SER C 429 -19.89 1.87 30.19
C SER C 429 -20.33 1.76 28.74
N VAL C 430 -19.47 1.17 27.91
CA VAL C 430 -19.77 0.82 26.53
C VAL C 430 -20.07 -0.67 26.51
N ASP C 431 -21.35 -1.01 26.39
CA ASP C 431 -21.78 -2.41 26.54
C ASP C 431 -21.75 -3.20 25.23
N SER C 432 -21.88 -2.53 24.09
CA SER C 432 -21.84 -3.24 22.82
C SER C 432 -21.39 -2.31 21.70
N VAL C 433 -20.57 -2.83 20.80
CA VAL C 433 -20.08 -2.09 19.65
C VAL C 433 -20.05 -3.06 18.47
N ILE C 434 -20.92 -2.83 17.49
CA ILE C 434 -21.05 -3.73 16.34
C ILE C 434 -21.17 -2.88 15.08
N ARG C 435 -20.56 -3.34 14.00
CA ARG C 435 -20.59 -2.61 12.74
C ARG C 435 -21.89 -2.89 11.99
N MET C 436 -22.18 -2.04 11.00
CA MET C 436 -23.44 -2.11 10.28
C MET C 436 -23.16 -2.04 8.78
N GLU C 437 -23.68 -3.02 8.06
CA GLU C 437 -23.47 -3.15 6.62
C GLU C 437 -24.83 -3.19 5.91
N GLY C 438 -24.77 -3.28 4.58
CA GLY C 438 -25.99 -3.26 3.78
C GLY C 438 -26.48 -1.85 3.54
N THR C 439 -27.57 -1.48 4.18
CA THR C 439 -28.06 -0.10 4.17
C THR C 439 -28.23 0.42 2.74
N LYS D 7 2.94 -16.15 -27.92
CA LYS D 7 2.20 -15.97 -29.17
C LYS D 7 0.77 -15.46 -28.94
N PRO D 8 0.30 -14.53 -29.78
CA PRO D 8 -1.04 -13.99 -29.59
C PRO D 8 -2.15 -15.00 -29.89
N ILE D 9 -3.34 -14.70 -29.35
CA ILE D 9 -4.54 -15.48 -29.55
C ILE D 9 -5.53 -14.60 -30.32
N GLY D 10 -5.88 -15.00 -31.54
CA GLY D 10 -6.72 -14.18 -32.40
C GLY D 10 -8.20 -14.48 -32.23
N VAL D 11 -9.00 -13.43 -32.16
CA VAL D 11 -10.44 -13.53 -31.94
C VAL D 11 -11.18 -12.87 -33.10
N ALA D 12 -12.26 -13.50 -33.53
CA ALA D 12 -13.19 -12.93 -34.50
C ALA D 12 -14.57 -12.89 -33.87
N VAL D 13 -15.15 -11.70 -33.78
CA VAL D 13 -16.45 -11.50 -33.18
C VAL D 13 -17.48 -11.33 -34.29
N LEU D 14 -18.46 -12.23 -34.35
CA LEU D 14 -19.53 -12.17 -35.34
C LEU D 14 -20.74 -11.49 -34.71
N GLY D 15 -21.01 -10.27 -35.15
CA GLY D 15 -22.12 -9.50 -34.62
C GLY D 15 -21.61 -8.34 -33.78
N LEU D 16 -22.25 -7.18 -33.94
CA LEU D 16 -21.88 -5.99 -33.19
C LEU D 16 -23.10 -5.32 -32.58
N GLY D 17 -24.11 -6.12 -32.22
CA GLY D 17 -25.32 -5.59 -31.63
C GLY D 17 -25.20 -5.29 -30.14
N ASN D 18 -26.28 -5.52 -29.39
CA ASN D 18 -26.27 -5.23 -27.97
C ASN D 18 -25.15 -5.96 -27.25
N VAL D 19 -24.87 -7.20 -27.66
CA VAL D 19 -23.87 -8.02 -26.99
C VAL D 19 -22.51 -7.90 -27.68
N GLY D 20 -22.49 -7.93 -29.02
CA GLY D 20 -21.23 -7.84 -29.73
C GLY D 20 -20.45 -6.58 -29.39
N SER D 21 -21.13 -5.43 -29.34
CA SER D 21 -20.44 -4.19 -29.05
C SER D 21 -19.79 -4.23 -27.66
N GLU D 22 -20.47 -4.85 -26.69
CA GLU D 22 -19.91 -4.94 -25.35
C GLU D 22 -18.71 -5.89 -25.30
N VAL D 23 -18.76 -6.99 -26.05
CA VAL D 23 -17.65 -7.93 -26.07
C VAL D 23 -16.41 -7.28 -26.67
N VAL D 24 -16.58 -6.56 -27.78
CA VAL D 24 -15.45 -5.86 -28.39
C VAL D 24 -14.88 -4.81 -27.45
N ARG D 25 -15.77 -4.10 -26.73
CA ARG D 25 -15.31 -3.07 -25.80
C ARG D 25 -14.47 -3.67 -24.68
N ILE D 26 -14.89 -4.83 -24.17
CA ILE D 26 -14.15 -5.47 -23.07
C ILE D 26 -12.81 -5.99 -23.57
N ILE D 27 -12.79 -6.58 -24.77
CA ILE D 27 -11.54 -7.08 -25.34
C ILE D 27 -10.53 -5.93 -25.50
N ASP D 28 -11.01 -4.72 -25.76
CA ASP D 28 -10.13 -3.58 -25.96
C ASP D 28 -9.73 -2.95 -24.63
N GLU D 29 -10.72 -2.65 -23.78
CA GLU D 29 -10.45 -1.93 -22.54
C GLU D 29 -9.79 -2.80 -21.47
N SER D 30 -9.92 -4.12 -21.56
CA SER D 30 -9.34 -5.03 -20.58
C SER D 30 -8.18 -5.84 -21.15
N ALA D 31 -7.55 -5.35 -22.23
CA ALA D 31 -6.55 -6.13 -22.94
C ALA D 31 -5.42 -6.57 -22.02
N THR D 32 -5.06 -5.73 -21.04
CA THR D 32 -3.96 -6.07 -20.15
C THR D 32 -4.35 -7.19 -19.19
N ASP D 33 -5.43 -6.99 -18.43
CA ASP D 33 -5.88 -8.03 -17.52
C ASP D 33 -6.15 -9.34 -18.27
N LEU D 34 -6.83 -9.25 -19.41
CA LEU D 34 -7.16 -10.45 -20.18
C LEU D 34 -5.89 -11.19 -20.59
N ALA D 35 -4.91 -10.46 -21.15
CA ALA D 35 -3.68 -11.11 -21.58
C ALA D 35 -2.97 -11.78 -20.41
N ALA D 36 -2.90 -11.09 -19.27
CA ALA D 36 -2.22 -11.67 -18.11
C ALA D 36 -2.96 -12.88 -17.57
N ARG D 37 -4.29 -12.94 -17.74
CA ARG D 37 -5.05 -14.10 -17.28
C ARG D 37 -4.98 -15.26 -18.26
N ILE D 38 -4.88 -14.98 -19.55
CA ILE D 38 -4.77 -16.05 -20.54
C ILE D 38 -3.34 -16.59 -20.59
N GLY D 39 -2.35 -15.73 -20.37
CA GLY D 39 -0.96 -16.07 -20.57
C GLY D 39 -0.39 -15.58 -21.88
N ALA D 40 -1.25 -15.14 -22.79
CA ALA D 40 -0.83 -14.55 -24.06
C ALA D 40 -1.82 -13.46 -24.42
N PRO D 41 -1.43 -12.51 -25.27
CA PRO D 41 -2.34 -11.43 -25.63
C PRO D 41 -3.60 -11.93 -26.35
N LEU D 42 -4.68 -11.14 -26.23
CA LEU D 42 -5.96 -11.43 -26.87
C LEU D 42 -6.26 -10.33 -27.88
N GLN D 43 -6.07 -10.63 -29.16
CA GLN D 43 -6.06 -9.63 -30.23
C GLN D 43 -7.26 -9.81 -31.14
N LEU D 44 -8.03 -8.73 -31.30
CA LEU D 44 -9.20 -8.76 -32.19
C LEU D 44 -8.74 -8.72 -33.64
N ARG D 45 -9.30 -9.63 -34.46
CA ARG D 45 -8.95 -9.73 -35.86
C ARG D 45 -10.00 -9.12 -36.79
N GLY D 46 -11.27 -9.24 -36.45
CA GLY D 46 -12.31 -8.71 -37.30
C GLY D 46 -13.66 -8.79 -36.63
N ILE D 47 -14.63 -8.12 -37.24
CA ILE D 47 -15.99 -8.06 -36.72
C ILE D 47 -16.94 -8.33 -37.88
N GLY D 48 -17.62 -9.47 -37.84
CA GLY D 48 -18.61 -9.76 -38.85
C GLY D 48 -19.86 -8.92 -38.64
N VAL D 49 -20.45 -8.48 -39.75
CA VAL D 49 -21.63 -7.63 -39.69
C VAL D 49 -22.34 -7.69 -41.04
N ARG D 50 -23.59 -7.21 -41.08
CA ARG D 50 -24.33 -7.11 -42.33
C ARG D 50 -24.10 -5.75 -42.99
N ARG D 51 -24.38 -4.67 -42.27
CA ARG D 51 -24.18 -3.32 -42.78
C ARG D 51 -22.80 -2.83 -42.35
N VAL D 52 -21.92 -2.62 -43.32
CA VAL D 52 -20.59 -2.09 -43.07
C VAL D 52 -20.65 -0.57 -43.21
N SER D 53 -20.31 0.14 -42.13
CA SER D 53 -20.43 1.59 -42.12
C SER D 53 -19.43 2.17 -41.13
N ALA D 54 -19.17 3.47 -41.28
CA ALA D 54 -18.27 4.18 -40.39
C ALA D 54 -18.97 4.72 -39.16
N ASP D 55 -20.28 4.53 -39.03
CA ASP D 55 -21.05 4.99 -37.87
C ASP D 55 -21.29 3.86 -36.88
N ARG D 56 -20.29 2.98 -36.72
CA ARG D 56 -20.41 1.83 -35.84
C ARG D 56 -19.35 1.84 -34.74
N GLY D 57 -18.69 2.97 -34.52
CA GLY D 57 -17.77 3.10 -33.41
C GLY D 57 -16.54 2.23 -33.47
N VAL D 58 -16.27 1.62 -34.62
CA VAL D 58 -15.10 0.75 -34.78
C VAL D 58 -14.49 0.98 -36.14
N PRO D 59 -13.17 0.80 -36.26
CA PRO D 59 -12.52 1.02 -37.54
C PRO D 59 -13.14 0.15 -38.63
N VAL D 60 -13.35 0.73 -39.80
CA VAL D 60 -13.89 -0.03 -40.92
C VAL D 60 -12.92 -1.12 -41.35
N GLU D 61 -11.64 -0.97 -41.01
CA GLU D 61 -10.67 -2.02 -41.33
C GLU D 61 -11.03 -3.33 -40.67
N LEU D 62 -11.68 -3.28 -39.50
CA LEU D 62 -12.10 -4.50 -38.82
C LEU D 62 -13.45 -5.01 -39.33
N LEU D 63 -14.34 -4.13 -39.75
CA LEU D 63 -15.66 -4.55 -40.20
C LEU D 63 -15.56 -5.33 -41.50
N THR D 64 -16.39 -6.37 -41.62
CA THR D 64 -16.39 -7.23 -42.79
C THR D 64 -17.77 -7.86 -42.89
N ASP D 65 -18.24 -8.04 -44.13
CA ASP D 65 -19.54 -8.64 -44.39
C ASP D 65 -19.43 -10.09 -44.86
N ASN D 66 -18.23 -10.58 -45.11
CA ASN D 66 -18.00 -11.96 -45.54
C ASN D 66 -17.66 -12.79 -44.30
N ILE D 67 -18.67 -13.44 -43.73
CA ILE D 67 -18.49 -14.16 -42.47
C ILE D 67 -17.56 -15.36 -42.67
N GLU D 68 -17.74 -16.10 -43.77
CA GLU D 68 -16.96 -17.32 -43.96
C GLU D 68 -15.47 -17.00 -44.09
N GLU D 69 -15.13 -15.91 -44.78
CA GLU D 69 -13.73 -15.50 -44.87
C GLU D 69 -13.17 -15.20 -43.49
N LEU D 70 -13.95 -14.53 -42.64
CA LEU D 70 -13.45 -14.11 -41.33
C LEU D 70 -13.17 -15.32 -40.43
N VAL D 71 -14.13 -16.24 -40.33
CA VAL D 71 -13.94 -17.41 -39.48
C VAL D 71 -12.91 -18.39 -40.02
N SER D 72 -12.49 -18.22 -41.28
CA SER D 72 -11.53 -19.13 -41.91
C SER D 72 -10.11 -18.60 -41.89
N ARG D 73 -9.90 -17.37 -41.40
CA ARG D 73 -8.56 -16.79 -41.40
C ARG D 73 -7.61 -17.65 -40.57
N ASP D 74 -6.31 -17.54 -40.89
CA ASP D 74 -5.32 -18.34 -40.19
C ASP D 74 -4.97 -17.74 -38.83
N ASP D 75 -4.93 -16.41 -38.74
CA ASP D 75 -4.59 -15.75 -37.49
C ASP D 75 -5.76 -15.67 -36.51
N VAL D 76 -6.91 -16.23 -36.86
CA VAL D 76 -8.05 -16.34 -35.95
C VAL D 76 -7.96 -17.68 -35.24
N ASP D 77 -8.18 -17.66 -33.92
CA ASP D 77 -8.22 -18.86 -33.11
C ASP D 77 -9.57 -19.09 -32.44
N ILE D 78 -10.27 -18.03 -32.06
CA ILE D 78 -11.55 -18.12 -31.38
C ILE D 78 -12.58 -17.31 -32.16
N VAL D 79 -13.76 -17.88 -32.34
CA VAL D 79 -14.85 -17.26 -33.07
C VAL D 79 -16.01 -17.08 -32.10
N VAL D 80 -16.34 -15.83 -31.82
CA VAL D 80 -17.44 -15.49 -30.92
C VAL D 80 -18.65 -15.19 -31.79
N GLU D 81 -19.61 -16.12 -31.79
CA GLU D 81 -20.81 -16.00 -32.61
C GLU D 81 -21.87 -15.24 -31.81
N LEU D 82 -22.20 -14.04 -32.26
CA LEU D 82 -23.20 -13.21 -31.61
C LEU D 82 -24.16 -12.61 -32.63
N MET D 83 -24.47 -13.39 -33.67
CA MET D 83 -25.52 -13.07 -34.62
C MET D 83 -26.81 -13.78 -34.23
N GLY D 84 -27.93 -13.16 -34.50
CA GLY D 84 -29.22 -13.69 -34.12
C GLY D 84 -29.55 -15.01 -34.80
N PRO D 85 -29.92 -14.94 -36.08
CA PRO D 85 -30.56 -16.10 -36.74
C PRO D 85 -29.73 -17.37 -36.62
N VAL D 86 -30.43 -18.51 -36.68
CA VAL D 86 -29.79 -19.79 -36.44
C VAL D 86 -29.13 -20.36 -37.69
N GLU D 87 -29.63 -20.03 -38.88
CA GLU D 87 -29.03 -20.60 -40.09
C GLU D 87 -27.65 -20.00 -40.36
N PRO D 88 -27.47 -18.68 -40.41
CA PRO D 88 -26.11 -18.15 -40.52
C PRO D 88 -25.23 -18.51 -39.34
N ALA D 89 -25.82 -18.61 -38.14
CA ALA D 89 -25.03 -19.00 -36.97
C ALA D 89 -24.50 -20.41 -37.10
N ARG D 90 -25.38 -21.37 -37.44
CA ARG D 90 -24.93 -22.75 -37.61
C ARG D 90 -23.83 -22.84 -38.66
N LYS D 91 -24.05 -22.23 -39.83
CA LYS D 91 -23.06 -22.32 -40.90
C LYS D 91 -21.71 -21.79 -40.45
N ALA D 92 -21.71 -20.62 -39.79
CA ALA D 92 -20.44 -20.05 -39.33
C ALA D 92 -19.78 -20.93 -38.29
N ILE D 93 -20.57 -21.46 -37.34
CA ILE D 93 -19.99 -22.27 -36.27
C ILE D 93 -19.45 -23.58 -36.83
N LEU D 94 -20.16 -24.18 -37.79
CA LEU D 94 -19.65 -25.39 -38.44
C LEU D 94 -18.33 -25.10 -39.16
N THR D 95 -18.33 -24.10 -40.03
CA THR D 95 -17.12 -23.78 -40.77
C THR D 95 -15.97 -23.43 -39.83
N ALA D 96 -16.26 -22.70 -38.75
CA ALA D 96 -15.21 -22.33 -37.81
C ALA D 96 -14.66 -23.56 -37.10
N LEU D 97 -15.54 -24.41 -36.58
CA LEU D 97 -15.10 -25.63 -35.92
C LEU D 97 -14.32 -26.51 -36.89
N GLU D 98 -14.79 -26.62 -38.13
CA GLU D 98 -14.13 -27.48 -39.11
C GLU D 98 -12.70 -27.05 -39.38
N GLN D 99 -12.42 -25.75 -39.25
CA GLN D 99 -11.07 -25.23 -39.47
C GLN D 99 -10.33 -24.98 -38.16
N GLY D 100 -10.63 -25.77 -37.13
CA GLY D 100 -9.84 -25.76 -35.91
C GLY D 100 -9.97 -24.52 -35.07
N LYS D 101 -11.12 -23.84 -35.13
CA LYS D 101 -11.35 -22.62 -34.37
C LYS D 101 -12.29 -22.93 -33.21
N SER D 102 -11.85 -22.59 -32.00
CA SER D 102 -12.75 -22.66 -30.86
C SER D 102 -13.90 -21.68 -31.05
N VAL D 103 -15.07 -22.05 -30.54
CA VAL D 103 -16.29 -21.28 -30.76
C VAL D 103 -16.93 -20.93 -29.43
N VAL D 104 -17.26 -19.66 -29.26
CA VAL D 104 -18.05 -19.19 -28.13
C VAL D 104 -19.33 -18.58 -28.70
N THR D 105 -20.47 -18.98 -28.14
CA THR D 105 -21.75 -18.51 -28.65
C THR D 105 -22.68 -18.20 -27.48
N ALA D 106 -23.73 -17.44 -27.80
CA ALA D 106 -24.82 -17.16 -26.87
C ALA D 106 -26.16 -17.49 -27.51
N ASN D 107 -26.17 -18.33 -28.54
CA ASN D 107 -27.35 -18.55 -29.38
C ASN D 107 -28.28 -19.53 -28.69
N LYS D 108 -29.34 -19.01 -28.07
CA LYS D 108 -30.33 -19.85 -27.41
C LYS D 108 -31.02 -20.76 -28.42
N ALA D 109 -31.52 -20.19 -29.51
CA ALA D 109 -32.29 -20.96 -30.48
C ALA D 109 -31.46 -22.08 -31.08
N LEU D 110 -30.18 -21.81 -31.36
CA LEU D 110 -29.33 -22.83 -31.96
C LEU D 110 -29.08 -23.97 -30.98
N MET D 111 -28.73 -23.65 -29.73
CA MET D 111 -28.39 -24.68 -28.76
C MET D 111 -29.62 -25.47 -28.32
N SER D 112 -30.80 -24.87 -28.33
CA SER D 112 -32.01 -25.61 -27.99
C SER D 112 -32.40 -26.56 -29.13
N VAL D 113 -32.19 -26.14 -30.38
CA VAL D 113 -32.42 -27.01 -31.53
C VAL D 113 -31.24 -27.93 -31.78
N SER D 114 -30.05 -27.58 -31.28
CA SER D 114 -28.82 -28.33 -31.51
C SER D 114 -29.03 -29.83 -31.43
N THR D 115 -28.98 -30.50 -32.58
CA THR D 115 -29.14 -31.95 -32.61
C THR D 115 -27.92 -32.68 -32.05
N GLY D 116 -26.77 -32.03 -32.04
CA GLY D 116 -25.55 -32.66 -31.56
C GLY D 116 -24.43 -32.59 -32.57
N GLU D 117 -24.78 -32.34 -33.83
CA GLU D 117 -23.78 -32.24 -34.89
C GLU D 117 -22.70 -31.23 -34.53
N LEU D 118 -23.09 -30.12 -33.88
CA LEU D 118 -22.12 -29.08 -33.55
C LEU D 118 -21.09 -29.60 -32.55
N ALA D 119 -21.55 -30.20 -31.46
CA ALA D 119 -20.62 -30.79 -30.50
C ALA D 119 -19.70 -31.79 -31.17
N GLN D 120 -20.25 -32.63 -32.05
CA GLN D 120 -19.46 -33.62 -32.77
C GLN D 120 -18.30 -32.95 -33.52
N ALA D 121 -18.60 -31.91 -34.30
CA ALA D 121 -17.55 -31.21 -35.03
C ALA D 121 -16.48 -30.69 -34.09
N ALA D 122 -16.88 -30.04 -33.00
CA ALA D 122 -15.91 -29.53 -32.04
C ALA D 122 -15.03 -30.66 -31.50
N GLU D 123 -15.65 -31.78 -31.11
CA GLU D 123 -14.87 -32.93 -30.62
C GLU D 123 -13.95 -33.46 -31.71
N ALA D 124 -14.42 -33.45 -32.96
CA ALA D 124 -13.60 -33.91 -34.07
C ALA D 124 -12.36 -33.04 -34.24
N ALA D 125 -12.54 -31.72 -34.25
CA ALA D 125 -11.43 -30.80 -34.42
C ALA D 125 -10.57 -30.65 -33.18
N HIS D 126 -10.89 -31.36 -32.10
CA HIS D 126 -10.20 -31.20 -30.81
C HIS D 126 -10.18 -29.73 -30.39
N VAL D 127 -11.38 -29.15 -30.35
CA VAL D 127 -11.56 -27.73 -30.11
C VAL D 127 -12.78 -27.52 -29.24
N ASP D 128 -12.82 -26.38 -28.57
CA ASP D 128 -13.87 -26.10 -27.60
C ASP D 128 -15.11 -25.51 -28.26
N LEU D 129 -16.25 -25.73 -27.62
CA LEU D 129 -17.52 -25.10 -27.99
C LEU D 129 -18.22 -24.75 -26.68
N TYR D 130 -18.12 -23.47 -26.28
CA TYR D 130 -18.68 -22.99 -25.03
C TYR D 130 -19.91 -22.14 -25.32
N PHE D 131 -20.94 -22.29 -24.49
CA PHE D 131 -22.19 -21.55 -24.71
C PHE D 131 -22.82 -21.12 -23.38
N GLU D 132 -21.99 -20.74 -22.40
CA GLU D 132 -22.52 -20.35 -21.09
C GLU D 132 -23.48 -19.17 -21.22
N ALA D 133 -23.17 -18.19 -22.08
CA ALA D 133 -23.98 -17.00 -22.17
C ALA D 133 -25.39 -17.31 -22.68
N ALA D 134 -25.60 -18.48 -23.28
CA ALA D 134 -26.89 -18.81 -23.86
C ALA D 134 -27.98 -18.94 -22.81
N VAL D 135 -27.64 -19.20 -21.54
CA VAL D 135 -28.63 -19.43 -20.52
C VAL D 135 -28.27 -18.65 -19.26
N ALA D 136 -29.23 -17.85 -18.77
CA ALA D 136 -29.19 -17.18 -17.48
C ALA D 136 -28.39 -15.88 -17.54
N GLY D 137 -28.27 -15.27 -18.71
CA GLY D 137 -27.55 -14.02 -18.84
C GLY D 137 -26.21 -14.06 -18.13
N ALA D 138 -26.09 -13.30 -17.04
CA ALA D 138 -24.83 -13.28 -16.29
C ALA D 138 -24.72 -14.40 -15.28
N ILE D 139 -25.83 -15.05 -14.92
CA ILE D 139 -25.79 -16.06 -13.87
C ILE D 139 -25.06 -17.28 -14.41
N PRO D 140 -23.95 -17.69 -13.80
CA PRO D 140 -23.29 -18.94 -14.22
C PRO D 140 -24.12 -20.16 -13.85
N VAL D 141 -24.74 -20.82 -14.84
CA VAL D 141 -25.55 -22.00 -14.58
C VAL D 141 -25.09 -23.19 -15.42
N ILE D 142 -24.62 -22.95 -16.64
CA ILE D 142 -24.20 -24.07 -17.49
C ILE D 142 -22.87 -24.62 -17.01
N ARG D 143 -21.95 -23.75 -16.58
CA ARG D 143 -20.65 -24.24 -16.15
C ARG D 143 -20.78 -24.99 -14.82
N PRO D 144 -21.60 -24.51 -13.88
CA PRO D 144 -21.83 -25.32 -12.67
C PRO D 144 -22.49 -26.66 -12.94
N LEU D 145 -23.45 -26.72 -13.86
CA LEU D 145 -24.13 -27.99 -14.14
C LEU D 145 -23.26 -28.96 -14.92
N THR D 146 -22.28 -28.46 -15.70
CA THR D 146 -21.41 -29.34 -16.46
C THR D 146 -20.13 -29.70 -15.72
N GLN D 147 -19.69 -28.90 -14.76
CA GLN D 147 -18.42 -29.12 -14.08
C GLN D 147 -18.58 -29.29 -12.58
N SER D 148 -19.15 -28.30 -11.88
CA SER D 148 -19.20 -28.37 -10.42
C SER D 148 -20.09 -29.50 -9.93
N LEU D 149 -21.15 -29.83 -10.67
CA LEU D 149 -22.09 -30.88 -10.28
C LEU D 149 -21.91 -32.14 -11.11
N ALA D 150 -20.79 -32.27 -11.81
CA ALA D 150 -20.56 -33.46 -12.63
C ALA D 150 -20.39 -34.72 -11.79
N GLY D 151 -20.00 -34.58 -10.52
CA GLY D 151 -19.84 -35.73 -9.66
C GLY D 151 -21.05 -35.97 -8.79
N ASP D 152 -22.23 -35.56 -9.27
CA ASP D 152 -23.45 -35.66 -8.50
C ASP D 152 -24.60 -36.01 -9.43
N THR D 153 -25.73 -36.42 -8.83
CA THR D 153 -26.93 -36.78 -9.57
C THR D 153 -27.93 -35.64 -9.42
N VAL D 154 -27.93 -34.74 -10.40
CA VAL D 154 -28.90 -33.64 -10.39
C VAL D 154 -30.29 -34.21 -10.69
N THR D 155 -31.29 -33.75 -9.93
CA THR D 155 -32.64 -34.28 -10.01
C THR D 155 -33.68 -33.24 -10.40
N ARG D 156 -33.41 -31.95 -10.22
CA ARG D 156 -34.39 -30.93 -10.56
C ARG D 156 -33.63 -29.62 -10.84
N VAL D 157 -34.01 -28.94 -11.91
CA VAL D 157 -33.52 -27.61 -12.24
C VAL D 157 -34.74 -26.77 -12.60
N ALA D 158 -35.02 -25.76 -11.78
CA ALA D 158 -36.21 -24.94 -11.99
C ALA D 158 -35.92 -23.51 -11.56
N GLY D 159 -36.64 -22.58 -12.17
CA GLY D 159 -36.56 -21.19 -11.74
C GLY D 159 -37.09 -20.25 -12.80
N ILE D 160 -36.75 -18.97 -12.59
CA ILE D 160 -37.13 -17.88 -13.49
C ILE D 160 -35.94 -17.63 -14.40
N VAL D 161 -36.17 -17.74 -15.72
CA VAL D 161 -35.08 -17.72 -16.68
C VAL D 161 -35.38 -16.75 -17.80
N ASN D 162 -36.40 -15.90 -17.61
CA ASN D 162 -36.73 -14.86 -18.58
C ASN D 162 -37.00 -13.58 -17.81
N GLY D 163 -36.10 -12.60 -17.96
CA GLY D 163 -36.27 -11.36 -17.23
C GLY D 163 -37.51 -10.60 -17.63
N THR D 164 -37.79 -10.52 -18.93
CA THR D 164 -38.89 -9.69 -19.41
C THR D 164 -40.21 -10.11 -18.78
N THR D 165 -40.61 -11.37 -18.98
CA THR D 165 -41.86 -11.84 -18.40
C THR D 165 -41.88 -11.67 -16.90
N ASN D 166 -40.72 -11.77 -16.24
CA ASN D 166 -40.68 -11.61 -14.80
C ASN D 166 -40.88 -10.15 -14.40
N TYR D 167 -40.40 -9.21 -15.20
CA TYR D 167 -40.64 -7.80 -14.91
C TYR D 167 -42.12 -7.47 -15.04
N ILE D 168 -42.77 -7.98 -16.08
CA ILE D 168 -44.19 -7.72 -16.28
C ILE D 168 -45.00 -8.30 -15.12
N LEU D 169 -44.78 -9.58 -14.80
CA LEU D 169 -45.54 -10.21 -13.73
C LEU D 169 -45.33 -9.51 -12.40
N SER D 170 -44.07 -9.14 -12.09
CA SER D 170 -43.81 -8.42 -10.85
C SER D 170 -44.53 -7.09 -10.82
N ALA D 171 -44.62 -6.42 -11.98
CA ALA D 171 -45.32 -5.15 -12.05
C ALA D 171 -46.81 -5.33 -11.82
N MET D 172 -47.40 -6.37 -12.39
CA MET D 172 -48.81 -6.65 -12.18
C MET D 172 -49.09 -6.95 -10.71
N ASP D 173 -48.16 -7.64 -10.05
CA ASP D 173 -48.35 -8.00 -8.64
C ASP D 173 -48.24 -6.78 -7.73
N SER D 174 -47.37 -5.83 -8.07
CA SER D 174 -47.11 -4.69 -7.20
C SER D 174 -48.19 -3.63 -7.34
N THR D 175 -48.57 -3.32 -8.59
CA THR D 175 -49.46 -2.20 -8.88
C THR D 175 -50.87 -2.63 -9.25
N GLY D 176 -51.12 -3.93 -9.42
CA GLY D 176 -52.41 -4.38 -9.87
C GLY D 176 -52.72 -4.07 -11.32
N ALA D 177 -51.73 -3.60 -12.07
CA ALA D 177 -51.96 -3.25 -13.46
C ALA D 177 -52.47 -4.45 -14.25
N ASP D 178 -53.16 -4.16 -15.34
CA ASP D 178 -53.56 -5.20 -16.27
C ASP D 178 -52.35 -5.68 -17.07
N TYR D 179 -52.55 -6.76 -17.82
CA TYR D 179 -51.45 -7.28 -18.63
C TYR D 179 -51.03 -6.29 -19.71
N GLY D 180 -52.01 -5.67 -20.38
CA GLY D 180 -51.70 -4.79 -21.48
C GLY D 180 -50.96 -3.53 -21.06
N ASP D 181 -51.38 -2.94 -19.93
CA ASP D 181 -50.72 -1.73 -19.43
C ASP D 181 -49.31 -2.05 -18.93
N ALA D 182 -49.14 -3.20 -18.27
CA ALA D 182 -47.83 -3.59 -17.77
C ALA D 182 -46.86 -3.87 -18.91
N LEU D 183 -47.33 -4.55 -19.96
CA LEU D 183 -46.49 -4.77 -21.13
C LEU D 183 -46.12 -3.46 -21.79
N ALA D 184 -47.03 -2.49 -21.79
CA ALA D 184 -46.73 -1.17 -22.34
C ALA D 184 -45.64 -0.49 -21.54
N GLU D 185 -45.75 -0.49 -20.21
CA GLU D 185 -44.68 0.05 -19.37
C GLU D 185 -43.36 -0.64 -19.69
N ALA D 186 -43.36 -1.97 -19.75
CA ALA D 186 -42.14 -2.70 -20.05
C ALA D 186 -41.52 -2.23 -21.35
N SER D 187 -42.32 -2.18 -22.42
CA SER D 187 -41.82 -1.74 -23.71
C SER D 187 -41.25 -0.32 -23.62
N ALA D 188 -41.93 0.56 -22.87
CA ALA D 188 -41.47 1.94 -22.75
C ALA D 188 -40.10 2.01 -22.10
N LEU D 189 -39.92 1.30 -20.98
CA LEU D 189 -38.67 1.37 -20.23
C LEU D 189 -37.58 0.48 -20.81
N GLY D 190 -37.85 -0.23 -21.90
CA GLY D 190 -36.83 -0.99 -22.59
C GLY D 190 -36.67 -2.43 -22.15
N TYR D 191 -37.53 -2.94 -21.27
CA TYR D 191 -37.42 -4.32 -20.83
C TYR D 191 -38.06 -5.29 -21.81
N ALA D 192 -39.07 -4.85 -22.55
CA ALA D 192 -39.73 -5.68 -23.57
C ALA D 192 -39.53 -5.04 -24.94
N GLU D 193 -39.38 -5.89 -25.96
CA GLU D 193 -39.09 -5.42 -27.29
C GLU D 193 -40.38 -5.16 -28.07
N ALA D 194 -40.22 -4.60 -29.27
CA ALA D 194 -41.37 -4.26 -30.09
C ALA D 194 -42.24 -5.48 -30.35
N ASP D 195 -41.61 -6.60 -30.73
CA ASP D 195 -42.31 -7.86 -30.91
C ASP D 195 -41.92 -8.79 -29.76
N PRO D 196 -42.53 -8.64 -28.58
CA PRO D 196 -42.12 -9.42 -27.42
C PRO D 196 -42.64 -10.85 -27.39
N THR D 197 -43.21 -11.35 -28.50
CA THR D 197 -43.77 -12.69 -28.51
C THR D 197 -42.79 -13.71 -27.97
N ALA D 198 -41.51 -13.61 -28.35
CA ALA D 198 -40.52 -14.56 -27.89
C ALA D 198 -40.49 -14.64 -26.37
N ASP D 199 -40.75 -13.53 -25.68
CA ASP D 199 -40.76 -13.51 -24.22
C ASP D 199 -42.13 -13.87 -23.68
N VAL D 200 -43.16 -13.07 -23.99
CA VAL D 200 -44.47 -13.23 -23.38
C VAL D 200 -45.19 -14.50 -23.79
N GLU D 201 -44.70 -15.23 -24.78
CA GLU D 201 -45.29 -16.51 -25.15
C GLU D 201 -44.40 -17.69 -24.83
N GLY D 202 -43.26 -17.46 -24.18
CA GLY D 202 -42.50 -18.53 -23.57
C GLY D 202 -41.50 -19.24 -24.45
N TYR D 203 -41.24 -18.73 -25.67
CA TYR D 203 -40.23 -19.38 -26.51
C TYR D 203 -38.84 -19.24 -25.92
N ASP D 204 -38.53 -18.06 -25.38
CA ASP D 204 -37.24 -17.86 -24.72
C ASP D 204 -37.05 -18.85 -23.59
N ALA D 205 -38.01 -18.94 -22.67
CA ALA D 205 -37.88 -19.84 -21.54
C ALA D 205 -37.82 -21.29 -21.99
N ALA D 206 -38.66 -21.67 -22.95
CA ALA D 206 -38.69 -23.05 -23.40
C ALA D 206 -37.33 -23.47 -23.94
N ALA D 207 -36.68 -22.59 -24.71
CA ALA D 207 -35.35 -22.90 -25.24
C ALA D 207 -34.36 -23.09 -24.11
N LYS D 208 -34.34 -22.16 -23.15
CA LYS D 208 -33.43 -22.27 -22.02
C LYS D 208 -33.72 -23.52 -21.21
N ALA D 209 -34.98 -23.94 -21.13
CA ALA D 209 -35.33 -25.12 -20.36
C ALA D 209 -34.84 -26.39 -21.05
N ALA D 210 -34.93 -26.45 -22.37
CA ALA D 210 -34.34 -27.57 -23.10
C ALA D 210 -32.85 -27.69 -22.81
N ILE D 211 -32.14 -26.56 -22.86
CA ILE D 211 -30.70 -26.58 -22.64
C ILE D 211 -30.39 -27.04 -21.21
N LEU D 212 -31.04 -26.41 -20.22
CA LEU D 212 -30.76 -26.77 -18.83
C LEU D 212 -31.03 -28.24 -18.57
N ALA D 213 -32.16 -28.75 -19.08
CA ALA D 213 -32.50 -30.15 -18.85
C ALA D 213 -31.45 -31.07 -19.47
N SER D 214 -31.03 -30.79 -20.70
CA SER D 214 -30.06 -31.67 -21.36
C SER D 214 -28.73 -31.66 -20.63
N ILE D 215 -28.37 -30.53 -20.02
CA ILE D 215 -27.08 -30.42 -19.35
C ILE D 215 -27.15 -31.02 -17.94
N ALA D 216 -28.31 -30.99 -17.30
CA ALA D 216 -28.42 -31.46 -15.93
C ALA D 216 -28.61 -32.97 -15.87
N PHE D 217 -29.35 -33.54 -16.81
CA PHE D 217 -29.67 -34.95 -16.81
C PHE D 217 -28.88 -35.73 -17.85
N HIS D 218 -27.90 -35.10 -18.49
CA HIS D 218 -26.99 -35.80 -19.41
C HIS D 218 -27.75 -36.56 -20.48
N THR D 219 -28.81 -35.93 -21.01
CA THR D 219 -29.59 -36.51 -22.09
C THR D 219 -29.89 -35.43 -23.12
N ARG D 220 -30.23 -35.85 -24.32
CA ARG D 220 -30.51 -34.91 -25.39
C ARG D 220 -31.97 -34.46 -25.30
N VAL D 221 -32.17 -33.15 -25.11
CA VAL D 221 -33.50 -32.55 -25.02
C VAL D 221 -33.54 -31.34 -25.95
N THR D 222 -34.55 -31.28 -26.80
CA THR D 222 -34.73 -30.22 -27.77
C THR D 222 -35.90 -29.33 -27.35
N ALA D 223 -35.93 -28.11 -27.90
CA ALA D 223 -37.06 -27.22 -27.67
C ALA D 223 -38.38 -27.88 -28.05
N ASP D 224 -38.37 -28.74 -29.07
CA ASP D 224 -39.58 -29.44 -29.48
C ASP D 224 -40.12 -30.36 -28.39
N ASP D 225 -39.33 -30.65 -27.36
CA ASP D 225 -39.73 -31.55 -26.29
C ASP D 225 -40.26 -30.81 -25.06
N VAL D 226 -40.34 -29.48 -25.11
CA VAL D 226 -40.70 -28.67 -23.96
C VAL D 226 -42.11 -28.13 -24.16
N TYR D 227 -43.00 -28.43 -23.22
CA TYR D 227 -44.31 -27.81 -23.22
C TYR D 227 -44.16 -26.33 -22.92
N ARG D 228 -44.80 -25.49 -23.72
CA ARG D 228 -44.63 -24.05 -23.65
C ARG D 228 -45.97 -23.37 -23.42
N GLU D 229 -46.01 -22.45 -22.45
CA GLU D 229 -47.18 -21.63 -22.22
C GLU D 229 -46.72 -20.28 -21.70
N GLY D 230 -47.30 -19.21 -22.24
CA GLY D 230 -46.90 -17.86 -21.91
C GLY D 230 -47.81 -17.21 -20.88
N ILE D 231 -47.56 -15.92 -20.67
CA ILE D 231 -48.25 -15.14 -19.64
C ILE D 231 -49.37 -14.28 -20.21
N THR D 232 -49.67 -14.43 -21.50
CA THR D 232 -50.60 -13.52 -22.15
C THR D 232 -52.01 -13.63 -21.57
N LYS D 233 -52.41 -14.81 -21.14
CA LYS D 233 -53.73 -15.00 -20.55
C LYS D 233 -53.78 -14.64 -19.08
N VAL D 234 -52.70 -14.11 -18.52
CA VAL D 234 -52.68 -13.73 -17.11
C VAL D 234 -53.32 -12.37 -16.95
N THR D 235 -54.17 -12.24 -15.94
CA THR D 235 -54.94 -11.03 -15.73
C THR D 235 -54.72 -10.51 -14.32
N ALA D 236 -55.22 -9.31 -14.07
CA ALA D 236 -55.14 -8.74 -12.72
C ALA D 236 -56.04 -9.49 -11.75
N ALA D 237 -57.15 -10.06 -12.24
CA ALA D 237 -58.00 -10.87 -11.38
C ALA D 237 -57.30 -12.15 -10.95
N ASP D 238 -56.42 -12.68 -11.81
CA ASP D 238 -55.60 -13.82 -11.41
C ASP D 238 -54.72 -13.46 -10.22
N PHE D 239 -54.02 -12.33 -10.30
CA PHE D 239 -53.15 -11.92 -9.19
C PHE D 239 -53.95 -11.66 -7.93
N ALA D 240 -55.14 -11.07 -8.06
CA ALA D 240 -56.00 -10.89 -6.89
C ALA D 240 -56.32 -12.24 -6.25
N SER D 241 -56.78 -13.21 -7.06
CA SER D 241 -57.11 -14.52 -6.53
C SER D 241 -55.88 -15.19 -5.91
N ALA D 242 -54.72 -15.06 -6.55
CA ALA D 242 -53.51 -15.69 -6.02
C ALA D 242 -53.14 -15.07 -4.67
N ARG D 243 -53.12 -13.73 -4.61
CA ARG D 243 -52.85 -13.04 -3.35
C ARG D 243 -53.76 -13.57 -2.25
N ALA D 244 -55.06 -13.72 -2.54
CA ALA D 244 -55.99 -14.23 -1.54
C ALA D 244 -55.64 -15.65 -1.09
N LEU D 245 -55.00 -16.42 -1.96
CA LEU D 245 -54.57 -17.77 -1.63
C LEU D 245 -53.12 -17.82 -1.17
N GLY D 246 -52.51 -16.67 -0.89
CA GLY D 246 -51.14 -16.65 -0.41
C GLY D 246 -50.11 -16.98 -1.46
N CYS D 247 -50.35 -16.62 -2.71
CA CYS D 247 -49.43 -16.91 -3.80
C CYS D 247 -49.20 -15.66 -4.63
N THR D 248 -48.15 -15.70 -5.43
CA THR D 248 -47.96 -14.80 -6.56
C THR D 248 -48.01 -15.63 -7.84
N ILE D 249 -47.67 -15.01 -8.96
CA ILE D 249 -47.61 -15.71 -10.25
C ILE D 249 -46.23 -15.48 -10.85
N LYS D 250 -45.64 -16.53 -11.42
CA LYS D 250 -44.34 -16.46 -12.06
C LYS D 250 -44.32 -17.38 -13.27
N LEU D 251 -43.62 -16.94 -14.32
CA LEU D 251 -43.36 -17.80 -15.47
C LEU D 251 -42.19 -18.71 -15.09
N LEU D 252 -42.49 -19.99 -14.88
CA LEU D 252 -41.52 -20.95 -14.40
C LEU D 252 -41.02 -21.82 -15.54
N ALA D 253 -39.75 -22.21 -15.46
CA ALA D 253 -39.20 -23.31 -16.23
C ALA D 253 -38.83 -24.42 -15.25
N ILE D 254 -39.26 -25.64 -15.56
CA ILE D 254 -39.07 -26.77 -14.67
C ILE D 254 -38.50 -27.93 -15.45
N CYS D 255 -37.44 -28.54 -14.93
CA CYS D 255 -36.80 -29.71 -15.52
C CYS D 255 -36.60 -30.73 -14.42
N GLU D 256 -37.18 -31.92 -14.59
CA GLU D 256 -37.20 -32.93 -13.54
C GLU D 256 -36.67 -34.25 -14.07
N ARG D 257 -35.94 -34.97 -13.21
CA ARG D 257 -35.53 -36.35 -13.47
C ARG D 257 -36.56 -37.24 -12.79
N LEU D 258 -37.52 -37.74 -13.56
CA LEU D 258 -38.59 -38.57 -13.03
C LEU D 258 -38.14 -40.02 -12.98
N THR D 259 -38.73 -40.77 -12.04
CA THR D 259 -38.47 -42.19 -11.88
C THR D 259 -39.80 -42.92 -11.71
N SER D 260 -40.01 -43.96 -12.51
CA SER D 260 -41.25 -44.71 -12.49
C SER D 260 -41.25 -45.72 -11.35
N ASP D 261 -42.42 -46.33 -11.14
CA ASP D 261 -42.55 -47.34 -10.08
C ASP D 261 -41.54 -48.47 -10.28
N ASP D 262 -41.34 -48.91 -11.52
CA ASP D 262 -40.41 -50.00 -11.81
C ASP D 262 -38.95 -49.55 -11.85
N GLY D 263 -38.67 -48.27 -11.59
CA GLY D 263 -37.30 -47.80 -11.48
C GLY D 263 -36.69 -47.21 -12.72
N HIS D 264 -37.46 -47.04 -13.79
CA HIS D 264 -36.94 -46.47 -15.01
C HIS D 264 -36.91 -44.95 -14.93
N GLN D 265 -35.85 -44.35 -15.45
CA GLN D 265 -35.69 -42.90 -15.42
C GLN D 265 -36.23 -42.26 -16.70
N SER D 266 -36.75 -41.04 -16.55
CA SER D 266 -37.19 -40.24 -17.68
C SER D 266 -36.96 -38.77 -17.34
N VAL D 267 -37.18 -37.90 -18.32
CA VAL D 267 -36.93 -36.48 -18.18
C VAL D 267 -38.17 -35.71 -18.58
N SER D 268 -38.46 -34.62 -17.85
CA SER D 268 -39.52 -33.70 -18.19
C SER D 268 -38.95 -32.28 -18.25
N ALA D 269 -39.38 -31.53 -19.25
CA ALA D 269 -38.97 -30.14 -19.41
C ALA D 269 -40.17 -29.35 -19.87
N ARG D 270 -40.51 -28.29 -19.14
CA ARG D 270 -41.75 -27.56 -19.38
C ARG D 270 -41.60 -26.14 -18.86
N VAL D 271 -42.37 -25.25 -19.48
CA VAL D 271 -42.42 -23.85 -19.06
C VAL D 271 -43.89 -23.42 -19.12
N TYR D 272 -44.34 -22.73 -18.09
CA TYR D 272 -45.69 -22.21 -18.08
C TYR D 272 -45.86 -21.25 -16.90
N PRO D 273 -46.91 -20.44 -16.92
CA PRO D 273 -47.25 -19.67 -15.72
C PRO D 273 -47.63 -20.60 -14.58
N ALA D 274 -47.35 -20.16 -13.35
CA ALA D 274 -47.64 -20.97 -12.19
C ALA D 274 -47.88 -20.07 -10.98
N LEU D 275 -48.87 -20.43 -10.17
CA LEU D 275 -48.99 -19.84 -8.85
C LEU D 275 -47.86 -20.37 -7.97
N VAL D 276 -47.20 -19.47 -7.26
CA VAL D 276 -46.13 -19.85 -6.34
C VAL D 276 -46.42 -19.26 -4.96
N PRO D 277 -46.30 -20.03 -3.89
CA PRO D 277 -46.54 -19.46 -2.56
C PRO D 277 -45.56 -18.33 -2.26
N LEU D 278 -46.05 -17.30 -1.58
CA LEU D 278 -45.22 -16.13 -1.29
C LEU D 278 -43.98 -16.51 -0.48
N THR D 279 -44.05 -17.60 0.27
CA THR D 279 -42.93 -18.05 1.08
C THR D 279 -41.81 -18.68 0.26
N HIS D 280 -42.06 -19.02 -0.99
CA HIS D 280 -41.06 -19.69 -1.81
C HIS D 280 -39.97 -18.69 -2.22
N PRO D 281 -38.72 -19.12 -2.32
CA PRO D 281 -37.64 -18.19 -2.68
C PRO D 281 -37.86 -17.49 -4.01
N LEU D 282 -38.37 -18.21 -5.02
CA LEU D 282 -38.64 -17.58 -6.32
C LEU D 282 -39.67 -16.47 -6.22
N ALA D 283 -40.55 -16.50 -5.20
CA ALA D 283 -41.56 -15.46 -5.04
C ALA D 283 -40.93 -14.11 -4.73
N ALA D 284 -39.70 -14.09 -4.24
CA ALA D 284 -38.99 -12.85 -3.96
C ALA D 284 -38.21 -12.33 -5.15
N VAL D 285 -38.11 -13.11 -6.22
CA VAL D 285 -37.35 -12.71 -7.40
C VAL D 285 -38.25 -11.80 -8.23
N ASN D 286 -37.90 -10.52 -8.29
CA ASN D 286 -38.74 -9.52 -8.93
C ASN D 286 -37.94 -8.73 -9.96
N GLY D 287 -38.66 -7.93 -10.74
CA GLY D 287 -38.04 -7.18 -11.80
C GLY D 287 -37.53 -8.09 -12.90
N ALA D 288 -36.54 -7.58 -13.63
CA ALA D 288 -35.95 -8.31 -14.74
C ALA D 288 -34.84 -9.25 -14.31
N PHE D 289 -34.80 -9.65 -13.04
CA PHE D 289 -33.81 -10.57 -12.57
C PHE D 289 -34.29 -12.01 -12.72
N ASN D 290 -33.34 -12.94 -12.71
CA ASN D 290 -33.61 -14.36 -12.85
C ASN D 290 -33.06 -15.11 -11.64
N ALA D 291 -33.53 -16.34 -11.47
CA ALA D 291 -33.05 -17.19 -10.40
C ALA D 291 -33.29 -18.64 -10.78
N VAL D 292 -32.29 -19.48 -10.58
CA VAL D 292 -32.33 -20.89 -10.95
C VAL D 292 -32.10 -21.71 -9.68
N VAL D 293 -33.00 -22.66 -9.43
CA VAL D 293 -32.89 -23.58 -8.31
C VAL D 293 -32.44 -24.92 -8.84
N VAL D 294 -31.45 -25.52 -8.19
CA VAL D 294 -30.90 -26.81 -8.59
C VAL D 294 -30.98 -27.76 -7.41
N GLU D 295 -31.63 -28.90 -7.62
CA GLU D 295 -31.71 -29.96 -6.62
C GLU D 295 -30.76 -31.08 -7.03
N ALA D 296 -29.93 -31.52 -6.10
CA ALA D 296 -29.03 -32.65 -6.32
C ALA D 296 -29.10 -33.58 -5.11
N GLU D 297 -28.55 -34.78 -5.26
CA GLU D 297 -28.63 -35.74 -4.18
C GLU D 297 -27.63 -35.41 -3.07
N ALA D 298 -26.34 -35.28 -3.42
CA ALA D 298 -25.34 -34.99 -2.41
C ALA D 298 -25.29 -33.52 -2.04
N ALA D 299 -25.72 -32.62 -2.94
CA ALA D 299 -25.58 -31.19 -2.69
C ALA D 299 -26.77 -30.61 -1.93
N GLY D 300 -27.98 -31.03 -2.27
CA GLY D 300 -29.17 -30.46 -1.67
C GLY D 300 -29.78 -29.42 -2.59
N ARG D 301 -30.30 -28.34 -2.02
CA ARG D 301 -30.81 -27.25 -2.83
C ARG D 301 -29.71 -26.21 -3.03
N LEU D 302 -29.62 -25.71 -4.25
CA LEU D 302 -28.78 -24.57 -4.59
C LEU D 302 -29.62 -23.55 -5.32
N MET D 303 -29.26 -22.28 -5.18
CA MET D 303 -29.95 -21.22 -5.91
C MET D 303 -28.93 -20.25 -6.47
N PHE D 304 -29.09 -19.90 -7.75
CA PHE D 304 -28.25 -18.95 -8.45
C PHE D 304 -29.10 -17.78 -8.90
N TYR D 305 -28.70 -16.56 -8.53
CA TYR D 305 -29.49 -15.36 -8.78
C TYR D 305 -28.64 -14.32 -9.49
N GLY D 306 -29.30 -13.50 -10.31
CA GLY D 306 -28.60 -12.44 -11.00
C GLY D 306 -29.48 -11.85 -12.09
N GLN D 307 -28.83 -11.16 -13.03
CA GLN D 307 -29.53 -10.51 -14.12
C GLN D 307 -29.68 -11.47 -15.29
N GLY D 308 -30.92 -11.56 -15.80
CA GLY D 308 -31.19 -12.31 -17.01
C GLY D 308 -31.26 -11.37 -18.19
N ALA D 309 -30.41 -11.62 -19.18
CA ALA D 309 -30.38 -10.83 -20.41
C ALA D 309 -29.81 -9.44 -20.17
N GLY D 310 -29.43 -8.77 -21.26
CA GLY D 310 -28.73 -7.50 -21.20
C GLY D 310 -27.38 -7.63 -21.86
N GLY D 311 -26.96 -6.59 -22.58
CA GLY D 311 -25.69 -6.67 -23.29
C GLY D 311 -24.51 -6.83 -22.35
N ALA D 312 -24.49 -6.06 -21.25
CA ALA D 312 -23.35 -6.12 -20.34
C ALA D 312 -23.27 -7.47 -19.63
N PRO D 313 -24.32 -7.96 -18.96
CA PRO D 313 -24.19 -9.25 -18.28
C PRO D 313 -23.93 -10.41 -19.22
N THR D 314 -24.62 -10.47 -20.36
CA THR D 314 -24.35 -11.55 -21.32
C THR D 314 -22.92 -11.47 -21.83
N ALA D 315 -22.38 -10.27 -22.00
CA ALA D 315 -21.00 -10.12 -22.46
C ALA D 315 -20.02 -10.65 -21.43
N SER D 316 -20.32 -10.47 -20.14
CA SER D 316 -19.48 -11.03 -19.10
C SER D 316 -19.37 -12.55 -19.24
N ALA D 317 -20.49 -13.22 -19.47
CA ALA D 317 -20.47 -14.66 -19.65
C ALA D 317 -19.71 -15.05 -20.92
N VAL D 318 -19.93 -14.30 -22.01
CA VAL D 318 -19.20 -14.56 -23.25
C VAL D 318 -17.70 -14.44 -23.01
N MET D 319 -17.28 -13.42 -22.26
CA MET D 319 -15.86 -13.21 -22.05
C MET D 319 -15.26 -14.24 -21.12
N GLY D 320 -16.04 -14.72 -20.15
CA GLY D 320 -15.59 -15.83 -19.33
C GLY D 320 -15.26 -17.05 -20.17
N ASP D 321 -16.15 -17.39 -21.10
CA ASP D 321 -15.87 -18.49 -22.02
C ASP D 321 -14.67 -18.18 -22.91
N VAL D 322 -14.56 -16.94 -23.39
CA VAL D 322 -13.45 -16.58 -24.28
C VAL D 322 -12.12 -16.76 -23.57
N VAL D 323 -12.02 -16.31 -22.32
CA VAL D 323 -10.77 -16.45 -21.58
C VAL D 323 -10.44 -17.92 -21.35
N MET D 324 -11.47 -18.74 -21.08
CA MET D 324 -11.24 -20.16 -20.87
C MET D 324 -10.76 -20.84 -22.14
N ALA D 325 -11.42 -20.54 -23.28
CA ALA D 325 -11.00 -21.13 -24.54
C ALA D 325 -9.60 -20.68 -24.93
N ALA D 326 -9.25 -19.42 -24.64
CA ALA D 326 -7.90 -18.94 -24.94
C ALA D 326 -6.87 -19.59 -24.03
N ARG D 327 -7.19 -19.75 -22.74
CA ARG D 327 -6.30 -20.47 -21.85
C ARG D 327 -6.02 -21.87 -22.38
N ASN D 328 -7.08 -22.63 -22.69
CA ASN D 328 -6.89 -23.99 -23.18
C ASN D 328 -5.96 -24.02 -24.40
N ARG D 329 -6.19 -23.11 -25.35
CA ARG D 329 -5.36 -23.11 -26.55
C ARG D 329 -3.91 -22.79 -26.23
N VAL D 330 -3.65 -22.02 -25.17
CA VAL D 330 -2.29 -21.79 -24.74
C VAL D 330 -1.70 -23.05 -24.10
N GLN D 331 -2.46 -23.67 -23.20
CA GLN D 331 -2.03 -24.89 -22.52
C GLN D 331 -2.39 -26.16 -23.28
N GLY D 332 -2.87 -26.03 -24.53
CA GLY D 332 -3.25 -27.19 -25.31
C GLY D 332 -4.20 -28.13 -24.59
N GLY D 333 -5.22 -27.57 -23.94
CA GLY D 333 -6.25 -28.34 -23.30
C GLY D 333 -7.51 -28.44 -24.14
N ARG D 334 -8.62 -28.73 -23.46
CA ARG D 334 -9.90 -28.91 -24.12
C ARG D 334 -11.01 -28.74 -23.09
N GLY D 335 -12.19 -28.36 -23.59
CA GLY D 335 -13.36 -28.25 -22.74
C GLY D 335 -13.99 -29.58 -22.47
N PRO D 336 -15.00 -29.60 -21.62
CA PRO D 336 -15.67 -30.87 -21.31
C PRO D 336 -16.35 -31.43 -22.55
N ARG D 337 -16.22 -32.73 -22.75
CA ARG D 337 -16.90 -33.37 -23.86
C ARG D 337 -18.41 -33.34 -23.63
N GLU D 338 -19.16 -33.01 -24.68
CA GLU D 338 -20.60 -33.22 -24.65
C GLU D 338 -20.87 -34.59 -24.04
N SER D 339 -21.41 -34.62 -22.82
CA SER D 339 -21.59 -35.85 -22.07
C SER D 339 -23.10 -36.10 -21.96
N LYS D 340 -23.67 -36.69 -23.02
CA LYS D 340 -25.11 -36.91 -23.13
C LYS D 340 -25.33 -38.39 -23.45
N TYR D 341 -24.96 -39.25 -22.50
CA TYR D 341 -25.02 -40.70 -22.67
C TYR D 341 -26.34 -41.31 -22.18
N ALA D 342 -27.18 -40.53 -21.51
CA ALA D 342 -28.29 -41.11 -20.78
C ALA D 342 -29.38 -41.61 -21.72
N LYS D 343 -29.66 -40.86 -22.79
CA LYS D 343 -30.73 -41.22 -23.72
C LYS D 343 -32.01 -41.59 -22.96
N LEU D 344 -32.34 -40.76 -21.97
CA LEU D 344 -33.56 -40.97 -21.21
C LEU D 344 -34.77 -40.58 -22.06
N PRO D 345 -35.84 -41.37 -22.04
CA PRO D 345 -37.05 -40.97 -22.76
C PRO D 345 -37.62 -39.69 -22.18
N ILE D 346 -38.46 -39.03 -22.97
CA ILE D 346 -39.01 -37.73 -22.63
C ILE D 346 -40.48 -37.88 -22.28
N SER D 347 -40.84 -37.50 -21.06
CA SER D 347 -42.24 -37.58 -20.63
C SER D 347 -43.01 -36.36 -21.14
N PRO D 348 -44.17 -36.55 -21.76
CA PRO D 348 -44.95 -35.41 -22.23
C PRO D 348 -45.65 -34.70 -21.06
N ILE D 349 -46.29 -33.58 -21.39
CA ILE D 349 -46.94 -32.76 -20.37
C ILE D 349 -48.05 -33.53 -19.68
N GLY D 350 -48.84 -34.28 -20.45
CA GLY D 350 -50.01 -34.94 -19.88
C GLY D 350 -49.68 -35.89 -18.74
N ASP D 351 -48.47 -36.46 -18.76
CA ASP D 351 -48.10 -37.47 -17.77
C ASP D 351 -47.52 -36.86 -16.50
N ILE D 352 -47.30 -35.55 -16.46
CA ILE D 352 -46.63 -34.90 -15.34
C ILE D 352 -47.63 -34.57 -14.24
N PRO D 353 -47.32 -34.88 -12.98
CA PRO D 353 -48.19 -34.43 -11.89
C PRO D 353 -47.99 -32.97 -11.56
N THR D 354 -49.10 -32.28 -11.30
CA THR D 354 -49.10 -30.86 -11.00
C THR D 354 -50.42 -30.54 -10.29
N ARG D 355 -50.67 -29.25 -10.04
CA ARG D 355 -51.89 -28.82 -9.38
C ARG D 355 -52.51 -27.66 -10.14
N TYR D 356 -53.84 -27.64 -10.23
CA TYR D 356 -54.56 -26.63 -11.01
C TYR D 356 -55.28 -25.64 -10.08
N TYR D 357 -55.16 -24.35 -10.40
CA TYR D 357 -56.06 -23.31 -9.92
C TYR D 357 -57.09 -23.06 -11.01
N VAL D 358 -58.37 -23.18 -10.67
CA VAL D 358 -59.45 -23.04 -11.63
C VAL D 358 -60.46 -22.02 -11.10
N SER D 359 -60.62 -20.92 -11.84
CA SER D 359 -61.59 -19.88 -11.51
C SER D 359 -62.75 -19.97 -12.49
N MET D 360 -63.97 -20.09 -11.96
CA MET D 360 -65.15 -20.24 -12.78
C MET D 360 -66.23 -19.28 -12.31
N ARG D 361 -67.16 -19.01 -13.22
CA ARG D 361 -68.45 -18.43 -12.88
C ARG D 361 -69.51 -19.50 -13.06
N VAL D 362 -70.35 -19.71 -12.05
CA VAL D 362 -71.28 -20.82 -12.01
C VAL D 362 -72.63 -20.32 -11.53
N ALA D 363 -73.62 -21.20 -11.59
CA ALA D 363 -74.94 -20.89 -11.08
C ALA D 363 -74.89 -20.71 -9.57
N ASP D 364 -75.65 -19.74 -9.06
CA ASP D 364 -75.78 -19.54 -7.62
C ASP D 364 -76.96 -20.38 -7.12
N ARG D 365 -76.72 -21.69 -7.09
CA ARG D 365 -77.67 -22.66 -6.55
C ARG D 365 -76.90 -23.64 -5.68
N PRO D 366 -77.57 -24.25 -4.70
CA PRO D 366 -76.83 -24.95 -3.63
C PRO D 366 -76.20 -26.26 -4.07
N GLY D 367 -76.61 -26.83 -5.21
CA GLY D 367 -76.06 -28.10 -5.64
C GLY D 367 -74.90 -28.03 -6.60
N VAL D 368 -74.39 -26.84 -6.91
CA VAL D 368 -73.39 -26.70 -7.96
C VAL D 368 -72.03 -27.24 -7.49
N LEU D 369 -71.69 -27.01 -6.22
CA LEU D 369 -70.37 -27.43 -5.76
C LEU D 369 -70.24 -28.95 -5.79
N ALA D 370 -71.31 -29.66 -5.49
CA ALA D 370 -71.30 -31.11 -5.62
C ALA D 370 -71.02 -31.53 -7.05
N ALA D 371 -71.69 -30.89 -8.02
CA ALA D 371 -71.48 -31.25 -9.41
C ALA D 371 -70.04 -31.01 -9.84
N VAL D 372 -69.46 -29.88 -9.46
CA VAL D 372 -68.07 -29.61 -9.82
C VAL D 372 -67.14 -30.60 -9.14
N ALA D 373 -67.38 -30.89 -7.86
CA ALA D 373 -66.54 -31.84 -7.14
C ALA D 373 -66.57 -33.21 -7.81
N THR D 374 -67.75 -33.67 -8.23
CA THR D 374 -67.85 -34.97 -8.89
C THR D 374 -67.08 -34.99 -10.20
N GLU D 375 -67.11 -33.88 -10.94
CA GLU D 375 -66.33 -33.81 -12.18
C GLU D 375 -64.85 -33.99 -11.89
N PHE D 376 -64.37 -33.46 -10.77
CA PHE D 376 -62.99 -33.70 -10.36
C PHE D 376 -62.81 -35.12 -9.86
N GLY D 377 -63.72 -35.59 -9.02
CA GLY D 377 -63.55 -36.88 -8.38
C GLY D 377 -63.60 -38.04 -9.36
N ASN D 378 -64.50 -37.97 -10.35
CA ASN D 378 -64.59 -39.04 -11.33
C ASN D 378 -63.29 -39.26 -12.08
N ARG D 379 -62.44 -38.23 -12.14
CA ARG D 379 -61.12 -38.35 -12.76
C ARG D 379 -60.01 -38.50 -11.74
N SER D 380 -60.37 -38.90 -10.51
CA SER D 380 -59.39 -39.21 -9.46
C SER D 380 -58.61 -37.97 -9.03
N VAL D 381 -59.29 -36.82 -8.96
CA VAL D 381 -58.67 -35.55 -8.59
C VAL D 381 -59.29 -35.11 -7.28
N SER D 382 -58.49 -35.10 -6.22
CA SER D 382 -58.92 -34.58 -4.93
C SER D 382 -58.74 -33.07 -4.91
N ILE D 383 -59.69 -32.37 -4.32
CA ILE D 383 -59.64 -30.92 -4.21
C ILE D 383 -59.00 -30.54 -2.89
N ALA D 384 -58.20 -29.48 -2.92
CA ALA D 384 -57.50 -29.00 -1.74
C ALA D 384 -58.15 -27.77 -1.12
N GLU D 385 -58.70 -26.88 -1.93
CA GLU D 385 -59.31 -25.66 -1.41
C GLU D 385 -60.41 -25.20 -2.37
N VAL D 386 -61.46 -24.60 -1.80
CA VAL D 386 -62.58 -24.08 -2.56
C VAL D 386 -62.96 -22.70 -2.02
N ARG D 387 -63.32 -21.80 -2.93
CA ARG D 387 -63.83 -20.48 -2.57
C ARG D 387 -65.04 -20.19 -3.45
N GLN D 388 -66.20 -19.94 -2.85
CA GLN D 388 -67.41 -19.65 -3.60
C GLN D 388 -68.08 -18.40 -3.02
N GLU D 389 -68.47 -17.48 -3.91
CA GLU D 389 -69.10 -16.23 -3.50
C GLU D 389 -69.97 -15.72 -4.64
N GLY D 390 -71.03 -15.00 -4.28
CA GLY D 390 -71.94 -14.47 -5.27
C GLY D 390 -71.44 -13.20 -5.92
N ILE D 391 -72.02 -12.87 -7.07
CA ILE D 391 -71.70 -11.64 -7.79
C ILE D 391 -72.93 -10.72 -7.79
N GLY D 399 -75.35 -15.08 -10.83
CA GLY D 399 -74.37 -16.15 -10.73
C GLY D 399 -73.42 -15.99 -9.56
N ALA D 400 -72.44 -16.89 -9.45
CA ALA D 400 -71.48 -16.87 -8.36
C ALA D 400 -70.10 -17.27 -8.86
N ARG D 401 -69.07 -16.71 -8.23
CA ARG D 401 -67.68 -17.03 -8.55
C ARG D 401 -67.23 -18.24 -7.75
N LEU D 402 -66.66 -19.23 -8.43
CA LEU D 402 -66.17 -20.45 -7.82
C LEU D 402 -64.70 -20.64 -8.16
N VAL D 403 -63.85 -20.64 -7.13
CA VAL D 403 -62.42 -20.90 -7.28
C VAL D 403 -62.11 -22.25 -6.65
N VAL D 404 -61.31 -23.05 -7.35
CA VAL D 404 -60.97 -24.40 -6.92
C VAL D 404 -59.48 -24.60 -7.09
N VAL D 405 -58.83 -25.12 -6.07
CA VAL D 405 -57.43 -25.55 -6.15
C VAL D 405 -57.39 -27.05 -5.89
N THR D 406 -56.70 -27.77 -6.76
CA THR D 406 -56.64 -29.22 -6.67
C THR D 406 -55.42 -29.66 -5.88
N HIS D 407 -55.39 -30.94 -5.54
CA HIS D 407 -54.17 -31.59 -5.10
C HIS D 407 -53.42 -32.10 -6.33
N LYS D 408 -52.28 -32.76 -6.10
CA LYS D 408 -51.46 -33.23 -7.22
C LYS D 408 -52.20 -34.29 -8.03
N ALA D 409 -52.05 -34.20 -9.35
CA ALA D 409 -52.63 -35.15 -10.29
C ALA D 409 -51.97 -34.89 -11.64
N THR D 410 -52.18 -35.82 -12.57
CA THR D 410 -51.59 -35.69 -13.89
C THR D 410 -52.24 -34.55 -14.67
N ASP D 411 -51.43 -33.83 -15.44
CA ASP D 411 -51.95 -32.75 -16.27
C ASP D 411 -53.09 -33.23 -17.15
N ALA D 412 -53.00 -34.46 -17.66
CA ALA D 412 -54.05 -35.00 -18.52
C ALA D 412 -55.38 -35.05 -17.77
N ALA D 413 -55.38 -35.60 -16.56
CA ALA D 413 -56.62 -35.69 -15.79
C ALA D 413 -57.20 -34.32 -15.50
N LEU D 414 -56.34 -33.36 -15.12
CA LEU D 414 -56.82 -32.02 -14.82
C LEU D 414 -57.33 -31.32 -16.08
N SER D 415 -56.61 -31.43 -17.19
CA SER D 415 -57.07 -30.84 -18.44
C SER D 415 -58.43 -31.42 -18.84
N GLU D 416 -58.58 -32.74 -18.72
CA GLU D 416 -59.88 -33.36 -19.02
C GLU D 416 -60.96 -32.79 -18.10
N THR D 417 -60.65 -32.62 -16.82
CA THR D 417 -61.63 -32.10 -15.88
C THR D 417 -62.11 -30.71 -16.28
N VAL D 418 -61.18 -29.86 -16.71
CA VAL D 418 -61.55 -28.50 -17.09
C VAL D 418 -62.41 -28.51 -18.34
N LYS D 419 -62.02 -29.30 -19.35
CA LYS D 419 -62.83 -29.40 -20.56
C LYS D 419 -64.23 -29.89 -20.24
N ALA D 420 -64.37 -30.74 -19.22
CA ALA D 420 -65.70 -31.18 -18.79
C ALA D 420 -66.45 -30.04 -18.12
N LEU D 421 -65.77 -29.30 -17.23
CA LEU D 421 -66.42 -28.21 -16.52
C LEU D 421 -66.96 -27.15 -17.49
N ALA D 422 -66.19 -26.83 -18.53
CA ALA D 422 -66.61 -25.81 -19.47
C ALA D 422 -67.92 -26.19 -20.17
N SER D 423 -68.12 -27.47 -20.43
CA SER D 423 -69.35 -27.95 -21.06
C SER D 423 -70.43 -28.31 -20.05
N LEU D 424 -70.18 -28.12 -18.75
CA LEU D 424 -71.13 -28.47 -17.72
C LEU D 424 -72.22 -27.40 -17.60
N ASP D 425 -73.45 -27.85 -17.30
CA ASP D 425 -74.59 -26.93 -17.29
C ASP D 425 -74.50 -25.96 -16.12
N VAL D 426 -74.11 -26.44 -14.93
CA VAL D 426 -74.01 -25.56 -13.77
C VAL D 426 -72.87 -24.58 -13.90
N VAL D 427 -71.91 -24.85 -14.79
CA VAL D 427 -70.81 -23.94 -15.04
C VAL D 427 -71.24 -22.97 -16.13
N GLN D 428 -71.18 -21.67 -15.83
CA GLN D 428 -71.44 -20.66 -16.85
C GLN D 428 -70.23 -20.45 -17.74
N SER D 429 -69.02 -20.53 -17.16
CA SER D 429 -67.80 -20.35 -17.93
C SER D 429 -66.60 -20.63 -17.06
N VAL D 430 -65.55 -21.16 -17.66
CA VAL D 430 -64.25 -21.29 -17.03
C VAL D 430 -63.43 -20.07 -17.42
N ASP D 431 -63.18 -19.19 -16.45
CA ASP D 431 -62.57 -17.90 -16.73
C ASP D 431 -61.06 -17.92 -16.68
N SER D 432 -60.46 -18.79 -15.86
CA SER D 432 -59.00 -18.85 -15.78
C SER D 432 -58.57 -20.21 -15.26
N VAL D 433 -57.48 -20.71 -15.81
CA VAL D 433 -56.88 -21.97 -15.37
C VAL D 433 -55.37 -21.81 -15.39
N ILE D 434 -54.75 -21.95 -14.22
CA ILE D 434 -53.31 -21.75 -14.05
C ILE D 434 -52.78 -22.86 -13.15
N ARG D 435 -51.60 -23.37 -13.48
CA ARG D 435 -50.98 -24.40 -12.67
C ARG D 435 -50.38 -23.80 -11.41
N MET D 436 -50.11 -24.66 -10.44
CA MET D 436 -49.57 -24.26 -9.14
C MET D 436 -48.37 -25.12 -8.82
N GLU D 437 -47.23 -24.47 -8.55
CA GLU D 437 -45.98 -25.17 -8.26
C GLU D 437 -45.41 -24.66 -6.94
N GLY D 438 -44.43 -25.40 -6.42
CA GLY D 438 -43.88 -25.12 -5.11
C GLY D 438 -44.52 -25.98 -4.04
N THR D 439 -45.13 -25.36 -3.06
CA THR D 439 -45.92 -26.08 -2.06
C THR D 439 -45.05 -27.03 -1.25
#